data_7Q12
#
_entry.id   7Q12
#
_cell.length_a   1.00
_cell.length_b   1.00
_cell.length_c   1.00
_cell.angle_alpha   90.00
_cell.angle_beta   90.00
_cell.angle_gamma   90.00
#
_symmetry.space_group_name_H-M   'P 1'
#
loop_
_entity.id
_entity.type
_entity.pdbx_description
1 polymer 'Glycogen [starch] synthase, muscle'
2 polymer Glycogenin-1
3 non-polymer 6-O-phosphono-alpha-D-glucopyranose
#
loop_
_entity_poly.entity_id
_entity_poly.type
_entity_poly.pdbx_seq_one_letter_code
_entity_poly.pdbx_strand_id
1 'polypeptide(L)'
;MPLNRTLSMSSLPGLEDWEDEFDLENAVLFEVAWEVANKVGGIYTVLQTKAKVTGDEWGDNYFLVGPYTEQGVRTQVELL
EAPTPALKRTLDSMNSKGCKVYFGRWLIEGGPLVVLLDVGASAWALERWKGELWDTCNIGVPWYDREANDAVLFGFLTTW
FLGEFLAQSEEKPHVVAHFHEWLAGVGLCLCRARRLPVATIFTTHATLLGRYLCAGAVDFYNNLENFNVDKEAGERQIYH
RYCMERAAAHCAHVFTTVSQITAIEAQHLLKRKPDIVTPNGLNVKKFSAMHEFQNLHAQSKARIQEFVRGHFYGHLDFNL
DKTLYFFIAGRYEFSNKGADVFLEALARLNYLLRVNGSEQTVVAFFIMPARTNNFNVETLKGQAVRKQLWDTANTVKEKF
GRKLYESLLVGSLPDMNKMLDKEDFTMMKRAIFATQRQSFPPVCTHNMLDDSSDPILTTIRRIGLFNSSADRVKVIFHPE
FLSSTSPLLPVDYEEFVRGCHLGVFPSYYEPWGYTPAECTVMGIPSISTNLSGFGCFMEEHIADPSAYGIYILDRRFRSL
DDSCSQLTSFLYSFCQQSRRQRIIQRNRTERLSDLLDWKYLGRYYMSARHMALSKAFPEHFTYEPNEADAAQGYRYPRPA
SVPPSPSLSRHSSPHQSEDEEDPRNGPLEEDGERYDEDEEAAKDRRNIRAPEWPRRASCTSSTSGSKRNSVDTATSSSLS
TPSEPLSPTSSLGEERN
;
A,B,C,D
2 'polypeptide(L)'
;MTDQAFVTLTTNDAYAKGALVLGSSLKQHRTTRRLVVLATPQVSDSMRKVLETVFDEVIMVDVLDSGDSAHLTLMKRPEL
GVTLTKLHCWSLTQYSKCVFMDADTLVLANIDDLFDREELSAAPDPGWPDCFNSGVFVYQPSVETYNQLLHLASEQGSFD
GGDQGILNTFFSSWATTDIRKHLPFIYNLSSISIYSYLPAFKVFGASAKVVHFLGRVKPWNYTYDPKTKSVKSEAHDPNM
THPEFLILWWNIFTTNVLPLLQQFGLVKDTCSYVNVLSDLVYTLAFSCGFCRKEDVSGAISHLSLGEIPAMAQPFVSSEE
RKERWEQGQADYMGADSFDNIKRKLDTYLQ
;
E,F,G,H
#
loop_
_chem_comp.id
_chem_comp.type
_chem_comp.name
_chem_comp.formula
G6P D-saccharide, alpha linking 6-O-phosphono-alpha-D-glucopyranose 'C6 H13 O9 P'
#
# COMPACT_ATOMS: atom_id res chain seq x y z
N LEU A 29 24.71 51.97 13.69
CA LEU A 29 24.40 51.34 14.96
C LEU A 29 25.28 50.11 15.18
N PHE A 30 25.63 49.85 16.43
CA PHE A 30 26.52 48.76 16.80
C PHE A 30 25.82 47.85 17.79
N GLU A 31 25.72 46.56 17.46
CA GLU A 31 25.17 45.55 18.34
C GLU A 31 26.32 44.75 18.92
N VAL A 32 26.41 44.71 20.25
CA VAL A 32 27.49 44.04 20.94
C VAL A 32 26.91 42.91 21.76
N ALA A 33 27.35 41.68 21.47
CA ALA A 33 26.85 40.50 22.15
C ALA A 33 27.89 39.40 22.08
N TRP A 34 27.90 38.55 23.10
CA TRP A 34 28.83 37.43 23.16
C TRP A 34 28.29 36.18 22.46
N GLU A 35 27.02 36.17 22.09
CA GLU A 35 26.37 34.99 21.51
C GLU A 35 26.24 35.09 20.00
N VAL A 36 27.24 35.68 19.34
CA VAL A 36 27.21 35.78 17.88
C VAL A 36 27.82 34.54 17.22
N ALA A 37 28.79 33.90 17.86
CA ALA A 37 29.43 32.72 17.30
C ALA A 37 29.05 31.42 17.98
N ASN A 38 28.53 31.47 19.20
CA ASN A 38 28.15 30.28 19.95
C ASN A 38 26.68 30.33 20.33
N LYS A 39 26.02 29.18 20.25
CA LYS A 39 24.61 29.07 20.63
C LYS A 39 24.53 28.45 22.02
N VAL A 40 24.72 29.29 23.02
CA VAL A 40 24.67 28.86 24.42
C VAL A 40 23.33 29.24 25.01
N GLY A 41 22.74 30.32 24.49
CA GLY A 41 21.45 30.77 24.96
C GLY A 41 20.50 31.12 23.84
N GLY A 42 19.32 31.64 24.18
CA GLY A 42 18.34 32.02 23.20
C GLY A 42 18.56 33.36 22.54
N ILE A 43 19.62 34.07 22.94
CA ILE A 43 19.91 35.37 22.33
C ILE A 43 20.25 35.21 20.85
N TYR A 44 20.78 34.03 20.47
CA TYR A 44 21.18 33.82 19.08
C TYR A 44 20.00 33.97 18.13
N THR A 45 18.90 33.26 18.40
CA THR A 45 17.74 33.35 17.52
C THR A 45 17.06 34.70 17.61
N VAL A 46 17.09 35.33 18.80
CA VAL A 46 16.51 36.66 18.94
C VAL A 46 17.23 37.65 18.03
N LEU A 47 18.57 37.65 18.07
CA LEU A 47 19.34 38.54 17.22
C LEU A 47 19.16 38.18 15.76
N GLN A 48 19.11 36.89 15.44
CA GLN A 48 18.94 36.47 14.05
C GLN A 48 17.61 36.97 13.49
N THR A 49 16.55 36.90 14.29
CA THR A 49 15.24 37.38 13.83
C THR A 49 15.20 38.90 13.78
N LYS A 50 15.82 39.57 14.73
CA LYS A 50 15.82 41.03 14.77
C LYS A 50 16.69 41.65 13.69
N ALA A 51 17.63 40.88 13.14
CA ALA A 51 18.53 41.42 12.13
C ALA A 51 17.79 41.91 10.91
N LYS A 52 16.75 41.18 10.49
CA LYS A 52 15.99 41.57 9.30
C LYS A 52 15.38 42.95 9.46
N VAL A 53 14.64 43.16 10.55
CA VAL A 53 13.95 44.42 10.74
C VAL A 53 14.97 45.54 11.00
N THR A 54 16.04 45.25 11.76
CA THR A 54 17.03 46.29 12.03
C THR A 54 17.73 46.74 10.75
N GLY A 55 18.07 45.78 9.88
CA GLY A 55 18.66 46.14 8.60
C GLY A 55 17.70 46.90 7.72
N ASP A 56 16.43 46.47 7.67
CA ASP A 56 15.45 47.21 6.89
C ASP A 56 15.29 48.64 7.39
N GLU A 57 15.43 48.85 8.70
CA GLU A 57 15.33 50.20 9.25
C GLU A 57 16.57 51.03 8.94
N TRP A 58 17.76 50.45 9.10
CA TRP A 58 19.00 51.23 9.09
C TRP A 58 19.75 51.16 7.77
N GLY A 59 19.20 50.52 6.74
CA GLY A 59 19.89 50.50 5.47
C GLY A 59 21.18 49.70 5.56
N ASP A 60 22.28 50.32 5.13
CA ASP A 60 23.59 49.69 5.14
C ASP A 60 24.44 50.09 6.35
N ASN A 61 23.87 50.85 7.29
CA ASN A 61 24.60 51.31 8.46
C ASN A 61 24.55 50.33 9.63
N TYR A 62 23.93 49.18 9.45
CA TYR A 62 23.77 48.21 10.54
C TYR A 62 25.02 47.34 10.63
N PHE A 63 25.80 47.54 11.70
CA PHE A 63 26.94 46.71 12.01
C PHE A 63 26.72 46.00 13.33
N LEU A 64 27.26 44.79 13.43
CA LEU A 64 27.14 43.98 14.63
C LEU A 64 28.53 43.56 15.09
N VAL A 65 28.75 43.57 16.40
CA VAL A 65 30.04 43.25 16.99
C VAL A 65 29.90 41.96 17.79
N GLY A 66 30.81 41.02 17.54
CA GLY A 66 30.81 39.76 18.24
C GLY A 66 32.19 39.14 18.31
N PRO A 67 32.38 38.23 19.27
CA PRO A 67 33.69 37.58 19.40
C PRO A 67 33.96 36.61 18.27
N TYR A 68 35.25 36.36 18.02
CA TYR A 68 35.67 35.42 17.00
C TYR A 68 35.92 34.05 17.63
N THR A 69 35.30 33.02 17.07
CA THR A 69 35.43 31.66 17.56
C THR A 69 35.84 30.76 16.41
N GLU A 70 36.77 29.84 16.70
CA GLU A 70 37.24 28.92 15.67
C GLU A 70 36.12 28.01 15.16
N GLN A 71 35.18 27.66 16.03
CA GLN A 71 34.08 26.79 15.63
C GLN A 71 32.95 27.54 14.95
N GLY A 72 32.99 28.87 14.91
CA GLY A 72 31.91 29.65 14.34
C GLY A 72 32.30 30.43 13.09
N VAL A 73 33.18 29.85 12.27
CA VAL A 73 33.62 30.53 11.06
C VAL A 73 33.51 29.60 9.86
N ARG A 74 33.23 28.32 10.12
CA ARG A 74 33.15 27.34 9.04
C ARG A 74 31.87 27.47 8.26
N THR A 75 30.72 27.25 8.91
CA THR A 75 29.42 27.35 8.28
C THR A 75 28.52 28.32 9.04
N GLN A 76 29.12 29.31 9.70
CA GLN A 76 28.38 30.26 10.52
C GLN A 76 28.50 31.70 10.04
N VAL A 77 29.55 32.04 9.31
CA VAL A 77 29.74 33.40 8.81
C VAL A 77 30.58 33.35 7.54
N GLU A 78 30.20 34.14 6.55
CA GLU A 78 30.97 34.29 5.32
C GLU A 78 31.99 35.40 5.53
N LEU A 79 33.25 35.03 5.68
CA LEU A 79 34.30 36.02 5.91
C LEU A 79 34.54 36.84 4.66
N LEU A 80 34.63 38.16 4.83
CA LEU A 80 34.86 39.09 3.72
C LEU A 80 36.26 39.65 3.89
N GLU A 81 37.21 39.15 3.09
CA GLU A 81 38.57 39.66 3.13
C GLU A 81 38.65 41.07 2.54
N ALA A 82 37.73 41.41 1.64
CA ALA A 82 37.71 42.74 1.05
C ALA A 82 37.37 43.77 2.11
N PRO A 83 37.98 44.96 2.07
CA PRO A 83 37.65 45.99 3.06
C PRO A 83 36.23 46.48 2.90
N THR A 84 35.68 46.99 4.00
CA THR A 84 34.34 47.57 3.96
C THR A 84 34.33 48.76 3.01
N PRO A 85 33.34 48.86 2.11
CA PRO A 85 33.35 49.96 1.13
C PRO A 85 33.37 51.34 1.77
N ALA A 86 32.75 51.50 2.94
CA ALA A 86 32.74 52.78 3.64
C ALA A 86 33.74 52.84 4.77
N LEU A 87 34.63 51.85 4.88
CA LEU A 87 35.57 51.80 6.01
C LEU A 87 36.78 51.00 5.59
N LYS A 88 37.92 51.67 5.43
CA LYS A 88 39.15 51.01 4.98
C LYS A 88 40.32 51.24 5.93
N ARG A 89 40.43 52.43 6.51
CA ARG A 89 41.61 52.80 7.29
C ARG A 89 41.63 52.14 8.67
N THR A 90 40.46 52.01 9.31
CA THR A 90 40.45 51.48 10.68
C THR A 90 40.85 50.02 10.71
N LEU A 91 40.40 49.23 9.74
CA LEU A 91 40.78 47.81 9.70
C LEU A 91 42.29 47.67 9.47
N ASP A 92 42.85 48.49 8.58
CA ASP A 92 44.29 48.44 8.35
C ASP A 92 45.06 48.83 9.60
N SER A 93 44.61 49.88 10.30
CA SER A 93 45.27 50.28 11.54
C SER A 93 45.18 49.18 12.60
N MET A 94 44.02 48.55 12.72
CA MET A 94 43.84 47.51 13.71
C MET A 94 44.73 46.30 13.41
N ASN A 95 44.79 45.90 12.14
CA ASN A 95 45.64 44.77 11.77
C ASN A 95 47.12 45.09 11.96
N SER A 96 47.52 46.33 11.63
CA SER A 96 48.93 46.69 11.75
C SER A 96 49.37 46.83 13.20
N LYS A 97 48.43 47.12 14.11
CA LYS A 97 48.77 47.35 15.51
C LYS A 97 48.84 46.06 16.33
N GLY A 98 48.59 44.91 15.71
CA GLY A 98 48.77 43.65 16.40
C GLY A 98 47.52 42.81 16.54
N CYS A 99 46.39 43.45 16.84
CA CYS A 99 45.14 42.70 17.00
C CYS A 99 44.63 42.22 15.65
N LYS A 100 43.91 41.10 15.67
CA LYS A 100 43.37 40.48 14.47
C LYS A 100 41.85 40.56 14.53
N VAL A 101 41.25 41.14 13.48
CA VAL A 101 39.81 41.26 13.36
C VAL A 101 39.41 40.78 11.98
N TYR A 102 38.13 40.40 11.86
CA TYR A 102 37.59 39.93 10.59
C TYR A 102 36.26 40.59 10.31
N PHE A 103 35.99 40.83 9.04
CA PHE A 103 34.71 41.37 8.58
C PHE A 103 33.99 40.29 7.78
N GLY A 104 32.66 40.36 7.76
CA GLY A 104 31.93 39.42 6.93
C GLY A 104 30.44 39.56 7.08
N ARG A 105 29.73 38.55 6.57
CA ARG A 105 28.27 38.49 6.59
C ARG A 105 27.84 37.32 7.46
N TRP A 106 26.99 37.60 8.44
CA TRP A 106 26.43 36.53 9.25
C TRP A 106 25.50 35.67 8.41
N LEU A 107 25.60 34.35 8.59
CA LEU A 107 24.79 33.40 7.81
C LEU A 107 23.40 33.27 8.42
N ILE A 108 22.67 34.39 8.40
CA ILE A 108 21.32 34.48 8.92
C ILE A 108 20.48 35.27 7.92
N GLU A 109 19.22 35.50 8.28
CA GLU A 109 18.30 36.21 7.40
C GLU A 109 18.68 37.69 7.32
N GLY A 110 18.25 38.33 6.22
CA GLY A 110 18.57 39.72 5.99
C GLY A 110 20.02 39.92 5.59
N GLY A 111 20.41 41.19 5.54
CA GLY A 111 21.79 41.54 5.31
C GLY A 111 22.50 41.99 6.55
N PRO A 112 23.28 41.09 7.16
CA PRO A 112 24.09 41.48 8.33
C PRO A 112 25.51 41.85 7.96
N LEU A 113 26.08 42.83 8.66
CA LEU A 113 27.46 43.24 8.48
C LEU A 113 28.17 43.01 9.80
N VAL A 114 28.79 41.84 9.96
CA VAL A 114 29.30 41.39 11.24
C VAL A 114 30.81 41.53 11.28
N VAL A 115 31.33 41.82 12.47
CA VAL A 115 32.75 41.87 12.76
C VAL A 115 33.05 40.85 13.85
N LEU A 116 34.12 40.07 13.64
CA LEU A 116 34.56 39.07 14.60
C LEU A 116 35.91 39.50 15.16
N LEU A 117 36.00 39.52 16.49
CA LEU A 117 37.21 39.94 17.19
C LEU A 117 37.79 38.75 17.93
N ASP A 118 39.06 38.44 17.66
CA ASP A 118 39.69 37.30 18.30
C ASP A 118 39.94 37.58 19.78
N VAL A 119 39.80 36.55 20.60
CA VAL A 119 40.05 36.68 22.03
C VAL A 119 41.51 36.46 22.40
N GLY A 120 42.30 35.86 21.52
CA GLY A 120 43.71 35.64 21.80
C GLY A 120 44.63 36.55 21.03
N ALA A 121 44.05 37.36 20.12
CA ALA A 121 44.87 38.28 19.33
C ALA A 121 45.51 39.34 20.20
N SER A 122 44.79 39.85 21.20
CA SER A 122 45.30 40.88 22.10
C SER A 122 45.38 40.36 23.53
N ALA A 123 45.73 39.09 23.71
CA ALA A 123 45.88 38.49 25.03
C ALA A 123 47.23 38.80 25.66
N TRP A 124 48.05 39.62 25.02
CA TRP A 124 49.37 39.97 25.52
C TRP A 124 49.39 41.30 26.28
N ALA A 125 48.23 41.94 26.46
CA ALA A 125 48.16 43.23 27.13
C ALA A 125 47.06 43.24 28.17
N LEU A 126 46.78 42.08 28.78
CA LEU A 126 45.78 42.03 29.83
C LEU A 126 46.25 42.78 31.08
N GLU A 127 47.54 42.67 31.40
CA GLU A 127 48.07 43.35 32.58
C GLU A 127 48.01 44.86 32.43
N ARG A 128 48.45 45.38 31.29
CA ARG A 128 48.37 46.81 31.05
C ARG A 128 46.92 47.30 31.04
N TRP A 129 46.04 46.53 30.41
CA TRP A 129 44.63 46.93 30.33
C TRP A 129 44.00 47.00 31.72
N LYS A 130 44.25 45.99 32.55
CA LYS A 130 43.68 46.02 33.89
C LYS A 130 44.38 47.04 34.78
N GLY A 131 45.63 47.38 34.49
CA GLY A 131 46.28 48.48 35.18
C GLY A 131 45.63 49.81 34.89
N GLU A 132 45.28 50.05 33.63
CA GLU A 132 44.55 51.25 33.26
C GLU A 132 43.05 51.10 33.40
N LEU A 133 42.57 49.92 33.83
CA LEU A 133 41.15 49.72 34.12
C LEU A 133 40.80 50.02 35.57
N TRP A 134 41.79 50.19 36.44
CA TRP A 134 41.49 50.44 37.85
C TRP A 134 40.75 51.77 38.03
N ASP A 135 41.17 52.80 37.31
CA ASP A 135 40.55 54.12 37.41
C ASP A 135 39.29 54.25 36.58
N THR A 136 39.00 53.28 35.71
CA THR A 136 37.77 53.29 34.92
C THR A 136 36.85 52.22 35.49
N CYS A 137 35.74 52.67 36.06
CA CYS A 137 34.63 51.88 36.62
C CYS A 137 35.06 50.97 37.77
N ASN A 138 36.35 50.95 38.12
CA ASN A 138 36.89 50.27 39.29
C ASN A 138 36.34 48.85 39.43
N ILE A 139 36.70 48.02 38.46
CA ILE A 139 36.26 46.62 38.41
C ILE A 139 37.49 45.73 38.52
N GLY A 140 37.37 44.67 39.32
CA GLY A 140 38.42 43.67 39.44
C GLY A 140 37.89 42.31 39.06
N VAL A 141 38.73 41.51 38.41
CA VAL A 141 38.31 40.20 37.90
C VAL A 141 39.25 39.13 38.40
N PRO A 142 38.72 38.01 38.92
CA PRO A 142 39.59 36.90 39.33
C PRO A 142 40.41 36.37 38.16
N TRP A 143 41.63 35.92 38.46
CA TRP A 143 42.54 35.43 37.44
C TRP A 143 42.18 34.03 36.95
N TYR A 144 41.40 33.27 37.72
CA TYR A 144 41.08 31.89 37.37
C TYR A 144 39.77 31.75 36.61
N ASP A 145 39.08 32.85 36.32
CA ASP A 145 37.85 32.83 35.54
C ASP A 145 38.19 33.29 34.13
N ARG A 146 38.36 32.32 33.22
CA ARG A 146 38.75 32.65 31.85
C ARG A 146 37.64 33.39 31.12
N GLU A 147 36.38 33.07 31.40
CA GLU A 147 35.29 33.73 30.70
C GLU A 147 35.21 35.21 31.05
N ALA A 148 35.39 35.56 32.33
CA ALA A 148 35.37 36.96 32.71
C ALA A 148 36.52 37.74 32.10
N ASN A 149 37.71 37.15 32.06
CA ASN A 149 38.85 37.80 31.42
C ASN A 149 38.61 37.97 29.93
N ASP A 150 38.01 36.97 29.29
CA ASP A 150 37.68 37.09 27.87
C ASP A 150 36.68 38.21 27.64
N ALA A 151 35.67 38.33 28.51
CA ALA A 151 34.70 39.41 28.38
C ALA A 151 35.37 40.77 28.56
N VAL A 152 36.29 40.87 29.53
CA VAL A 152 36.97 42.13 29.79
C VAL A 152 37.81 42.54 28.59
N LEU A 153 38.57 41.59 28.03
CA LEU A 153 39.38 41.90 26.86
C LEU A 153 38.49 42.21 25.65
N PHE A 154 37.33 41.56 25.54
CA PHE A 154 36.40 41.89 24.48
C PHE A 154 35.90 43.33 24.62
N GLY A 155 35.59 43.75 25.85
CA GLY A 155 35.20 45.13 26.07
C GLY A 155 36.29 46.11 25.73
N PHE A 156 37.53 45.77 26.09
CA PHE A 156 38.66 46.64 25.75
C PHE A 156 38.83 46.74 24.23
N LEU A 157 38.74 45.62 23.53
CA LEU A 157 38.85 45.64 22.08
C LEU A 157 37.73 46.45 21.45
N THR A 158 36.51 46.32 21.97
CA THR A 158 35.39 47.06 21.41
C THR A 158 35.55 48.56 21.62
N THR A 159 35.94 48.98 22.83
CA THR A 159 36.11 50.41 23.05
C THR A 159 37.28 50.96 22.24
N TRP A 160 38.33 50.17 22.06
CA TRP A 160 39.44 50.59 21.21
C TRP A 160 38.98 50.74 19.76
N PHE A 161 38.13 49.81 19.29
CA PHE A 161 37.61 49.89 17.92
C PHE A 161 36.74 51.12 17.74
N LEU A 162 35.87 51.41 18.71
CA LEU A 162 35.07 52.63 18.65
C LEU A 162 35.95 53.88 18.65
N GLY A 163 36.98 53.92 19.49
CA GLY A 163 37.86 55.07 19.51
C GLY A 163 38.56 55.27 18.17
N GLU A 164 39.09 54.19 17.60
CA GLU A 164 39.73 54.27 16.30
C GLU A 164 38.76 54.74 15.22
N PHE A 165 37.53 54.19 15.24
CA PHE A 165 36.54 54.55 14.23
C PHE A 165 36.19 56.03 14.32
N LEU A 166 35.88 56.52 15.52
CA LEU A 166 35.50 57.92 15.65
C LEU A 166 36.68 58.85 15.36
N ALA A 167 37.91 58.42 15.65
CA ALA A 167 39.06 59.20 15.26
C ALA A 167 39.20 59.28 13.74
N GLN A 168 38.89 58.17 13.06
CA GLN A 168 39.03 58.10 11.61
C GLN A 168 37.75 58.44 10.85
N SER A 169 36.65 58.70 11.54
CA SER A 169 35.38 58.99 10.88
C SER A 169 35.16 60.47 10.61
N GLU A 170 36.13 61.32 10.94
CA GLU A 170 36.06 62.77 10.79
C GLU A 170 34.93 63.38 11.61
N GLU A 171 34.32 62.62 12.50
CA GLU A 171 33.26 63.09 13.39
C GLU A 171 32.08 63.66 12.62
N LYS A 172 31.85 63.16 11.41
CA LYS A 172 30.73 63.63 10.60
C LYS A 172 29.42 63.01 11.06
N PRO A 173 29.30 61.66 11.15
CA PRO A 173 28.02 61.09 11.60
C PRO A 173 27.96 60.93 13.11
N HIS A 174 26.87 60.39 13.63
CA HIS A 174 26.71 60.10 15.05
C HIS A 174 26.51 58.61 15.22
N VAL A 175 27.23 58.03 16.17
CA VAL A 175 27.25 56.58 16.38
C VAL A 175 26.42 56.25 17.62
N VAL A 176 25.57 55.24 17.51
CA VAL A 176 24.77 54.74 18.62
C VAL A 176 25.20 53.32 18.92
N ALA A 177 25.42 53.03 20.20
CA ALA A 177 25.92 51.74 20.65
C ALA A 177 24.82 51.02 21.43
N HIS A 178 24.52 49.79 21.02
CA HIS A 178 23.53 48.96 21.69
C HIS A 178 24.21 47.70 22.21
N PHE A 179 23.96 47.39 23.48
CA PHE A 179 24.57 46.24 24.14
C PHE A 179 23.46 45.33 24.66
N HIS A 180 23.56 44.04 24.36
CA HIS A 180 22.49 43.09 24.66
C HIS A 180 22.80 42.17 25.83
N GLU A 181 24.07 41.94 26.14
CA GLU A 181 24.44 40.97 27.15
C GLU A 181 25.49 41.56 28.08
N TRP A 182 25.49 41.07 29.33
CA TRP A 182 26.28 41.72 30.37
C TRP A 182 27.78 41.52 30.17
N LEU A 183 28.19 40.35 29.67
CA LEU A 183 29.60 40.15 29.36
C LEU A 183 30.05 41.11 28.26
N ALA A 184 29.21 41.31 27.25
CA ALA A 184 29.55 42.24 26.18
C ALA A 184 29.43 43.69 26.60
N GLY A 185 28.69 43.98 27.67
CA GLY A 185 28.47 45.34 28.12
C GLY A 185 29.55 45.95 28.97
N VAL A 186 30.57 45.17 29.36
CA VAL A 186 31.60 45.69 30.25
C VAL A 186 32.35 46.84 29.60
N GLY A 187 32.49 46.80 28.27
CA GLY A 187 33.14 47.88 27.57
C GLY A 187 32.29 49.13 27.43
N LEU A 188 30.98 49.04 27.63
CA LEU A 188 30.10 50.20 27.48
C LEU A 188 30.54 51.33 28.39
N CYS A 189 30.69 51.05 29.69
CA CYS A 189 31.19 52.05 30.61
C CYS A 189 32.56 52.58 30.19
N LEU A 190 33.38 51.72 29.58
CA LEU A 190 34.67 52.16 29.06
C LEU A 190 34.48 53.30 28.07
N CYS A 191 33.50 53.16 27.17
CA CYS A 191 33.18 54.27 26.27
C CYS A 191 32.77 55.49 27.05
N ARG A 192 31.93 55.31 28.08
CA ARG A 192 31.55 56.43 28.93
C ARG A 192 32.75 57.01 29.67
N ALA A 193 33.82 56.24 29.84
CA ALA A 193 35.04 56.76 30.44
C ALA A 193 35.92 57.49 29.45
N ARG A 194 35.64 57.39 28.15
CA ARG A 194 36.47 58.01 27.12
C ARG A 194 35.82 59.24 26.49
N ARG A 195 34.68 59.70 27.05
CA ARG A 195 33.99 60.89 26.57
C ARG A 195 33.58 60.77 25.11
N LEU A 196 33.29 59.56 24.67
CA LEU A 196 32.93 59.34 23.27
C LEU A 196 31.50 59.79 23.02
N PRO A 197 31.26 60.66 22.03
CA PRO A 197 29.89 61.13 21.78
C PRO A 197 29.01 60.07 21.15
N VAL A 198 28.57 59.10 21.95
CA VAL A 198 27.72 58.02 21.47
C VAL A 198 26.57 57.83 22.46
N ALA A 199 25.48 57.24 21.95
CA ALA A 199 24.33 56.92 22.77
C ALA A 199 24.52 55.53 23.37
N THR A 200 24.38 55.43 24.69
CA THR A 200 24.67 54.20 25.42
C THR A 200 23.37 53.54 25.85
N ILE A 201 23.15 52.33 25.37
CA ILE A 201 21.97 51.53 25.69
C ILE A 201 22.44 50.24 26.35
N PHE A 202 21.92 49.94 27.53
CA PHE A 202 22.22 48.69 28.21
C PHE A 202 20.95 47.86 28.31
N THR A 203 20.99 46.66 27.74
CA THR A 203 19.86 45.74 27.78
C THR A 203 20.28 44.47 28.50
N THR A 204 19.48 44.06 29.48
CA THR A 204 19.72 42.85 30.25
C THR A 204 18.61 41.85 30.00
N HIS A 205 18.92 40.58 30.23
CA HIS A 205 17.96 39.49 30.06
C HIS A 205 17.49 38.89 31.37
N ALA A 206 18.39 38.67 32.31
CA ALA A 206 18.02 38.15 33.63
C ALA A 206 19.12 38.52 34.61
N THR A 207 18.77 38.45 35.89
CA THR A 207 19.75 38.68 36.96
C THR A 207 20.42 37.36 37.32
N LEU A 208 21.75 37.37 37.34
CA LEU A 208 22.51 36.16 37.64
C LEU A 208 22.33 35.76 39.10
N LEU A 209 22.34 36.73 40.01
CA LEU A 209 22.19 36.42 41.42
C LEU A 209 20.77 35.93 41.74
N GLY A 210 19.77 36.43 41.00
CA GLY A 210 18.41 35.97 41.20
C GLY A 210 18.22 34.49 40.93
N ARG A 211 18.98 33.95 39.97
CA ARG A 211 18.91 32.51 39.71
C ARG A 211 19.32 31.72 40.94
N TYR A 212 20.39 32.16 41.61
CA TYR A 212 20.83 31.48 42.82
C TYR A 212 19.96 31.80 44.04
N LEU A 213 19.19 32.88 43.99
CA LEU A 213 18.26 33.15 45.07
C LEU A 213 17.18 32.08 45.17
N CYS A 214 16.66 31.63 44.03
CA CYS A 214 15.53 30.71 44.05
C CYS A 214 15.90 29.33 44.59
N ALA A 215 17.19 29.01 44.66
CA ALA A 215 17.65 27.73 45.19
C ALA A 215 18.03 27.81 46.67
N GLY A 216 17.82 28.97 47.31
CA GLY A 216 18.17 29.17 48.70
C GLY A 216 17.09 28.81 49.70
N ALA A 217 15.98 28.22 49.25
CA ALA A 217 14.88 27.82 50.14
C ALA A 217 14.31 29.01 50.91
N VAL A 218 14.39 30.19 50.33
CA VAL A 218 13.85 31.41 50.93
C VAL A 218 12.94 32.07 49.90
N ASP A 219 11.79 32.57 50.38
CA ASP A 219 10.86 33.25 49.49
C ASP A 219 11.53 34.44 48.83
N PHE A 220 11.30 34.59 47.52
CA PHE A 220 11.98 35.60 46.72
C PHE A 220 11.08 36.73 46.28
N TYR A 221 9.91 36.42 45.72
CA TYR A 221 9.04 37.45 45.16
C TYR A 221 8.26 38.23 46.22
N ASN A 222 8.02 37.63 47.38
CA ASN A 222 7.33 38.33 48.46
C ASN A 222 8.27 39.11 49.36
N ASN A 223 9.58 39.04 49.11
CA ASN A 223 10.57 39.80 49.87
C ASN A 223 11.39 40.68 48.94
N LEU A 224 10.75 41.24 47.92
CA LEU A 224 11.45 42.04 46.91
C LEU A 224 11.90 43.40 47.42
N GLU A 225 11.44 43.82 48.60
CA GLU A 225 11.74 45.14 49.10
C GLU A 225 13.02 45.19 49.95
N ASN A 226 13.57 44.05 50.33
CA ASN A 226 14.71 43.99 51.25
C ASN A 226 15.69 42.93 50.77
N PHE A 227 16.77 43.36 50.13
CA PHE A 227 17.88 42.49 49.77
C PHE A 227 19.17 43.06 50.33
N ASN A 228 19.92 42.24 51.06
CA ASN A 228 21.27 42.58 51.49
C ASN A 228 22.26 42.22 50.38
N VAL A 229 22.18 43.01 49.30
CA VAL A 229 22.77 42.62 48.02
C VAL A 229 24.26 42.42 48.15
N ASP A 230 24.95 43.31 48.87
CA ASP A 230 26.40 43.28 48.91
C ASP A 230 26.91 41.93 49.44
N LYS A 231 26.42 41.50 50.59
CA LYS A 231 26.91 40.25 51.17
C LYS A 231 26.47 39.04 50.36
N GLU A 232 25.20 38.98 49.95
CA GLU A 232 24.73 37.82 49.20
C GLU A 232 25.47 37.68 47.89
N ALA A 233 25.96 38.79 47.33
CA ALA A 233 26.88 38.70 46.21
C ALA A 233 28.28 38.31 46.67
N GLY A 234 28.66 38.69 47.89
CA GLY A 234 29.98 38.41 48.41
C GLY A 234 30.27 36.95 48.69
N GLU A 235 29.57 36.35 49.66
CA GLU A 235 29.90 34.97 50.01
C GLU A 235 29.51 33.97 48.95
N ARG A 236 28.73 34.36 47.94
CA ARG A 236 28.35 33.45 46.87
C ARG A 236 29.24 33.56 45.63
N GLN A 237 30.31 34.36 45.71
CA GLN A 237 31.33 34.45 44.68
C GLN A 237 30.80 35.00 43.36
N ILE A 238 29.69 35.75 43.39
CA ILE A 238 29.15 36.39 42.20
C ILE A 238 29.20 37.90 42.42
N TYR A 239 30.10 38.35 43.28
CA TYR A 239 30.14 39.75 43.65
C TYR A 239 30.54 40.63 42.47
N HIS A 240 31.65 40.29 41.81
CA HIS A 240 32.18 41.16 40.77
C HIS A 240 31.31 41.16 39.52
N ARG A 241 30.69 40.02 39.21
CA ARG A 241 29.80 39.96 38.05
C ARG A 241 28.64 40.94 38.21
N TYR A 242 27.95 40.86 39.34
CA TYR A 242 26.93 41.86 39.66
C TYR A 242 27.52 43.26 39.71
N CYS A 243 28.79 43.38 40.13
CA CYS A 243 29.40 44.69 40.25
C CYS A 243 29.47 45.39 38.89
N MET A 244 30.05 44.73 37.88
CA MET A 244 30.09 45.44 36.61
C MET A 244 28.76 45.43 35.89
N GLU A 245 27.86 44.48 36.19
CA GLU A 245 26.50 44.56 35.65
C GLU A 245 25.82 45.84 36.11
N ARG A 246 25.87 46.11 37.42
CA ARG A 246 25.26 47.32 37.96
C ARG A 246 26.00 48.57 37.50
N ALA A 247 27.32 48.50 37.36
CA ALA A 247 28.06 49.64 36.84
C ALA A 247 27.62 49.98 35.43
N ALA A 248 27.48 48.96 34.56
CA ALA A 248 27.01 49.20 33.20
C ALA A 248 25.59 49.73 33.19
N ALA A 249 24.73 49.19 34.05
CA ALA A 249 23.35 49.67 34.11
C ALA A 249 23.29 51.12 34.53
N HIS A 250 24.07 51.52 35.53
CA HIS A 250 24.02 52.88 36.03
C HIS A 250 24.65 53.86 35.03
N CYS A 251 25.76 53.48 34.42
CA CYS A 251 26.47 54.38 33.52
C CYS A 251 25.75 54.59 32.20
N ALA A 252 24.88 53.65 31.81
CA ALA A 252 24.24 53.72 30.50
C ALA A 252 23.29 54.91 30.42
N HIS A 253 23.23 55.51 29.22
CA HIS A 253 22.27 56.58 28.99
C HIS A 253 20.84 56.07 29.15
N VAL A 254 20.55 54.89 28.60
CA VAL A 254 19.24 54.28 28.76
C VAL A 254 19.42 52.82 29.15
N PHE A 255 18.48 52.33 29.97
CA PHE A 255 18.48 50.97 30.48
C PHE A 255 17.17 50.30 30.09
N THR A 256 17.26 49.10 29.52
CA THR A 256 16.08 48.36 29.06
C THR A 256 16.11 46.97 29.68
N THR A 257 14.91 46.39 29.82
CA THR A 257 14.77 45.09 30.46
C THR A 257 13.70 44.31 29.69
N VAL A 258 13.77 42.98 29.78
CA VAL A 258 12.98 42.13 28.89
C VAL A 258 11.49 42.28 29.18
N SER A 259 11.08 42.23 30.45
CA SER A 259 9.67 42.22 30.78
C SER A 259 9.42 43.06 32.02
N GLN A 260 8.14 43.20 32.36
CA GLN A 260 7.72 44.09 33.45
C GLN A 260 8.23 43.58 34.79
N ILE A 261 8.06 42.29 35.07
CA ILE A 261 8.50 41.75 36.36
C ILE A 261 10.02 41.76 36.44
N THR A 262 10.69 41.47 35.33
CA THR A 262 12.14 41.59 35.31
C THR A 262 12.58 43.04 35.50
N ALA A 263 11.82 43.99 34.95
CA ALA A 263 12.11 45.39 35.20
C ALA A 263 11.96 45.73 36.68
N ILE A 264 10.91 45.19 37.32
CA ILE A 264 10.69 45.46 38.73
C ILE A 264 11.82 44.88 39.58
N GLU A 265 12.23 43.64 39.28
CA GLU A 265 13.31 43.03 40.06
C GLU A 265 14.64 43.72 39.81
N ALA A 266 14.86 44.23 38.60
CA ALA A 266 16.07 45.02 38.35
C ALA A 266 16.04 46.33 39.12
N GLN A 267 14.88 46.99 39.17
CA GLN A 267 14.77 48.23 39.92
C GLN A 267 14.99 48.00 41.41
N HIS A 268 14.44 46.91 41.94
CA HIS A 268 14.60 46.61 43.36
C HIS A 268 15.92 45.93 43.67
N LEU A 269 16.69 45.54 42.66
CA LEU A 269 17.98 44.88 42.86
C LEU A 269 19.14 45.73 42.38
N LEU A 270 19.09 46.21 41.13
CA LEU A 270 20.14 47.06 40.61
C LEU A 270 19.97 48.52 40.99
N LYS A 271 18.89 48.86 41.69
CA LYS A 271 18.64 50.23 42.15
C LYS A 271 18.61 51.22 41.00
N ARG A 272 18.01 50.82 39.88
CA ARG A 272 17.84 51.70 38.74
C ARG A 272 16.60 51.27 37.98
N LYS A 273 15.62 52.18 37.88
CA LYS A 273 14.38 51.88 37.19
C LYS A 273 14.61 51.88 35.69
N PRO A 274 14.34 50.78 34.98
CA PRO A 274 14.53 50.77 33.53
C PRO A 274 13.61 51.76 32.84
N ASP A 275 14.12 52.41 31.80
CA ASP A 275 13.35 53.41 31.08
C ASP A 275 12.17 52.78 30.36
N ILE A 276 12.37 51.62 29.74
CA ILE A 276 11.32 50.95 28.98
C ILE A 276 11.63 49.47 28.96
N VAL A 277 10.59 48.65 28.80
CA VAL A 277 10.72 47.21 28.73
C VAL A 277 10.88 46.78 27.28
N THR A 278 11.64 45.71 27.05
CA THR A 278 11.94 45.22 25.70
C THR A 278 11.66 43.73 25.63
N PRO A 279 10.41 43.34 25.41
CA PRO A 279 10.10 41.92 25.24
C PRO A 279 10.69 41.37 23.95
N ASN A 280 11.05 40.09 24.00
CA ASN A 280 11.62 39.42 22.83
C ASN A 280 10.54 39.03 21.85
N GLY A 281 10.79 39.28 20.57
CA GLY A 281 9.87 38.91 19.52
C GLY A 281 10.33 37.68 18.76
N LEU A 282 9.40 36.99 18.12
CA LEU A 282 9.72 35.78 17.36
C LEU A 282 9.06 35.86 15.99
N ASN A 283 9.81 35.46 14.96
CA ASN A 283 9.26 35.42 13.62
C ASN A 283 8.21 34.31 13.53
N VAL A 284 7.11 34.60 12.84
CA VAL A 284 6.00 33.67 12.68
C VAL A 284 5.99 33.15 11.27
N LYS A 285 5.84 31.83 11.13
CA LYS A 285 5.81 31.19 9.81
C LYS A 285 4.36 31.07 9.38
N LYS A 286 3.91 32.04 8.58
CA LYS A 286 2.52 32.06 8.13
C LYS A 286 2.29 30.94 7.11
N PHE A 287 1.01 30.58 6.95
CA PHE A 287 0.59 29.57 6.00
C PHE A 287 -0.35 30.19 4.98
N SER A 288 -0.60 29.45 3.90
CA SER A 288 -1.52 29.91 2.88
C SER A 288 -2.94 30.03 3.43
N ALA A 289 -3.36 29.07 4.25
CA ALA A 289 -4.69 29.04 4.83
C ALA A 289 -4.63 29.26 6.32
N MET A 290 -5.64 29.95 6.86
CA MET A 290 -5.69 30.22 8.29
C MET A 290 -5.85 28.92 9.07
N HIS A 291 -6.67 28.00 8.57
CA HIS A 291 -7.02 26.78 9.29
C HIS A 291 -5.98 25.69 9.16
N GLU A 292 -4.89 25.92 8.43
CA GLU A 292 -3.89 24.88 8.23
C GLU A 292 -3.26 24.46 9.55
N PHE A 293 -3.07 25.41 10.46
CA PHE A 293 -2.54 25.07 11.78
C PHE A 293 -3.45 24.10 12.51
N GLN A 294 -4.74 24.11 12.20
CA GLN A 294 -5.64 23.09 12.73
C GLN A 294 -5.34 21.72 12.13
N ASN A 295 -5.13 21.67 10.81
CA ASN A 295 -4.87 20.40 10.15
C ASN A 295 -3.58 19.78 10.65
N LEU A 296 -2.55 20.61 10.85
CA LEU A 296 -1.30 20.10 11.44
C LEU A 296 -1.55 19.54 12.82
N HIS A 297 -2.55 20.05 13.53
CA HIS A 297 -2.93 19.47 14.81
C HIS A 297 -3.72 18.18 14.63
N ALA A 298 -4.47 18.05 13.55
CA ALA A 298 -5.30 16.86 13.36
C ALA A 298 -4.44 15.61 13.16
N GLN A 299 -3.48 15.67 12.24
CA GLN A 299 -2.68 14.50 11.95
C GLN A 299 -1.65 14.23 13.05
N SER A 300 -1.03 15.28 13.58
CA SER A 300 -0.02 15.08 14.62
C SER A 300 -0.62 14.42 15.85
N LYS A 301 -1.83 14.83 16.25
CA LYS A 301 -2.51 14.15 17.34
C LYS A 301 -2.64 12.66 17.08
N ALA A 302 -2.90 12.29 15.82
CA ALA A 302 -2.98 10.88 15.47
C ALA A 302 -1.67 10.17 15.79
N ARG A 303 -0.54 10.81 15.48
CA ARG A 303 0.75 10.20 15.79
C ARG A 303 0.90 9.99 17.28
N ILE A 304 0.25 10.81 18.11
CA ILE A 304 0.28 10.59 19.54
C ILE A 304 -0.56 9.36 19.90
N GLN A 305 -1.74 9.22 19.28
CA GLN A 305 -2.62 8.11 19.62
C GLN A 305 -1.95 6.77 19.36
N GLU A 306 -1.33 6.62 18.19
CA GLU A 306 -0.61 5.39 17.88
C GLU A 306 0.44 5.10 18.94
N PHE A 307 1.02 6.14 19.53
CA PHE A 307 1.95 5.92 20.64
C PHE A 307 1.20 5.42 21.87
N VAL A 308 0.13 6.12 22.27
CA VAL A 308 -0.49 5.82 23.56
C VAL A 308 -1.15 4.45 23.52
N ARG A 309 -1.75 4.09 22.39
CA ARG A 309 -2.25 2.73 22.21
C ARG A 309 -1.15 1.72 22.50
N GLY A 310 0.03 1.94 21.90
CA GLY A 310 1.15 1.06 22.15
C GLY A 310 1.55 1.04 23.61
N HIS A 311 1.41 2.17 24.30
CA HIS A 311 1.76 2.21 25.71
C HIS A 311 0.65 1.68 26.60
N PHE A 312 -0.52 1.37 26.04
CA PHE A 312 -1.67 0.92 26.84
C PHE A 312 -2.29 -0.31 26.19
N TYR A 313 -1.46 -1.26 25.79
CA TYR A 313 -1.97 -2.52 25.27
C TYR A 313 -2.48 -3.38 26.42
N GLY A 314 -3.66 -3.95 26.26
CA GLY A 314 -4.29 -4.73 27.30
C GLY A 314 -5.02 -3.94 28.35
N HIS A 315 -5.06 -2.60 28.23
CA HIS A 315 -5.78 -1.78 29.18
C HIS A 315 -6.60 -0.69 28.49
N LEU A 316 -6.80 -0.79 27.18
CA LEU A 316 -7.54 0.22 26.43
C LEU A 316 -9.03 -0.03 26.68
N ASP A 317 -9.53 0.54 27.77
CA ASP A 317 -10.92 0.40 28.18
C ASP A 317 -11.67 1.72 28.18
N PHE A 318 -11.09 2.78 27.62
CA PHE A 318 -11.72 4.09 27.58
C PHE A 318 -11.77 4.58 26.14
N ASN A 319 -12.83 5.32 25.83
CA ASN A 319 -12.97 5.87 24.48
C ASN A 319 -11.88 6.91 24.24
N LEU A 320 -11.12 6.71 23.16
CA LEU A 320 -10.02 7.61 22.84
C LEU A 320 -10.47 8.89 22.15
N ASP A 321 -11.72 8.96 21.67
CA ASP A 321 -12.22 10.18 21.10
C ASP A 321 -12.56 11.24 22.15
N LYS A 322 -12.58 10.86 23.43
CA LYS A 322 -12.84 11.78 24.53
C LYS A 322 -11.62 11.88 25.43
N THR A 323 -10.44 11.99 24.84
CA THR A 323 -9.18 12.05 25.57
C THR A 323 -8.52 13.40 25.35
N LEU A 324 -8.00 13.98 26.43
CA LEU A 324 -7.30 15.26 26.40
C LEU A 324 -5.81 15.05 26.63
N TYR A 325 -4.99 15.82 25.93
CA TYR A 325 -3.54 15.71 26.01
C TYR A 325 -2.99 17.01 26.59
N PHE A 326 -2.43 16.94 27.79
CA PHE A 326 -1.73 18.04 28.41
C PHE A 326 -0.24 17.76 28.42
N PHE A 327 0.57 18.81 28.42
CA PHE A 327 2.01 18.63 28.41
C PHE A 327 2.70 19.85 28.98
N ILE A 328 3.89 19.62 29.53
CA ILE A 328 4.78 20.68 29.98
C ILE A 328 6.19 20.34 29.49
N ALA A 329 6.85 21.33 28.90
CA ALA A 329 8.15 21.12 28.28
C ALA A 329 9.17 22.08 28.87
N GLY A 330 10.37 22.06 28.31
CA GLY A 330 11.45 22.92 28.76
C GLY A 330 12.53 22.12 29.48
N ARG A 331 13.50 22.86 30.00
CA ARG A 331 14.61 22.26 30.73
C ARG A 331 14.12 21.63 32.02
N TYR A 332 14.86 20.63 32.49
CA TYR A 332 14.50 19.89 33.70
C TYR A 332 14.77 20.74 34.92
N GLU A 333 13.80 21.59 35.25
CA GLU A 333 13.81 22.38 36.47
C GLU A 333 12.53 22.08 37.24
N PHE A 334 12.67 21.72 38.51
CA PHE A 334 11.52 21.25 39.27
C PHE A 334 10.67 22.43 39.74
N SER A 335 11.23 23.28 40.60
CA SER A 335 10.46 24.39 41.15
C SER A 335 10.28 25.52 40.15
N ASN A 336 11.31 25.79 39.34
CA ASN A 336 11.28 26.94 38.44
C ASN A 336 10.37 26.73 37.24
N LYS A 337 9.91 25.52 36.98
CA LYS A 337 9.02 25.25 35.87
C LYS A 337 7.60 24.85 36.30
N GLY A 338 7.37 24.66 37.60
CA GLY A 338 6.04 24.32 38.06
C GLY A 338 5.62 22.89 37.79
N ALA A 339 6.54 21.94 37.78
CA ALA A 339 6.17 20.54 37.62
C ALA A 339 5.35 20.06 38.81
N ASP A 340 5.76 20.42 40.03
CA ASP A 340 5.09 19.91 41.22
C ASP A 340 3.65 20.41 41.30
N VAL A 341 3.45 21.71 41.07
CA VAL A 341 2.10 22.27 41.16
C VAL A 341 1.20 21.63 40.10
N PHE A 342 1.73 21.43 38.90
CA PHE A 342 0.98 20.71 37.88
C PHE A 342 0.62 19.31 38.34
N LEU A 343 1.55 18.64 39.04
CA LEU A 343 1.30 17.28 39.49
C LEU A 343 0.18 17.22 40.51
N GLU A 344 0.22 18.07 41.55
CA GLU A 344 -0.86 17.98 42.53
C GLU A 344 -2.16 18.54 41.98
N ALA A 345 -2.12 19.47 41.03
CA ALA A 345 -3.34 19.90 40.37
C ALA A 345 -3.97 18.76 39.59
N LEU A 346 -3.15 17.97 38.89
CA LEU A 346 -3.67 16.82 38.18
C LEU A 346 -4.19 15.76 39.13
N ALA A 347 -3.55 15.61 40.29
CA ALA A 347 -4.05 14.68 41.30
C ALA A 347 -5.43 15.12 41.80
N ARG A 348 -5.60 16.40 42.07
CA ARG A 348 -6.90 16.91 42.49
C ARG A 348 -7.93 16.73 41.39
N LEU A 349 -7.55 16.94 40.14
CA LEU A 349 -8.47 16.72 39.02
C LEU A 349 -8.87 15.25 38.93
N ASN A 350 -7.92 14.34 39.15
CA ASN A 350 -8.25 12.91 39.16
C ASN A 350 -9.23 12.59 40.28
N TYR A 351 -9.00 13.14 41.47
CA TYR A 351 -9.92 12.89 42.59
C TYR A 351 -11.30 13.43 42.28
N LEU A 352 -11.37 14.61 41.63
CA LEU A 352 -12.66 15.19 41.29
C LEU A 352 -13.38 14.40 40.20
N LEU A 353 -12.63 13.83 39.26
CA LEU A 353 -13.26 13.13 38.15
C LEU A 353 -13.84 11.77 38.56
N ARG A 354 -13.41 11.22 39.69
CA ARG A 354 -13.93 9.95 40.16
C ARG A 354 -15.17 10.10 41.02
N VAL A 355 -15.61 11.33 41.30
CA VAL A 355 -16.85 11.56 42.02
C VAL A 355 -17.93 12.16 41.14
N ASN A 356 -17.58 12.76 40.01
CA ASN A 356 -18.57 13.28 39.07
C ASN A 356 -19.08 12.23 38.11
N GLY A 357 -18.46 11.05 38.06
CA GLY A 357 -18.88 10.01 37.14
C GLY A 357 -18.70 10.37 35.69
N SER A 358 -17.64 11.09 35.35
CA SER A 358 -17.37 11.49 33.99
C SER A 358 -16.49 10.45 33.28
N GLU A 359 -16.60 10.42 31.95
CA GLU A 359 -15.84 9.50 31.13
C GLU A 359 -14.60 10.14 30.53
N GLN A 360 -14.41 11.45 30.69
CA GLN A 360 -13.25 12.12 30.11
C GLN A 360 -11.97 11.68 30.82
N THR A 361 -10.95 11.36 30.04
CA THR A 361 -9.66 10.96 30.58
C THR A 361 -8.57 11.82 29.94
N VAL A 362 -7.62 12.28 30.74
CA VAL A 362 -6.56 13.16 30.26
C VAL A 362 -5.23 12.43 30.37
N VAL A 363 -4.34 12.75 29.42
CA VAL A 363 -2.99 12.20 29.37
C VAL A 363 -2.00 13.35 29.45
N ALA A 364 -1.06 13.28 30.38
CA ALA A 364 -0.10 14.34 30.63
C ALA A 364 1.30 13.87 30.29
N PHE A 365 1.95 14.58 29.37
CA PHE A 365 3.32 14.28 28.96
C PHE A 365 4.28 15.20 29.69
N PHE A 366 5.42 14.65 30.09
CA PHE A 366 6.46 15.40 30.77
C PHE A 366 7.73 15.32 29.91
N ILE A 367 7.93 16.32 29.06
CA ILE A 367 9.14 16.37 28.21
C ILE A 367 10.19 17.09 29.04
N MET A 368 10.81 16.36 29.95
CA MET A 368 11.80 16.87 30.90
C MET A 368 13.11 16.15 30.64
N PRO A 369 13.99 16.70 29.81
CA PRO A 369 15.26 16.02 29.51
C PRO A 369 16.09 15.81 30.77
N ALA A 370 16.35 14.53 31.07
CA ALA A 370 17.16 14.16 32.23
C ALA A 370 18.24 13.20 31.75
N ARG A 371 19.04 12.71 32.69
CA ARG A 371 20.11 11.77 32.37
C ARG A 371 19.56 10.34 32.47
N THR A 372 19.62 9.62 31.37
CA THR A 372 19.02 8.30 31.27
C THR A 372 19.93 7.37 30.49
N ASN A 373 19.69 6.06 30.65
CA ASN A 373 20.42 5.04 29.91
C ASN A 373 19.43 4.04 29.33
N ASN A 374 19.64 3.68 28.06
CA ASN A 374 18.81 2.69 27.37
C ASN A 374 17.34 3.12 27.31
N PHE A 375 16.48 2.20 26.89
CA PHE A 375 15.04 2.42 26.83
C PHE A 375 14.34 1.55 27.88
N ASN A 376 13.01 1.57 27.82
CA ASN A 376 12.19 0.73 28.68
C ASN A 376 11.69 -0.46 27.87
N VAL A 377 11.92 -1.67 28.39
CA VAL A 377 11.57 -2.86 27.63
C VAL A 377 10.07 -2.99 27.44
N GLU A 378 9.29 -2.59 28.46
CA GLU A 378 7.84 -2.71 28.36
C GLU A 378 7.28 -1.78 27.29
N THR A 379 7.83 -0.57 27.17
CA THR A 379 7.34 0.36 26.16
C THR A 379 7.58 -0.17 24.76
N LEU A 380 8.79 -0.64 24.49
CA LEU A 380 9.10 -1.21 23.18
C LEU A 380 8.28 -2.45 22.92
N LYS A 381 8.05 -3.26 23.96
CA LYS A 381 7.18 -4.42 23.82
C LYS A 381 5.77 -4.00 23.41
N GLY A 382 5.26 -2.94 24.02
CA GLY A 382 3.94 -2.45 23.65
C GLY A 382 3.89 -1.96 22.22
N GLN A 383 4.92 -1.23 21.78
CA GLN A 383 4.97 -0.80 20.39
C GLN A 383 4.97 -2.00 19.45
N ALA A 384 5.76 -3.02 19.77
CA ALA A 384 5.82 -4.21 18.94
C ALA A 384 4.49 -4.94 18.92
N VAL A 385 3.81 -5.01 20.06
CA VAL A 385 2.50 -5.66 20.10
C VAL A 385 1.49 -4.90 19.25
N ARG A 386 1.52 -3.56 19.32
CA ARG A 386 0.63 -2.78 18.47
C ARG A 386 0.91 -3.05 17.00
N LYS A 387 2.20 -3.11 16.63
CA LYS A 387 2.53 -3.38 15.24
C LYS A 387 2.09 -4.78 14.82
N GLN A 388 2.23 -5.76 15.70
CA GLN A 388 1.79 -7.11 15.40
C GLN A 388 0.28 -7.17 15.21
N LEU A 389 -0.48 -6.46 16.05
CA LEU A 389 -1.93 -6.39 15.87
C LEU A 389 -2.27 -5.73 14.55
N TRP A 390 -1.53 -4.69 14.17
CA TRP A 390 -1.74 -4.06 12.88
C TRP A 390 -1.48 -5.03 11.75
N ASP A 391 -0.42 -5.84 11.86
CA ASP A 391 -0.11 -6.82 10.82
C ASP A 391 -1.21 -7.87 10.70
N THR A 392 -1.71 -8.36 11.84
CA THR A 392 -2.79 -9.34 11.82
C THR A 392 -4.03 -8.75 11.17
N ALA A 393 -4.37 -7.51 11.53
CA ALA A 393 -5.51 -6.84 10.92
C ALA A 393 -5.30 -6.68 9.41
N ASN A 394 -4.07 -6.36 9.00
CA ASN A 394 -3.79 -6.20 7.59
C ASN A 394 -3.99 -7.51 6.83
N THR A 395 -3.50 -8.63 7.39
CA THR A 395 -3.67 -9.91 6.73
C THR A 395 -5.14 -10.29 6.62
N VAL A 396 -5.89 -10.12 7.70
CA VAL A 396 -7.31 -10.46 7.68
C VAL A 396 -8.06 -9.58 6.69
N LYS A 397 -7.74 -8.29 6.67
CA LYS A 397 -8.42 -7.39 5.75
C LYS A 397 -8.05 -7.66 4.30
N GLU A 398 -6.82 -8.12 4.04
CA GLU A 398 -6.47 -8.51 2.68
C GLU A 398 -7.24 -9.74 2.24
N LYS A 399 -7.39 -10.73 3.13
CA LYS A 399 -8.20 -11.89 2.80
C LYS A 399 -9.65 -11.49 2.54
N PHE A 400 -10.19 -10.61 3.39
CA PHE A 400 -11.56 -10.12 3.19
C PHE A 400 -11.68 -9.37 1.88
N GLY A 401 -10.67 -8.57 1.53
CA GLY A 401 -10.70 -7.86 0.27
C GLY A 401 -10.71 -8.79 -0.92
N ARG A 402 -9.90 -9.85 -0.86
CA ARG A 402 -9.90 -10.84 -1.95
C ARG A 402 -11.28 -11.50 -2.08
N LYS A 403 -11.84 -11.94 -0.96
CA LYS A 403 -13.15 -12.60 -1.02
C LYS A 403 -14.23 -11.65 -1.52
N LEU A 404 -14.21 -10.40 -1.05
CA LEU A 404 -15.20 -9.42 -1.48
C LEU A 404 -15.04 -9.08 -2.95
N TYR A 405 -13.78 -9.01 -3.42
CA TYR A 405 -13.54 -8.79 -4.84
C TYR A 405 -14.12 -9.92 -5.68
N GLU A 406 -13.90 -11.17 -5.26
CA GLU A 406 -14.45 -12.29 -6.00
C GLU A 406 -15.99 -12.25 -6.02
N SER A 407 -16.59 -11.98 -4.86
CA SER A 407 -18.05 -11.98 -4.78
C SER A 407 -18.64 -10.84 -5.60
N LEU A 408 -17.98 -9.69 -5.61
CA LEU A 408 -18.46 -8.57 -6.43
C LEU A 408 -18.28 -8.85 -7.91
N LEU A 409 -17.20 -9.56 -8.27
CA LEU A 409 -17.01 -9.93 -9.67
C LEU A 409 -18.09 -10.90 -10.14
N VAL A 410 -18.44 -11.87 -9.31
CA VAL A 410 -19.49 -12.81 -9.70
C VAL A 410 -20.88 -12.17 -9.62
N GLY A 411 -21.01 -11.05 -8.92
CA GLY A 411 -22.29 -10.35 -8.87
C GLY A 411 -23.16 -10.77 -7.71
N SER A 412 -22.62 -10.73 -6.50
CA SER A 412 -23.36 -11.14 -5.31
C SER A 412 -22.99 -10.20 -4.16
N LEU A 413 -23.38 -10.57 -2.95
CA LEU A 413 -23.13 -9.79 -1.75
C LEU A 413 -22.46 -10.66 -0.71
N PRO A 414 -21.61 -10.08 0.14
CA PRO A 414 -20.97 -10.85 1.21
C PRO A 414 -21.95 -11.14 2.34
N ASP A 415 -22.26 -12.41 2.53
CA ASP A 415 -23.15 -12.84 3.61
C ASP A 415 -22.39 -13.22 4.88
N MET A 416 -21.07 -13.06 4.90
CA MET A 416 -20.23 -13.29 6.08
C MET A 416 -20.26 -14.74 6.55
N ASN A 417 -20.74 -15.66 5.72
CA ASN A 417 -20.68 -17.08 6.06
C ASN A 417 -19.38 -17.75 5.64
N LYS A 418 -18.56 -17.08 4.84
CA LYS A 418 -17.28 -17.62 4.40
C LYS A 418 -16.08 -16.81 4.87
N MET A 419 -16.28 -15.60 5.38
CA MET A 419 -15.17 -14.84 5.94
C MET A 419 -14.65 -15.45 7.23
N LEU A 420 -15.43 -16.33 7.86
CA LEU A 420 -15.00 -16.96 9.10
C LEU A 420 -13.81 -17.88 8.85
N ASP A 421 -13.92 -18.75 7.85
CA ASP A 421 -12.82 -19.57 7.34
C ASP A 421 -12.32 -20.60 8.35
N LYS A 422 -12.81 -20.53 9.59
CA LYS A 422 -12.44 -21.41 10.69
C LYS A 422 -10.94 -21.42 10.98
N GLU A 423 -10.18 -20.54 10.33
CA GLU A 423 -8.74 -20.46 10.50
C GLU A 423 -8.27 -19.11 10.98
N ASP A 424 -8.80 -18.03 10.41
CA ASP A 424 -8.42 -16.69 10.86
C ASP A 424 -8.88 -16.43 12.29
N PHE A 425 -10.00 -17.03 12.70
CA PHE A 425 -10.41 -16.91 14.09
C PHE A 425 -9.37 -17.48 15.04
N THR A 426 -8.68 -18.55 14.63
CA THR A 426 -7.66 -19.12 15.50
C THR A 426 -6.51 -18.14 15.72
N MET A 427 -6.00 -17.55 14.63
CA MET A 427 -4.89 -16.61 14.76
C MET A 427 -5.31 -15.35 15.51
N MET A 428 -6.53 -14.87 15.25
CA MET A 428 -7.02 -13.72 16.00
C MET A 428 -7.17 -14.03 17.48
N LYS A 429 -7.64 -15.25 17.80
CA LYS A 429 -7.81 -15.65 19.18
C LYS A 429 -6.47 -15.71 19.90
N ARG A 430 -5.46 -16.29 19.26
CA ARG A 430 -4.16 -16.33 19.93
C ARG A 430 -3.53 -14.95 20.01
N ALA A 431 -3.82 -14.06 19.06
CA ALA A 431 -3.37 -12.69 19.16
C ALA A 431 -3.99 -12.00 20.38
N ILE A 432 -5.30 -12.17 20.55
CA ILE A 432 -5.98 -11.59 21.72
C ILE A 432 -5.42 -12.20 23.00
N PHE A 433 -5.11 -13.50 22.98
CA PHE A 433 -4.50 -14.15 24.13
C PHE A 433 -3.15 -13.52 24.46
N ALA A 434 -2.35 -13.21 23.43
CA ALA A 434 -1.06 -12.59 23.66
C ALA A 434 -1.22 -11.17 24.21
N THR A 435 -2.25 -10.45 23.76
CA THR A 435 -2.44 -9.07 24.20
C THR A 435 -2.75 -8.98 25.69
N GLN A 436 -3.22 -10.06 26.31
CA GLN A 436 -3.58 -10.00 27.71
C GLN A 436 -2.38 -9.68 28.58
N ARG A 437 -2.58 -8.79 29.55
CA ARG A 437 -1.52 -8.37 30.45
C ARG A 437 -2.10 -8.25 31.86
N GLN A 438 -1.23 -8.43 32.86
CA GLN A 438 -1.63 -8.35 34.26
C GLN A 438 -1.01 -7.18 35.01
N SER A 439 0.24 -6.84 34.72
CA SER A 439 0.90 -5.76 35.43
C SER A 439 0.45 -4.40 34.90
N PHE A 440 0.69 -3.37 35.71
CA PHE A 440 0.28 -2.03 35.34
C PHE A 440 1.22 -1.45 34.28
N PRO A 441 0.71 -0.56 33.43
CA PRO A 441 1.58 0.09 32.45
C PRO A 441 2.61 0.96 33.15
N PRO A 442 3.78 1.15 32.54
CA PRO A 442 4.82 1.96 33.18
C PRO A 442 4.57 3.45 32.99
N VAL A 443 5.22 4.24 33.85
CA VAL A 443 5.08 5.70 33.82
C VAL A 443 6.20 6.38 33.05
N CYS A 444 7.28 5.68 32.71
CA CYS A 444 8.42 6.27 32.03
C CYS A 444 8.71 5.50 30.75
N THR A 445 9.01 6.23 29.68
CA THR A 445 9.39 5.65 28.41
C THR A 445 10.90 5.47 28.29
N HIS A 446 11.62 5.46 29.40
CA HIS A 446 13.06 5.26 29.40
C HIS A 446 13.42 4.49 30.67
N ASN A 447 14.71 4.43 30.97
CA ASN A 447 15.21 3.81 32.20
C ASN A 447 16.04 4.83 32.95
N MET A 448 15.56 5.24 34.12
CA MET A 448 16.26 6.23 34.92
C MET A 448 17.57 5.65 35.42
N LEU A 449 18.63 6.46 35.40
CA LEU A 449 19.89 6.02 36.00
C LEU A 449 19.72 5.89 37.51
N ASP A 450 19.03 6.82 38.15
CA ASP A 450 18.73 6.77 39.57
C ASP A 450 17.24 6.93 39.79
N ASP A 451 16.73 6.26 40.82
CA ASP A 451 15.30 6.31 41.14
C ASP A 451 15.00 6.72 42.57
N SER A 452 15.95 6.62 43.49
CA SER A 452 15.73 7.03 44.87
C SER A 452 15.86 8.53 45.07
N SER A 453 16.28 9.28 44.05
CA SER A 453 16.47 10.71 44.20
C SER A 453 15.88 11.51 43.04
N ASP A 454 15.02 10.89 42.23
CA ASP A 454 14.38 11.62 41.13
C ASP A 454 13.10 12.27 41.62
N PRO A 455 13.00 13.59 41.62
CA PRO A 455 11.81 14.24 42.19
C PRO A 455 10.51 13.84 41.51
N ILE A 456 10.51 13.69 40.18
CA ILE A 456 9.26 13.47 39.45
C ILE A 456 8.64 12.14 39.88
N LEU A 457 9.43 11.08 39.88
CA LEU A 457 8.90 9.76 40.23
C LEU A 457 8.49 9.69 41.70
N THR A 458 9.26 10.33 42.58
CA THR A 458 8.88 10.34 43.99
C THR A 458 7.54 11.04 44.19
N THR A 459 7.34 12.18 43.55
CA THR A 459 6.07 12.87 43.66
C THR A 459 4.93 12.06 43.06
N ILE A 460 5.18 11.40 41.92
CA ILE A 460 4.13 10.60 41.29
C ILE A 460 3.72 9.45 42.21
N ARG A 461 4.70 8.77 42.81
CA ARG A 461 4.39 7.71 43.76
C ARG A 461 3.65 8.24 44.97
N ARG A 462 4.06 9.41 45.47
CA ARG A 462 3.44 9.98 46.66
C ARG A 462 1.97 10.33 46.40
N ILE A 463 1.68 10.95 45.25
CA ILE A 463 0.30 11.37 44.98
C ILE A 463 -0.58 10.25 44.47
N GLY A 464 0.00 9.12 44.08
CA GLY A 464 -0.79 7.96 43.71
C GLY A 464 -1.36 8.00 42.31
N LEU A 465 -0.50 8.06 41.30
CA LEU A 465 -0.90 7.95 39.89
C LEU A 465 -0.14 6.77 39.29
N PHE A 466 -0.85 5.66 39.07
CA PHE A 466 -0.23 4.44 38.57
C PHE A 466 -0.85 3.97 37.26
N ASN A 467 -1.54 4.86 36.55
CA ASN A 467 -2.15 4.55 35.26
C ASN A 467 -3.12 3.37 35.36
N SER A 468 -3.82 3.29 36.50
CA SER A 468 -4.77 2.21 36.70
C SER A 468 -6.01 2.42 35.83
N SER A 469 -6.78 1.35 35.66
CA SER A 469 -7.99 1.41 34.85
C SER A 469 -9.03 2.34 35.45
N ALA A 470 -9.18 2.31 36.77
CA ALA A 470 -10.17 3.15 37.44
C ALA A 470 -9.77 4.62 37.47
N ASP A 471 -8.54 4.95 37.14
CA ASP A 471 -8.09 6.34 37.17
C ASP A 471 -8.59 7.09 35.93
N ARG A 472 -8.46 8.42 35.99
CA ARG A 472 -8.84 9.27 34.87
C ARG A 472 -7.71 10.18 34.42
N VAL A 473 -6.52 10.06 35.00
CA VAL A 473 -5.35 10.84 34.60
C VAL A 473 -4.19 9.89 34.36
N LYS A 474 -3.58 9.98 33.19
CA LYS A 474 -2.42 9.16 32.84
C LYS A 474 -1.19 10.04 32.76
N VAL A 475 -0.05 9.51 33.19
CA VAL A 475 1.21 10.24 33.23
C VAL A 475 2.22 9.51 32.37
N ILE A 476 2.85 10.23 31.44
CA ILE A 476 3.90 9.68 30.58
C ILE A 476 5.11 10.59 30.68
N PHE A 477 6.24 10.02 31.09
CA PHE A 477 7.48 10.76 31.29
C PHE A 477 8.49 10.33 30.23
N HIS A 478 8.99 11.29 29.46
CA HIS A 478 9.87 11.02 28.32
C HIS A 478 11.10 11.91 28.44
N PRO A 479 12.09 11.50 29.24
CA PRO A 479 13.26 12.36 29.50
C PRO A 479 14.27 12.36 28.35
N GLU A 480 13.82 12.89 27.20
CA GLU A 480 14.68 13.00 26.04
C GLU A 480 14.03 13.94 25.04
N PHE A 481 14.85 14.76 24.39
CA PHE A 481 14.34 15.64 23.34
C PHE A 481 13.72 14.82 22.23
N LEU A 482 12.52 15.22 21.80
CA LEU A 482 11.81 14.48 20.78
C LEU A 482 12.46 14.71 19.42
N SER A 483 12.73 13.62 18.69
CA SER A 483 13.37 13.70 17.40
C SER A 483 12.82 12.62 16.49
N SER A 484 12.93 12.86 15.18
CA SER A 484 12.45 11.90 14.21
C SER A 484 13.32 10.65 14.14
N THR A 485 14.52 10.67 14.72
CA THR A 485 15.37 9.49 14.74
C THR A 485 15.04 8.54 15.88
N SER A 486 14.20 8.95 16.82
CA SER A 486 13.85 8.08 17.93
C SER A 486 13.02 6.90 17.44
N PRO A 487 13.22 5.72 18.00
CA PRO A 487 12.38 4.57 17.58
C PRO A 487 10.91 4.76 17.91
N LEU A 488 10.60 5.06 19.17
CA LEU A 488 9.25 5.41 19.57
C LEU A 488 9.06 6.91 19.52
N LEU A 489 7.81 7.33 19.30
CA LEU A 489 7.47 8.74 19.11
C LEU A 489 8.27 9.33 17.96
N PRO A 490 8.02 8.93 16.72
CA PRO A 490 8.80 9.41 15.57
C PRO A 490 8.41 10.83 15.12
N VAL A 491 8.32 11.75 16.08
CA VAL A 491 8.02 13.14 15.80
C VAL A 491 8.99 14.01 16.57
N ASP A 492 9.20 15.22 16.06
CA ASP A 492 10.08 16.18 16.69
C ASP A 492 9.29 16.96 17.75
N TYR A 493 9.89 18.02 18.29
CA TYR A 493 9.22 18.79 19.33
C TYR A 493 8.05 19.59 18.77
N GLU A 494 8.21 20.16 17.58
CA GLU A 494 7.18 21.04 17.04
C GLU A 494 5.90 20.29 16.75
N GLU A 495 6.00 19.12 16.11
CA GLU A 495 4.80 18.36 15.78
C GLU A 495 4.10 17.85 17.04
N PHE A 496 4.87 17.40 18.04
CA PHE A 496 4.27 16.96 19.29
C PHE A 496 3.55 18.09 19.99
N VAL A 497 4.14 19.29 19.98
CA VAL A 497 3.47 20.45 20.57
C VAL A 497 2.19 20.77 19.81
N ARG A 498 2.25 20.74 18.48
CA ARG A 498 1.06 20.99 17.68
C ARG A 498 -0.03 19.94 17.89
N GLY A 499 0.35 18.73 18.30
CA GLY A 499 -0.63 17.67 18.49
C GLY A 499 -1.39 17.72 19.80
N CYS A 500 -0.82 18.32 20.82
CA CYS A 500 -1.47 18.35 22.13
C CYS A 500 -2.69 19.26 22.11
N HIS A 501 -3.41 19.30 23.23
CA HIS A 501 -4.62 20.10 23.35
C HIS A 501 -4.45 21.34 24.22
N LEU A 502 -3.57 21.29 25.22
CA LEU A 502 -3.38 22.44 26.11
C LEU A 502 -2.04 22.28 26.82
N GLY A 503 -1.16 23.27 26.67
CA GLY A 503 0.12 23.25 27.35
C GLY A 503 0.05 24.00 28.66
N VAL A 504 0.49 23.34 29.72
CA VAL A 504 0.45 23.89 31.07
C VAL A 504 1.85 24.32 31.45
N PHE A 505 2.05 25.62 31.66
CA PHE A 505 3.36 26.18 31.99
C PHE A 505 3.22 27.06 33.22
N PRO A 506 3.08 26.47 34.40
CA PRO A 506 3.00 27.28 35.64
C PRO A 506 4.39 27.69 36.12
N SER A 507 5.02 28.58 35.35
CA SER A 507 6.37 29.01 35.66
C SER A 507 6.40 29.81 36.97
N TYR A 508 7.51 29.68 37.69
CA TYR A 508 7.72 30.39 38.94
C TYR A 508 8.79 31.48 38.81
N TYR A 509 9.98 31.13 38.33
CA TYR A 509 11.05 32.08 38.10
C TYR A 509 11.45 31.96 36.62
N GLU A 510 10.75 32.69 35.77
CA GLU A 510 10.99 32.65 34.33
C GLU A 510 11.09 34.08 33.83
N PRO A 511 12.26 34.52 33.36
CA PRO A 511 12.41 35.92 32.94
C PRO A 511 11.45 36.34 31.84
N TRP A 512 11.52 35.68 30.68
CA TRP A 512 10.60 35.98 29.59
C TRP A 512 9.69 34.81 29.25
N GLY A 513 10.26 33.65 28.94
CA GLY A 513 9.45 32.50 28.57
C GLY A 513 9.30 32.36 27.07
N TYR A 514 9.99 31.39 26.48
CA TYR A 514 9.92 31.14 25.05
C TYR A 514 8.92 30.05 24.68
N THR A 515 8.84 28.99 25.49
CA THR A 515 7.93 27.89 25.17
C THR A 515 6.46 28.31 25.13
N PRO A 516 5.93 29.08 26.10
CA PRO A 516 4.52 29.49 25.95
C PRO A 516 4.30 30.37 24.73
N ALA A 517 5.26 31.21 24.39
CA ALA A 517 5.15 32.01 23.17
C ALA A 517 5.12 31.12 21.94
N GLU A 518 5.98 30.10 21.90
CA GLU A 518 5.97 29.17 20.78
C GLU A 518 4.64 28.45 20.68
N CYS A 519 4.08 28.02 21.82
CA CYS A 519 2.78 27.37 21.80
C CYS A 519 1.69 28.30 21.29
N THR A 520 1.73 29.56 21.73
CA THR A 520 0.74 30.53 21.28
C THR A 520 0.84 30.76 19.77
N VAL A 521 2.07 30.84 19.25
CA VAL A 521 2.25 30.98 17.81
C VAL A 521 1.72 29.75 17.08
N MET A 522 1.97 28.56 17.63
CA MET A 522 1.49 27.34 16.99
C MET A 522 -0.03 27.28 16.94
N GLY A 523 -0.71 27.94 17.87
CA GLY A 523 -2.16 28.01 17.84
C GLY A 523 -2.83 27.07 18.82
N ILE A 524 -2.31 26.99 20.04
CA ILE A 524 -2.92 26.17 21.07
C ILE A 524 -3.07 26.99 22.36
N PRO A 525 -4.07 26.69 23.19
CA PRO A 525 -4.19 27.39 24.47
C PRO A 525 -3.05 27.04 25.41
N SER A 526 -2.81 27.94 26.36
CA SER A 526 -1.72 27.75 27.30
C SER A 526 -2.13 28.28 28.67
N ILE A 527 -1.44 27.81 29.69
CA ILE A 527 -1.63 28.26 31.07
C ILE A 527 -0.30 28.81 31.56
N SER A 528 -0.31 30.07 31.98
CA SER A 528 0.90 30.74 32.43
C SER A 528 0.60 31.52 33.71
N THR A 529 1.63 32.17 34.25
CA THR A 529 1.49 32.95 35.47
C THR A 529 2.02 34.35 35.24
N ASN A 530 1.53 35.29 36.04
CA ASN A 530 2.03 36.66 35.98
C ASN A 530 3.48 36.75 36.39
N LEU A 531 3.99 35.76 37.12
CA LEU A 531 5.40 35.74 37.46
C LEU A 531 6.27 35.63 36.21
N SER A 532 5.85 34.80 35.26
CA SER A 532 6.58 34.68 34.00
C SER A 532 6.46 35.97 33.19
N GLY A 533 7.50 36.23 32.39
CA GLY A 533 7.49 37.43 31.57
C GLY A 533 6.36 37.43 30.55
N PHE A 534 6.12 36.27 29.93
CA PHE A 534 5.07 36.19 28.92
C PHE A 534 3.69 36.44 29.53
N GLY A 535 3.44 35.86 30.71
CA GLY A 535 2.16 36.08 31.36
C GLY A 535 1.93 37.54 31.74
N CYS A 536 2.96 38.17 32.30
CA CYS A 536 2.85 39.58 32.66
C CYS A 536 2.65 40.45 31.41
N PHE A 537 3.37 40.14 30.34
CA PHE A 537 3.22 40.90 29.10
C PHE A 537 1.81 40.77 28.53
N MET A 538 1.27 39.55 28.54
CA MET A 538 -0.07 39.34 28.00
C MET A 538 -1.13 39.97 28.86
N GLU A 539 -0.94 39.92 30.19
CA GLU A 539 -1.95 40.44 31.11
C GLU A 539 -2.14 41.94 31.00
N GLU A 540 -1.16 42.67 30.48
CA GLU A 540 -1.20 44.12 30.44
C GLU A 540 -1.46 44.67 29.03
N HIS A 541 -1.82 43.81 28.08
CA HIS A 541 -2.07 44.27 26.72
C HIS A 541 -3.44 43.86 26.22
N ILE A 542 -3.98 42.76 26.73
CA ILE A 542 -5.29 42.26 26.32
C ILE A 542 -6.16 42.13 27.57
N ALA A 543 -7.32 42.78 27.53
CA ALA A 543 -8.25 42.69 28.65
C ALA A 543 -8.96 41.35 28.66
N ASP A 544 -9.27 40.87 29.86
CA ASP A 544 -9.93 39.58 30.09
C ASP A 544 -9.20 38.46 29.37
N PRO A 545 -8.00 38.08 29.83
CA PRO A 545 -7.24 37.01 29.17
C PRO A 545 -7.72 35.61 29.58
N SER A 546 -8.99 35.34 29.33
CA SER A 546 -9.54 34.02 29.60
C SER A 546 -10.29 33.50 28.38
N ALA A 547 -10.87 34.41 27.60
CA ALA A 547 -11.59 34.03 26.40
C ALA A 547 -10.66 33.67 25.26
N TYR A 548 -9.40 34.09 25.32
CA TYR A 548 -8.42 33.79 24.28
C TYR A 548 -7.60 32.55 24.59
N GLY A 549 -7.85 31.89 25.72
CA GLY A 549 -7.19 30.64 26.04
C GLY A 549 -5.90 30.77 26.81
N ILE A 550 -5.42 31.98 27.08
CA ILE A 550 -4.18 32.16 27.85
C ILE A 550 -4.59 32.28 29.31
N TYR A 551 -4.77 31.13 29.95
CA TYR A 551 -5.23 31.10 31.33
C TYR A 551 -4.10 31.58 32.24
N ILE A 552 -4.29 32.73 32.87
CA ILE A 552 -3.29 33.32 33.73
C ILE A 552 -3.57 32.91 35.17
N LEU A 553 -2.50 32.72 35.94
CA LEU A 553 -2.58 32.39 37.35
C LEU A 553 -2.11 33.58 38.18
N ASP A 554 -2.05 33.38 39.49
CA ASP A 554 -1.55 34.40 40.41
C ASP A 554 -0.72 33.68 41.48
N ARG A 555 0.59 33.58 41.23
CA ARG A 555 1.52 33.00 42.19
C ARG A 555 2.30 34.06 42.94
N ARG A 556 1.95 35.33 42.77
CA ARG A 556 2.64 36.43 43.43
C ARG A 556 1.94 36.86 44.72
N PHE A 557 0.62 36.98 44.70
CA PHE A 557 -0.15 37.43 45.85
C PHE A 557 -0.95 36.32 46.50
N ARG A 558 -0.73 35.06 46.10
CA ARG A 558 -1.48 33.94 46.63
C ARG A 558 -0.52 32.85 47.10
N SER A 559 -0.99 32.04 48.04
CA SER A 559 -0.21 30.93 48.56
C SER A 559 -0.20 29.78 47.56
N LEU A 560 0.58 28.75 47.90
CA LEU A 560 0.71 27.59 47.02
C LEU A 560 -0.62 26.85 46.88
N ASP A 561 -1.36 26.71 47.99
CA ASP A 561 -2.64 26.02 47.93
C ASP A 561 -3.64 26.75 47.05
N ASP A 562 -3.69 28.08 47.18
CA ASP A 562 -4.60 28.85 46.32
C ASP A 562 -4.23 28.70 44.85
N SER A 563 -2.93 28.75 44.54
CA SER A 563 -2.50 28.61 43.15
C SER A 563 -2.86 27.23 42.60
N CYS A 564 -2.63 26.17 43.38
CA CYS A 564 -2.92 24.83 42.89
C CYS A 564 -4.42 24.62 42.74
N SER A 565 -5.21 25.17 43.66
CA SER A 565 -6.66 25.07 43.53
C SER A 565 -7.16 25.81 42.29
N GLN A 566 -6.60 26.99 42.02
CA GLN A 566 -6.99 27.73 40.82
C GLN A 566 -6.57 26.96 39.56
N LEU A 567 -5.40 26.35 39.58
CA LEU A 567 -4.96 25.54 38.44
C LEU A 567 -5.89 24.35 38.22
N THR A 568 -6.31 23.70 39.31
CA THR A 568 -7.24 22.59 39.18
C THR A 568 -8.58 23.06 38.62
N SER A 569 -9.05 24.22 39.07
CA SER A 569 -10.29 24.78 38.53
C SER A 569 -10.16 25.07 37.05
N PHE A 570 -9.02 25.63 36.63
CA PHE A 570 -8.79 25.89 35.22
C PHE A 570 -8.76 24.60 34.41
N LEU A 571 -8.12 23.57 34.95
CA LEU A 571 -8.07 22.29 34.26
C LEU A 571 -9.46 21.69 34.09
N TYR A 572 -10.28 21.74 35.15
CA TYR A 572 -11.64 21.25 35.04
C TYR A 572 -12.45 22.06 34.04
N SER A 573 -12.27 23.38 34.05
CA SER A 573 -12.97 24.23 33.10
C SER A 573 -12.59 23.86 31.67
N PHE A 574 -11.30 23.60 31.42
CA PHE A 574 -10.89 23.17 30.09
C PHE A 574 -11.51 21.82 29.74
N CYS A 575 -11.56 20.91 30.71
CA CYS A 575 -12.19 19.61 30.46
C CYS A 575 -13.68 19.74 30.19
N GLN A 576 -14.31 20.83 30.63
CA GLN A 576 -15.76 20.97 30.51
C GLN A 576 -16.22 21.31 29.09
N GLN A 577 -15.40 21.99 28.29
CA GLN A 577 -15.88 22.44 26.99
C GLN A 577 -16.06 21.26 26.03
N SER A 578 -16.82 21.52 24.98
CA SER A 578 -17.03 20.54 23.92
C SER A 578 -15.97 20.73 22.83
N ARG A 579 -16.07 19.90 21.79
CA ARG A 579 -15.11 20.00 20.68
C ARG A 579 -15.23 21.33 19.95
N ARG A 580 -16.46 21.80 19.71
CA ARG A 580 -16.65 23.06 19.04
CA ARG A 580 -16.64 23.07 19.03
C ARG A 580 -16.06 24.21 19.84
N GLN A 581 -16.25 24.20 21.15
CA GLN A 581 -15.69 25.26 21.99
C GLN A 581 -14.17 25.23 21.96
N ARG A 582 -13.57 24.04 21.95
CA ARG A 582 -12.12 23.93 21.84
C ARG A 582 -11.62 24.47 20.50
N ILE A 583 -12.36 24.19 19.42
CA ILE A 583 -12.00 24.73 18.11
C ILE A 583 -12.05 26.26 18.13
N ILE A 584 -13.10 26.81 18.74
CA ILE A 584 -13.19 28.27 18.88
C ILE A 584 -11.99 28.82 19.65
N GLN A 585 -11.65 28.17 20.75
CA GLN A 585 -10.55 28.65 21.59
C GLN A 585 -9.23 28.64 20.82
N ARG A 586 -8.95 27.55 20.10
CA ARG A 586 -7.71 27.47 19.34
C ARG A 586 -7.69 28.48 18.20
N ASN A 587 -8.83 28.66 17.51
CA ASN A 587 -8.89 29.63 16.44
C ASN A 587 -8.62 31.04 16.94
N ARG A 588 -9.20 31.39 18.09
CA ARG A 588 -8.97 32.73 18.64
CA ARG A 588 -8.97 32.73 18.64
C ARG A 588 -7.53 32.89 19.12
N THR A 589 -6.96 31.84 19.73
CA THR A 589 -5.59 31.93 20.20
C THR A 589 -4.60 32.03 19.04
N GLU A 590 -4.97 31.51 17.87
CA GLU A 590 -4.08 31.61 16.71
C GLU A 590 -3.85 33.07 16.30
N ARG A 591 -4.90 33.90 16.38
CA ARG A 591 -4.80 35.28 15.93
C ARG A 591 -3.85 36.12 16.77
N LEU A 592 -3.42 35.64 17.93
CA LEU A 592 -2.53 36.41 18.79
C LEU A 592 -1.06 36.28 18.40
N SER A 593 -0.75 35.56 17.33
CA SER A 593 0.64 35.44 16.89
C SER A 593 1.19 36.78 16.43
N ASP A 594 0.34 37.64 15.87
CA ASP A 594 0.82 38.94 15.39
C ASP A 594 1.32 39.81 16.53
N LEU A 595 0.82 39.59 17.75
CA LEU A 595 1.27 40.38 18.89
C LEU A 595 2.73 40.10 19.22
N LEU A 596 3.17 38.85 19.12
CA LEU A 596 4.52 38.47 19.49
C LEU A 596 5.52 38.61 18.36
N ASP A 597 5.09 38.97 17.16
CA ASP A 597 6.00 39.12 16.03
C ASP A 597 6.87 40.35 16.21
N TRP A 598 8.05 40.32 15.58
CA TRP A 598 8.97 41.45 15.68
C TRP A 598 8.41 42.71 15.04
N LYS A 599 7.47 42.57 14.11
CA LYS A 599 6.87 43.74 13.48
C LYS A 599 6.21 44.65 14.50
N TYR A 600 5.74 44.09 15.61
CA TYR A 600 5.16 44.89 16.68
C TYR A 600 6.15 45.19 17.80
N LEU A 601 7.11 44.31 18.06
CA LEU A 601 8.06 44.52 19.14
C LEU A 601 9.20 45.47 18.77
N GLY A 602 9.37 45.79 17.49
CA GLY A 602 10.41 46.73 17.10
C GLY A 602 10.15 48.15 17.56
N ARG A 603 8.90 48.47 17.92
CA ARG A 603 8.57 49.81 18.35
C ARG A 603 9.28 50.16 19.66
N TYR A 604 9.38 49.21 20.58
CA TYR A 604 10.08 49.47 21.84
C TYR A 604 11.56 49.73 21.61
N TYR A 605 12.19 48.96 20.73
CA TYR A 605 13.59 49.21 20.41
C TYR A 605 13.77 50.56 19.75
N MET A 606 12.86 50.93 18.85
CA MET A 606 12.94 52.25 18.23
C MET A 606 12.84 53.35 19.29
N SER A 607 11.90 53.21 20.22
CA SER A 607 11.75 54.21 21.28
C SER A 607 12.99 54.29 22.14
N ALA A 608 13.56 53.14 22.51
CA ALA A 608 14.76 53.15 23.34
C ALA A 608 15.93 53.81 22.63
N ARG A 609 16.11 53.50 21.35
CA ARG A 609 17.19 54.10 20.59
C ARG A 609 16.99 55.61 20.45
N HIS A 610 15.76 56.05 20.21
CA HIS A 610 15.50 57.48 20.08
C HIS A 610 15.74 58.21 21.40
N MET A 611 15.31 57.61 22.52
CA MET A 611 15.57 58.22 23.81
C MET A 611 17.07 58.29 24.11
N ALA A 612 17.81 57.24 23.76
CA ALA A 612 19.26 57.27 23.95
C ALA A 612 19.90 58.37 23.10
N LEU A 613 19.47 58.50 21.85
CA LEU A 613 20.02 59.54 20.99
C LEU A 613 19.71 60.93 21.54
N SER A 614 18.49 61.13 22.03
CA SER A 614 18.13 62.43 22.61
C SER A 614 18.96 62.72 23.85
N LYS A 615 19.17 61.70 24.69
CA LYS A 615 19.97 61.91 25.90
C LYS A 615 21.42 62.22 25.57
N ALA A 616 21.98 61.55 24.55
CA ALA A 616 23.39 61.74 24.22
C ALA A 616 23.61 63.08 23.51
N PHE A 617 22.98 63.26 22.37
CA PHE A 617 23.18 64.49 21.59
C PHE A 617 21.89 64.86 20.86
N PRO A 618 21.33 66.04 21.13
CA PRO A 618 20.09 66.51 20.47
C PRO A 618 20.32 66.83 19.00
N SER B 318 45.05 52.29 47.53
CA SER B 318 44.56 51.58 46.37
C SER B 318 45.41 50.33 46.10
N GLU B 319 46.67 50.38 46.50
CA GLU B 319 47.55 49.24 46.34
C GLU B 319 47.05 48.05 47.15
N GLU B 320 46.63 48.28 48.39
CA GLU B 320 46.09 47.20 49.21
C GLU B 320 44.82 46.61 48.61
N ARG B 321 44.19 47.32 47.68
CA ARG B 321 42.98 46.85 47.01
C ARG B 321 43.29 46.03 45.75
N LYS B 322 44.57 45.91 45.37
CA LYS B 322 44.93 45.04 44.25
C LYS B 322 44.55 43.59 44.55
N GLU B 323 45.25 43.00 45.53
CA GLU B 323 45.14 41.57 45.78
C GLU B 323 43.72 41.18 46.18
N ARG B 324 42.96 42.11 46.76
CA ARG B 324 41.59 41.81 47.16
C ARG B 324 40.71 41.46 45.97
N TRP B 325 41.02 41.99 44.78
CA TRP B 325 40.25 41.66 43.58
C TRP B 325 41.08 40.90 42.57
N GLU B 326 42.21 40.33 42.98
CA GLU B 326 43.05 39.53 42.08
C GLU B 326 42.71 38.05 42.18
N GLN B 327 42.81 37.49 43.38
CA GLN B 327 42.51 36.08 43.61
C GLN B 327 41.11 35.85 44.16
N GLY B 328 40.30 36.89 44.27
CA GLY B 328 38.89 36.73 44.56
C GLY B 328 38.47 36.82 46.00
N GLN B 329 39.06 37.74 46.79
CA GLN B 329 38.54 37.98 48.14
C GLN B 329 37.15 38.60 48.08
N ALA B 330 36.98 39.64 47.26
CA ALA B 330 35.71 40.32 47.07
C ALA B 330 35.14 40.81 48.40
N ASP B 331 35.88 41.71 49.04
CA ASP B 331 35.47 42.27 50.31
C ASP B 331 34.19 43.08 50.16
N TYR B 332 33.31 42.97 51.15
CA TYR B 332 31.99 43.60 51.09
C TYR B 332 31.54 44.33 52.34
N MET B 333 32.08 44.02 53.52
CA MET B 333 31.85 44.80 54.73
C MET B 333 33.01 45.74 55.05
N GLY B 334 33.94 45.94 54.13
CA GLY B 334 35.02 46.88 54.31
C GLY B 334 34.68 48.26 53.76
N ALA B 335 35.74 49.02 53.47
CA ALA B 335 35.60 50.36 52.89
C ALA B 335 35.60 50.32 51.37
N ASP B 336 35.32 49.17 50.76
CA ASP B 336 35.31 49.00 49.32
C ASP B 336 33.94 48.56 48.78
N SER B 337 32.87 49.05 49.40
CA SER B 337 31.53 48.71 48.95
C SER B 337 31.25 49.32 47.57
N PHE B 338 30.09 48.99 47.02
CA PHE B 338 29.73 49.47 45.68
C PHE B 338 29.59 50.98 45.64
N ASP B 339 29.05 51.60 46.69
CA ASP B 339 28.92 53.05 46.71
C ASP B 339 30.27 53.75 46.61
N ASN B 340 31.35 53.09 47.08
CA ASN B 340 32.69 53.64 46.89
C ASN B 340 33.05 53.75 45.42
N ILE B 341 32.43 52.93 44.57
CA ILE B 341 32.61 53.08 43.13
C ILE B 341 31.56 54.03 42.56
N LYS B 342 30.35 54.04 43.14
CA LYS B 342 29.28 54.94 42.69
C LYS B 342 29.70 56.39 42.77
N ARG B 343 30.25 56.81 43.91
CA ARG B 343 30.45 58.24 44.10
C ARG B 343 31.63 58.77 43.31
N LYS B 344 32.38 57.92 42.61
CA LYS B 344 33.37 58.37 41.66
C LYS B 344 33.00 58.10 40.21
N LEU B 345 32.12 57.13 39.94
CA LEU B 345 31.64 56.94 38.57
C LEU B 345 30.59 57.98 38.20
N ASP B 346 29.81 58.46 39.17
CA ASP B 346 28.78 59.44 38.87
C ASP B 346 29.39 60.74 38.36
N THR B 347 30.63 61.05 38.76
CA THR B 347 31.30 62.25 38.27
C THR B 347 31.66 62.15 36.80
N TYR B 348 31.63 60.94 36.23
CA TYR B 348 31.98 60.76 34.83
C TYR B 348 30.94 61.32 33.87
N LEU B 349 29.76 61.66 34.36
CA LEU B 349 28.70 62.20 33.49
C LEU B 349 28.00 63.39 34.16
N SER C 318 6.41 -65.79 51.45
CA SER C 318 5.85 -64.79 50.55
C SER C 318 5.26 -63.62 51.33
N GLU C 319 4.84 -63.89 52.57
CA GLU C 319 4.32 -62.82 53.41
C GLU C 319 5.38 -61.78 53.71
N GLU C 320 6.60 -62.22 54.02
CA GLU C 320 7.69 -61.29 54.28
C GLU C 320 8.03 -60.46 53.04
N ARG C 321 7.58 -60.88 51.87
CA ARG C 321 7.79 -60.16 50.63
C ARG C 321 6.70 -59.14 50.34
N LYS C 322 5.65 -59.07 51.15
CA LYS C 322 4.64 -58.03 51.01
C LYS C 322 5.26 -56.64 51.17
N GLU C 323 5.70 -56.36 52.39
CA GLU C 323 6.12 -55.00 52.74
C GLU C 323 7.32 -54.56 51.91
N ARG C 324 8.13 -55.50 51.44
CA ARG C 324 9.29 -55.15 50.64
C ARG C 324 8.91 -54.48 49.33
N TRP C 325 7.71 -54.76 48.80
CA TRP C 325 7.24 -54.11 47.57
C TRP C 325 6.02 -53.25 47.82
N GLU C 326 5.74 -52.90 49.08
CA GLU C 326 4.62 -52.03 49.40
C GLU C 326 5.06 -50.57 49.49
N GLN C 327 6.03 -50.28 50.37
CA GLN C 327 6.54 -48.93 50.55
C GLN C 327 7.82 -48.67 49.78
N GLY C 328 8.28 -49.64 48.98
CA GLY C 328 9.36 -49.39 48.05
C GLY C 328 10.75 -49.73 48.52
N GLN C 329 10.93 -50.84 49.24
CA GLN C 329 12.28 -51.31 49.53
C GLN C 329 13.00 -51.77 48.26
N ALA C 330 12.33 -52.58 47.44
CA ALA C 330 12.86 -53.07 46.18
C ALA C 330 14.21 -53.76 46.38
N ASP C 331 14.18 -54.86 47.14
CA ASP C 331 15.38 -55.62 47.42
C ASP C 331 15.92 -56.25 46.14
N TYR C 332 17.25 -56.26 46.02
CA TYR C 332 17.90 -56.71 44.79
C TYR C 332 19.10 -57.65 44.99
N MET C 333 19.76 -57.64 46.15
CA MET C 333 20.76 -58.63 46.48
C MET C 333 20.24 -59.73 47.40
N GLY C 334 18.93 -59.83 47.58
CA GLY C 334 18.34 -60.90 48.36
C GLY C 334 17.96 -62.08 47.50
N ALA C 335 17.02 -62.88 48.01
CA ALA C 335 16.49 -64.04 47.31
C ALA C 335 15.27 -63.68 46.45
N ASP C 336 15.09 -62.41 46.13
CA ASP C 336 13.95 -61.95 45.34
C ASP C 336 14.38 -61.27 44.03
N SER C 337 15.45 -61.75 43.42
CA SER C 337 15.92 -61.19 42.16
C SER C 337 14.91 -61.48 41.04
N PHE C 338 15.19 -60.91 39.86
CA PHE C 338 14.28 -61.06 38.74
C PHE C 338 14.17 -62.51 38.28
N ASP C 339 15.26 -63.27 38.31
CA ASP C 339 15.21 -64.68 37.93
C ASP C 339 14.25 -65.47 38.81
N ASN C 340 14.05 -65.05 40.06
CA ASN C 340 13.06 -65.69 40.92
C ASN C 340 11.65 -65.52 40.36
N ILE C 341 11.43 -64.49 39.55
CA ILE C 341 10.16 -64.34 38.86
C ILE C 341 10.21 -65.04 37.49
N LYS C 342 11.39 -65.04 36.86
CA LYS C 342 11.57 -65.71 35.57
C LYS C 342 11.22 -67.19 35.64
N ARG C 343 11.77 -67.89 36.65
CA ARG C 343 11.64 -69.35 36.61
C ARG C 343 10.25 -69.82 37.00
N LYS C 344 9.36 -68.92 37.39
CA LYS C 344 7.95 -69.26 37.55
C LYS C 344 7.04 -68.65 36.49
N LEU C 345 7.46 -67.56 35.82
CA LEU C 345 6.66 -67.05 34.72
C LEU C 345 6.87 -67.87 33.45
N ASP C 346 8.07 -68.45 33.28
CA ASP C 346 8.32 -69.25 32.09
C ASP C 346 7.40 -70.46 32.01
N THR C 347 6.97 -70.98 33.17
CA THR C 347 6.05 -72.11 33.19
C THR C 347 4.67 -71.74 32.66
N TYR C 348 4.36 -70.45 32.56
CA TYR C 348 3.05 -70.01 32.09
C TYR C 348 2.84 -70.26 30.60
N LEU C 349 3.89 -70.57 29.86
CA LEU C 349 3.77 -70.80 28.43
C LEU C 349 4.58 -72.02 28.00
N SER D 318 -76.29 27.98 -20.02
CA SER D 318 -75.22 27.25 -19.35
C SER D 318 -75.03 25.86 -19.97
N GLU D 319 -76.13 25.32 -20.53
CA GLU D 319 -76.06 24.02 -21.19
C GLU D 319 -75.12 24.07 -22.38
N GLU D 320 -75.22 25.12 -23.20
CA GLU D 320 -74.34 25.27 -24.34
C GLU D 320 -72.87 25.39 -23.92
N ARG D 321 -72.62 25.70 -22.64
CA ARG D 321 -71.28 25.82 -22.11
C ARG D 321 -70.73 24.49 -21.59
N LYS D 322 -71.53 23.43 -21.59
CA LYS D 322 -71.03 22.12 -21.22
C LYS D 322 -69.94 21.65 -22.17
N GLU D 323 -70.32 21.41 -23.42
CA GLU D 323 -69.41 20.79 -24.38
C GLU D 323 -68.18 21.65 -24.64
N ARG D 324 -68.30 22.96 -24.47
CA ARG D 324 -67.15 23.84 -24.69
C ARG D 324 -66.02 23.57 -23.72
N TRP D 325 -66.31 23.05 -22.53
CA TRP D 325 -65.26 22.70 -21.58
C TRP D 325 -65.20 21.20 -21.31
N GLU D 326 -65.80 20.40 -22.18
CA GLU D 326 -65.76 18.94 -22.04
C GLU D 326 -64.62 18.34 -22.85
N GLN D 327 -64.60 18.58 -24.15
CA GLN D 327 -63.57 18.07 -25.04
C GLN D 327 -62.49 19.10 -25.33
N GLY D 328 -62.54 20.28 -24.71
CA GLY D 328 -61.43 21.19 -24.75
C GLY D 328 -61.49 22.27 -25.82
N GLN D 329 -62.66 22.86 -26.08
CA GLN D 329 -62.71 24.02 -26.95
C GLN D 329 -62.03 25.22 -26.30
N ALA D 330 -62.36 25.49 -25.03
CA ALA D 330 -61.76 26.58 -24.26
C ALA D 330 -61.92 27.92 -24.99
N ASP D 331 -63.18 28.32 -25.16
CA ASP D 331 -63.48 29.57 -25.83
C ASP D 331 -62.98 30.75 -25.01
N TYR D 332 -62.46 31.76 -25.71
CA TYR D 332 -61.82 32.90 -25.06
C TYR D 332 -62.22 34.27 -25.61
N MET D 333 -62.68 34.38 -26.85
CA MET D 333 -63.27 35.61 -27.37
C MET D 333 -64.79 35.61 -27.36
N GLY D 334 -65.41 34.67 -26.67
CA GLY D 334 -66.85 34.64 -26.53
C GLY D 334 -67.31 35.35 -25.28
N ALA D 335 -68.52 34.99 -24.84
CA ALA D 335 -69.10 35.54 -23.62
C ALA D 335 -68.75 34.73 -22.38
N ASP D 336 -67.69 33.92 -22.45
CA ASP D 336 -67.26 33.06 -21.36
C ASP D 336 -65.84 33.36 -20.89
N SER D 337 -65.45 34.64 -20.92
CA SER D 337 -64.13 35.02 -20.47
C SER D 337 -64.00 34.83 -18.96
N PHE D 338 -62.79 35.06 -18.45
CA PHE D 338 -62.51 34.86 -17.03
C PHE D 338 -63.31 35.80 -16.15
N ASP D 339 -63.51 37.05 -16.58
CA ASP D 339 -64.31 37.99 -15.79
C ASP D 339 -65.74 37.50 -15.60
N ASN D 340 -66.26 36.69 -16.54
CA ASN D 340 -67.57 36.09 -16.35
C ASN D 340 -67.59 35.15 -15.15
N ILE D 341 -66.44 34.61 -14.79
CA ILE D 341 -66.34 33.83 -13.57
C ILE D 341 -66.00 34.71 -12.37
N LYS D 342 -65.22 35.77 -12.61
CA LYS D 342 -64.86 36.73 -11.56
C LYS D 342 -66.08 37.36 -10.91
N ARG D 343 -67.00 37.86 -11.74
CA ARG D 343 -68.08 38.67 -11.15
C ARG D 343 -69.12 37.82 -10.46
N LYS D 344 -69.02 36.49 -10.49
CA LYS D 344 -69.84 35.63 -9.65
C LYS D 344 -69.07 34.94 -8.54
N LEU D 345 -67.74 34.78 -8.67
CA LEU D 345 -66.97 34.25 -7.56
C LEU D 345 -66.72 35.30 -6.49
N ASP D 346 -66.63 36.58 -6.88
CA ASP D 346 -66.39 37.63 -5.90
C ASP D 346 -67.53 37.73 -4.89
N THR D 347 -68.74 37.36 -5.30
CA THR D 347 -69.89 37.38 -4.39
C THR D 347 -69.77 36.32 -3.30
N TYR D 348 -68.88 35.33 -3.47
CA TYR D 348 -68.73 34.27 -2.49
C TYR D 348 -68.08 34.74 -1.20
N LEU D 349 -67.49 35.93 -1.18
CA LEU D 349 -66.83 36.44 0.01
C LEU D 349 -67.17 37.91 0.24
N SER E 318 24.82 -14.41 -78.75
CA SER E 318 24.82 -13.95 -77.37
C SER E 318 24.35 -12.50 -77.28
N GLU E 319 24.58 -11.74 -78.36
CA GLU E 319 24.13 -10.35 -78.39
C GLU E 319 22.61 -10.27 -78.30
N GLU E 320 21.90 -11.13 -79.04
CA GLU E 320 20.45 -11.14 -78.98
C GLU E 320 19.94 -11.50 -77.59
N ARG E 321 20.80 -12.08 -76.76
CA ARG E 321 20.45 -12.45 -75.39
C ARG E 321 20.70 -11.32 -74.39
N LYS E 322 21.26 -10.20 -74.83
CA LYS E 322 21.42 -9.04 -73.95
C LYS E 322 20.06 -8.53 -73.48
N GLU E 323 19.28 -8.01 -74.44
CA GLU E 323 18.05 -7.31 -74.10
C GLU E 323 17.04 -8.22 -73.41
N ARG E 324 17.11 -9.53 -73.69
CA ARG E 324 16.19 -10.48 -73.06
C ARG E 324 16.35 -10.52 -71.55
N TRP E 325 17.55 -10.21 -71.02
CA TRP E 325 17.75 -10.18 -69.58
C TRP E 325 18.09 -8.78 -69.09
N GLU E 326 17.81 -7.75 -69.89
CA GLU E 326 18.04 -6.37 -69.47
C GLU E 326 16.79 -5.76 -68.86
N GLN E 327 15.70 -5.73 -69.63
CA GLN E 327 14.43 -5.18 -69.17
C GLN E 327 13.46 -6.24 -68.66
N GLY E 328 13.89 -7.50 -68.59
CA GLY E 328 13.12 -8.52 -67.91
C GLY E 328 12.18 -9.35 -68.75
N GLN E 329 12.59 -9.73 -69.97
CA GLN E 329 11.80 -10.70 -70.73
C GLN E 329 11.81 -12.07 -70.06
N ALA E 330 13.00 -12.55 -69.68
CA ALA E 330 13.18 -13.82 -69.00
C ALA E 330 12.55 -14.97 -69.79
N ASP E 331 13.09 -15.18 -70.99
CA ASP E 331 12.59 -16.23 -71.86
C ASP E 331 12.85 -17.60 -71.24
N TYR E 332 11.88 -18.50 -71.41
CA TYR E 332 11.93 -19.82 -70.77
C TYR E 332 11.57 -21.00 -71.66
N MET E 333 10.82 -20.80 -72.75
CA MET E 333 10.60 -21.84 -73.76
C MET E 333 11.50 -21.68 -74.98
N GLY E 334 12.50 -20.82 -74.92
CA GLY E 334 13.46 -20.66 -76.00
C GLY E 334 14.66 -21.56 -75.84
N ALA E 335 15.75 -21.15 -76.50
CA ALA E 335 17.02 -21.87 -76.42
C ALA E 335 17.90 -21.36 -75.29
N ASP E 336 17.32 -20.66 -74.31
CA ASP E 336 18.05 -20.09 -73.18
C ASP E 336 17.59 -20.64 -71.84
N SER E 337 17.22 -21.92 -71.79
CA SER E 337 16.78 -22.53 -70.55
C SER E 337 17.95 -22.65 -69.59
N PHE E 338 17.65 -23.12 -68.37
CA PHE E 338 18.66 -23.22 -67.33
C PHE E 338 19.75 -24.23 -67.69
N ASP E 339 19.39 -25.34 -68.33
CA ASP E 339 20.39 -26.32 -68.75
C ASP E 339 21.42 -25.72 -69.70
N ASN E 340 21.03 -24.69 -70.47
CA ASN E 340 21.99 -24.00 -71.32
C ASN E 340 23.07 -23.32 -70.48
N ILE E 341 22.77 -23.00 -69.22
CA ILE E 341 23.79 -22.48 -68.32
C ILE E 341 24.47 -23.62 -67.58
N LYS E 342 23.73 -24.69 -67.29
CA LYS E 342 24.27 -25.86 -66.61
C LYS E 342 25.44 -26.47 -67.38
N ARG E 343 25.25 -26.70 -68.69
CA ARG E 343 26.26 -27.48 -69.40
C ARG E 343 27.52 -26.68 -69.69
N LYS E 344 27.56 -25.39 -69.36
CA LYS E 344 28.79 -24.63 -69.39
C LYS E 344 29.32 -24.25 -68.01
N LEU E 345 28.46 -24.23 -66.98
CA LEU E 345 28.99 -24.01 -65.63
C LEU E 345 29.61 -25.27 -65.06
N ASP E 346 29.11 -26.45 -65.46
CA ASP E 346 29.67 -27.70 -64.94
C ASP E 346 31.13 -27.87 -65.34
N THR E 347 31.53 -27.29 -66.48
CA THR E 347 32.92 -27.36 -66.90
C THR E 347 33.84 -26.55 -66.00
N TYR E 348 33.30 -25.66 -65.17
CA TYR E 348 34.11 -24.83 -64.30
C TYR E 348 34.74 -25.62 -63.16
N LEU E 349 34.30 -26.84 -62.91
CA LEU E 349 34.84 -27.65 -61.82
C LEU E 349 35.08 -29.08 -62.27
N LEU F 29 -9.01 -56.11 16.47
CA LEU F 29 -7.73 -55.73 17.04
C LEU F 29 -7.93 -54.68 18.15
N PHE F 30 -7.08 -54.73 19.16
CA PHE F 30 -7.19 -53.86 20.32
C PHE F 30 -5.87 -53.10 20.49
N GLU F 31 -5.95 -51.77 20.50
CA GLU F 31 -4.80 -50.92 20.75
C GLU F 31 -4.91 -50.38 22.17
N VAL F 32 -3.88 -50.64 22.98
CA VAL F 32 -3.88 -50.27 24.39
C VAL F 32 -2.75 -49.27 24.61
N ALA F 33 -3.11 -48.06 25.05
CA ALA F 33 -2.14 -47.01 25.28
C ALA F 33 -2.67 -46.04 26.32
N TRP F 34 -1.76 -45.43 27.07
CA TRP F 34 -2.12 -44.45 28.08
C TRP F 34 -2.24 -43.04 27.53
N GLU F 35 -1.79 -42.81 26.30
CA GLU F 35 -1.77 -41.47 25.71
C GLU F 35 -2.92 -41.24 24.75
N VAL F 36 -4.10 -41.77 25.07
CA VAL F 36 -5.28 -41.56 24.23
C VAL F 36 -6.02 -40.28 24.61
N ALA F 37 -5.99 -39.90 25.89
CA ALA F 37 -6.69 -38.71 26.35
C ALA F 37 -5.77 -37.55 26.70
N ASN F 38 -4.48 -37.81 26.93
CA ASN F 38 -3.53 -36.77 27.29
C ASN F 38 -2.38 -36.74 26.29
N LYS F 39 -1.93 -35.53 25.96
CA LYS F 39 -0.80 -35.33 25.06
C LYS F 39 0.43 -35.02 25.89
N VAL F 40 1.05 -36.08 26.42
CA VAL F 40 2.24 -35.95 27.24
C VAL F 40 3.46 -36.30 26.40
N GLY F 41 3.26 -37.17 25.41
CA GLY F 41 4.34 -37.57 24.52
C GLY F 41 3.94 -37.56 23.07
N GLY F 42 4.84 -38.00 22.19
CA GLY F 42 4.58 -38.05 20.78
C GLY F 42 3.77 -39.24 20.31
N ILE F 43 3.40 -40.14 21.23
CA ILE F 43 2.59 -41.29 20.86
C ILE F 43 1.22 -40.86 20.36
N TYR F 44 0.74 -39.71 20.82
CA TYR F 44 -0.59 -39.25 20.42
C TYR F 44 -0.69 -39.06 18.92
N THR F 45 0.24 -38.30 18.34
CA THR F 45 0.19 -38.07 16.90
C THR F 45 0.51 -39.33 16.11
N VAL F 46 1.38 -40.20 16.64
CA VAL F 46 1.67 -41.45 15.98
C VAL F 46 0.41 -42.31 15.85
N LEU F 47 -0.32 -42.45 16.96
CA LEU F 47 -1.55 -43.22 16.92
C LEU F 47 -2.60 -42.55 16.04
N GLN F 48 -2.68 -41.22 16.11
CA GLN F 48 -3.66 -40.50 15.29
C GLN F 48 -3.40 -40.72 13.80
N THR F 49 -2.13 -40.71 13.39
CA THR F 49 -1.80 -40.92 11.99
C THR F 49 -1.99 -42.38 11.60
N LYS F 50 -1.65 -43.31 12.50
CA LYS F 50 -1.78 -44.73 12.19
C LYS F 50 -3.23 -45.20 12.18
N ALA F 51 -4.13 -44.44 12.80
CA ALA F 51 -5.52 -44.85 12.87
C ALA F 51 -6.13 -44.99 11.47
N LYS F 52 -5.79 -44.07 10.57
CA LYS F 52 -6.36 -44.11 9.22
C LYS F 52 -6.03 -45.42 8.52
N VAL F 53 -4.74 -45.77 8.47
CA VAL F 53 -4.33 -46.98 7.76
C VAL F 53 -4.83 -48.23 8.48
N THR F 54 -4.81 -48.21 9.82
CA THR F 54 -5.27 -49.39 10.56
C THR F 54 -6.76 -49.63 10.32
N GLY F 55 -7.56 -48.56 10.32
CA GLY F 55 -8.97 -48.70 10.02
C GLY F 55 -9.22 -49.15 8.60
N ASP F 56 -8.48 -48.59 7.64
CA ASP F 56 -8.62 -49.01 6.26
C ASP F 56 -8.28 -50.49 6.10
N GLU F 57 -7.33 -50.99 6.89
CA GLU F 57 -6.98 -52.41 6.83
C GLU F 57 -8.03 -53.29 7.48
N TRP F 58 -8.53 -52.89 8.66
CA TRP F 58 -9.34 -53.78 9.48
C TRP F 58 -10.83 -53.52 9.38
N GLY F 59 -11.27 -52.61 8.50
CA GLY F 59 -12.70 -52.41 8.37
C GLY F 59 -13.28 -51.79 9.63
N ASP F 60 -14.33 -52.42 10.16
CA ASP F 60 -15.01 -51.96 11.36
C ASP F 60 -14.57 -52.70 12.62
N ASN F 61 -13.56 -53.56 12.51
CA ASN F 61 -13.10 -54.34 13.65
C ASN F 61 -12.02 -53.64 14.46
N TYR F 62 -11.67 -52.41 14.10
CA TYR F 62 -10.60 -51.68 14.78
C TYR F 62 -11.14 -51.00 16.03
N PHE F 63 -10.75 -51.51 17.19
CA PHE F 63 -11.08 -50.90 18.46
C PHE F 63 -9.79 -50.45 19.16
N LEU F 64 -9.90 -49.37 19.91
CA LEU F 64 -8.77 -48.82 20.65
C LEU F 64 -9.16 -48.66 22.11
N VAL F 65 -8.22 -48.97 23.00
CA VAL F 65 -8.45 -48.94 24.44
C VAL F 65 -7.59 -47.83 25.04
N GLY F 66 -8.21 -46.97 25.83
CA GLY F 66 -7.51 -45.90 26.49
C GLY F 66 -8.18 -45.46 27.77
N PRO F 67 -7.42 -44.81 28.65
CA PRO F 67 -7.99 -44.35 29.93
C PRO F 67 -8.95 -43.19 29.72
N TYR F 68 -9.87 -43.04 30.67
CA TYR F 68 -10.84 -41.96 30.65
C TYR F 68 -10.32 -40.79 31.50
N THR F 69 -10.30 -39.60 30.90
CA THR F 69 -9.83 -38.40 31.57
C THR F 69 -10.90 -37.33 31.47
N GLU F 70 -11.09 -36.59 32.57
CA GLU F 70 -12.10 -35.54 32.58
C GLU F 70 -11.76 -34.43 31.59
N GLN F 71 -10.48 -34.16 31.38
CA GLN F 71 -10.06 -33.11 30.45
C GLN F 71 -10.04 -33.57 29.00
N GLY F 72 -10.25 -34.86 28.74
CA GLY F 72 -10.17 -35.37 27.38
C GLY F 72 -11.49 -35.91 26.85
N VAL F 73 -12.59 -35.27 27.23
CA VAL F 73 -13.91 -35.72 26.78
C VAL F 73 -14.71 -34.55 26.22
N ARG F 74 -14.18 -33.33 26.41
CA ARG F 74 -14.91 -32.14 25.97
C ARG F 74 -14.81 -31.97 24.46
N THR F 75 -13.60 -31.76 23.95
CA THR F 75 -13.37 -31.59 22.52
C THR F 75 -12.35 -32.58 22.02
N GLN F 76 -12.27 -33.74 22.65
CA GLN F 76 -11.29 -34.77 22.31
C GLN F 76 -11.90 -36.07 21.83
N VAL F 77 -13.15 -36.37 22.21
CA VAL F 77 -13.81 -37.60 21.80
C VAL F 77 -15.31 -37.37 21.79
N GLU F 78 -15.97 -37.89 20.77
CA GLU F 78 -17.43 -37.86 20.68
C GLU F 78 -17.97 -39.09 21.38
N LEU F 79 -18.54 -38.91 22.56
CA LEU F 79 -19.07 -40.03 23.34
C LEU F 79 -20.31 -40.59 22.67
N LEU F 80 -20.38 -41.91 22.55
CA LEU F 80 -21.51 -42.61 21.94
C LEU F 80 -22.25 -43.35 23.03
N GLU F 81 -23.38 -42.79 23.47
CA GLU F 81 -24.19 -43.45 24.48
C GLU F 81 -24.88 -44.70 23.92
N ALA F 82 -25.10 -44.73 22.61
CA ALA F 82 -25.72 -45.90 22.00
C ALA F 82 -24.77 -47.09 22.08
N PRO F 83 -25.29 -48.30 22.30
CA PRO F 83 -24.42 -49.47 22.35
C PRO F 83 -23.77 -49.76 21.01
N THR F 84 -22.63 -50.43 21.06
CA THR F 84 -21.95 -50.84 19.85
C THR F 84 -22.86 -51.78 19.05
N PRO F 85 -23.02 -51.58 17.74
CA PRO F 85 -23.93 -52.45 16.98
C PRO F 85 -23.58 -53.92 17.04
N ALA F 86 -22.29 -54.26 17.16
CA ALA F 86 -21.86 -55.64 17.25
C ALA F 86 -21.54 -56.06 18.69
N LEU F 87 -21.86 -55.22 19.67
CA LEU F 87 -21.48 -55.51 21.05
C LEU F 87 -22.43 -54.77 21.99
N LYS F 88 -23.29 -55.52 22.67
CA LYS F 88 -24.30 -54.93 23.55
C LYS F 88 -24.22 -55.48 24.97
N ARG F 89 -23.95 -56.76 25.13
CA ARG F 89 -24.05 -57.42 26.43
C ARG F 89 -22.87 -57.08 27.34
N THR F 90 -21.66 -56.95 26.79
CA THR F 90 -20.50 -56.73 27.64
C THR F 90 -20.54 -55.36 28.29
N LEU F 91 -20.97 -54.34 27.56
CA LEU F 91 -21.08 -53.01 28.15
C LEU F 91 -22.11 -52.98 29.27
N ASP F 92 -23.24 -53.65 29.06
CA ASP F 92 -24.26 -53.72 30.11
C ASP F 92 -23.73 -54.45 31.34
N SER F 93 -23.02 -55.56 31.14
CA SER F 93 -22.46 -56.29 32.27
C SER F 93 -21.43 -55.43 33.01
N MET F 94 -20.58 -54.72 32.26
CA MET F 94 -19.55 -53.89 32.89
C MET F 94 -20.18 -52.76 33.70
N ASN F 95 -21.20 -52.11 33.13
CA ASN F 95 -21.87 -51.03 33.85
C ASN F 95 -22.61 -51.54 35.09
N SER F 96 -23.24 -52.71 34.98
CA SER F 96 -24.00 -53.24 36.10
C SER F 96 -23.09 -53.74 37.22
N LYS F 97 -21.85 -54.12 36.90
CA LYS F 97 -20.94 -54.67 37.89
C LYS F 97 -20.18 -53.61 38.67
N GLY F 98 -20.40 -52.33 38.38
CA GLY F 98 -19.80 -51.27 39.17
C GLY F 98 -18.88 -50.34 38.41
N CYS F 99 -18.05 -50.90 37.53
CA CYS F 99 -17.12 -50.08 36.77
C CYS F 99 -17.87 -49.27 35.71
N LYS F 100 -17.31 -48.10 35.39
CA LYS F 100 -17.89 -47.18 34.42
C LYS F 100 -16.98 -47.11 33.20
N VAL F 101 -17.54 -47.38 32.02
CA VAL F 101 -16.82 -47.31 30.77
C VAL F 101 -17.65 -46.50 29.77
N TYR F 102 -16.97 -45.97 28.76
CA TYR F 102 -17.62 -45.18 27.74
C TYR F 102 -17.15 -45.62 26.36
N PHE F 103 -18.05 -45.55 25.39
CA PHE F 103 -17.74 -45.84 23.99
C PHE F 103 -17.85 -44.54 23.20
N GLY F 104 -17.11 -44.45 22.10
CA GLY F 104 -17.25 -43.28 21.25
C GLY F 104 -16.28 -43.29 20.10
N ARG F 105 -16.17 -42.13 19.46
CA ARG F 105 -15.31 -41.91 18.30
C ARG F 105 -14.23 -40.90 18.68
N TRP F 106 -12.98 -41.29 18.48
CA TRP F 106 -11.88 -40.36 18.69
C TRP F 106 -11.93 -39.25 17.67
N LEU F 107 -11.68 -38.01 18.13
CA LEU F 107 -11.74 -36.84 17.25
C LEU F 107 -10.43 -36.68 16.48
N ILE F 108 -10.15 -37.69 15.65
CA ILE F 108 -8.95 -37.75 14.82
C ILE F 108 -9.37 -38.20 13.42
N GLU F 109 -8.38 -38.36 12.55
CA GLU F 109 -8.63 -38.77 11.18
C GLU F 109 -9.09 -40.23 11.12
N GLY F 110 -9.79 -40.56 10.05
CA GLY F 110 -10.32 -41.90 9.87
C GLY F 110 -11.50 -42.17 10.79
N GLY F 111 -11.91 -43.43 10.81
CA GLY F 111 -12.94 -43.87 11.71
C GLY F 111 -12.39 -44.66 12.88
N PRO F 112 -12.26 -44.00 14.04
CA PRO F 112 -11.81 -44.71 15.24
C PRO F 112 -12.98 -45.15 16.12
N LEU F 113 -12.85 -46.32 16.74
CA LEU F 113 -13.85 -46.83 17.68
C LEU F 113 -13.16 -46.97 19.03
N VAL F 114 -13.26 -45.93 19.86
CA VAL F 114 -12.46 -45.82 21.08
C VAL F 114 -13.33 -46.14 22.29
N VAL F 115 -12.69 -46.73 23.30
CA VAL F 115 -13.30 -46.99 24.60
C VAL F 115 -12.47 -46.26 25.66
N LEU F 116 -13.17 -45.59 26.56
CA LEU F 116 -12.54 -44.87 27.67
C LEU F 116 -12.91 -45.55 28.98
N LEU F 117 -11.90 -45.87 29.77
CA LEU F 117 -12.08 -46.56 31.04
C LEU F 117 -11.68 -45.63 32.18
N ASP F 118 -12.59 -45.40 33.12
CA ASP F 118 -12.32 -44.51 34.22
C ASP F 118 -11.31 -45.12 35.18
N VAL F 119 -10.44 -44.28 35.74
CA VAL F 119 -9.43 -44.73 36.70
C VAL F 119 -9.97 -44.76 38.12
N GLY F 120 -11.07 -44.08 38.40
CA GLY F 120 -11.63 -44.08 39.74
C GLY F 120 -12.89 -44.90 39.86
N ALA F 121 -13.38 -45.43 38.74
CA ALA F 121 -14.59 -46.24 38.76
C ALA F 121 -14.38 -47.53 39.54
N SER F 122 -13.21 -48.17 39.40
CA SER F 122 -12.89 -49.40 40.09
C SER F 122 -11.72 -49.22 41.05
N ALA F 123 -11.65 -48.06 41.69
CA ALA F 123 -10.60 -47.77 42.66
C ALA F 123 -10.89 -48.36 44.04
N TRP F 124 -11.98 -49.11 44.17
CA TRP F 124 -12.39 -49.71 45.44
C TRP F 124 -11.92 -51.16 45.59
N ALA F 125 -11.18 -51.69 44.63
CA ALA F 125 -10.74 -53.08 44.66
C ALA F 125 -9.26 -53.18 44.34
N LEU F 126 -8.48 -52.16 44.69
CA LEU F 126 -7.04 -52.22 44.48
C LEU F 126 -6.40 -53.26 45.37
N GLU F 127 -6.86 -53.38 46.62
CA GLU F 127 -6.30 -54.33 47.56
C GLU F 127 -6.55 -55.77 47.10
N ARG F 128 -7.79 -56.08 46.71
CA ARG F 128 -8.10 -57.41 46.21
C ARG F 128 -7.31 -57.72 44.94
N TRP F 129 -7.24 -56.74 44.04
CA TRP F 129 -6.53 -56.96 42.78
C TRP F 129 -5.05 -57.25 43.01
N LYS F 130 -4.41 -56.47 43.88
CA LYS F 130 -2.99 -56.74 44.15
C LYS F 130 -2.79 -57.98 44.99
N GLY F 131 -3.80 -58.39 45.77
CA GLY F 131 -3.73 -59.66 46.45
C GLY F 131 -3.74 -60.83 45.48
N GLU F 132 -4.58 -60.76 44.45
CA GLU F 132 -4.59 -61.77 43.41
C GLU F 132 -3.59 -61.47 42.30
N LEU F 133 -2.83 -60.39 42.40
CA LEU F 133 -1.76 -60.09 41.45
C LEU F 133 -0.42 -60.64 41.90
N TRP F 134 -0.31 -61.11 43.14
CA TRP F 134 0.98 -61.62 43.62
C TRP F 134 1.41 -62.87 42.85
N ASP F 135 0.47 -63.76 42.57
CA ASP F 135 0.76 -65.00 41.85
C ASP F 135 0.80 -64.80 40.33
N THR F 136 0.38 -63.65 39.82
CA THR F 136 0.44 -63.35 38.40
C THR F 136 1.56 -62.32 38.20
N CYS F 137 2.62 -62.76 37.52
CA CYS F 137 3.80 -61.99 37.10
C CYS F 137 4.57 -61.40 38.28
N ASN F 138 4.11 -61.60 39.51
CA ASN F 138 4.83 -61.25 40.73
C ASN F 138 5.41 -59.84 40.66
N ILE F 139 4.51 -58.86 40.60
CA ILE F 139 4.89 -57.45 40.52
C ILE F 139 4.36 -56.73 41.75
N GLY F 140 5.19 -55.87 42.32
CA GLY F 140 4.80 -55.04 43.45
C GLY F 140 4.95 -53.58 43.10
N VAL F 141 4.02 -52.76 43.60
CA VAL F 141 3.99 -51.34 43.25
C VAL F 141 3.98 -50.50 44.52
N PRO F 142 4.83 -49.47 44.62
CA PRO F 142 4.78 -48.58 45.78
C PRO F 142 3.42 -47.90 45.91
N TRP F 143 3.01 -47.67 47.15
CA TRP F 143 1.71 -47.08 47.42
C TRP F 143 1.68 -45.57 47.17
N TYR F 144 2.83 -44.91 47.13
CA TYR F 144 2.88 -43.46 46.97
C TYR F 144 3.05 -43.02 45.52
N ASP F 145 3.09 -43.95 44.58
CA ASP F 145 3.17 -43.62 43.15
C ASP F 145 1.78 -43.80 42.55
N ARG F 146 1.06 -42.69 42.40
CA ARG F 146 -0.31 -42.76 41.89
C ARG F 146 -0.34 -43.21 40.44
N GLU F 147 0.66 -42.82 39.64
CA GLU F 147 0.64 -43.19 38.22
C GLU F 147 0.81 -44.69 38.04
N ALA F 148 1.70 -45.32 38.83
CA ALA F 148 1.87 -46.76 38.72
C ALA F 148 0.62 -47.51 39.14
N ASN F 149 -0.04 -47.06 40.22
CA ASN F 149 -1.28 -47.68 40.64
C ASN F 149 -2.36 -47.52 39.59
N ASP F 150 -2.43 -46.33 38.97
CA ASP F 150 -3.40 -46.12 37.89
C ASP F 150 -3.13 -47.04 36.72
N ALA F 151 -1.86 -47.23 36.36
CA ALA F 151 -1.53 -48.15 35.28
C ALA F 151 -1.91 -49.57 35.63
N VAL F 152 -1.67 -49.97 36.88
CA VAL F 152 -1.99 -51.34 37.31
C VAL F 152 -3.50 -51.58 37.24
N LEU F 153 -4.28 -50.61 37.75
CA LEU F 153 -5.73 -50.75 37.69
C LEU F 153 -6.23 -50.71 36.26
N PHE F 154 -5.58 -49.92 35.39
CA PHE F 154 -5.93 -49.92 33.98
C PHE F 154 -5.69 -51.28 33.35
N GLY F 155 -4.56 -51.92 33.68
CA GLY F 155 -4.30 -53.26 33.19
C GLY F 155 -5.33 -54.27 33.68
N PHE F 156 -5.72 -54.15 34.96
CA PHE F 156 -6.74 -55.04 35.49
C PHE F 156 -8.07 -54.84 34.78
N LEU F 157 -8.46 -53.59 34.56
CA LEU F 157 -9.71 -53.31 33.85
C LEU F 157 -9.65 -53.84 32.43
N THR F 158 -8.51 -53.69 31.75
CA THR F 158 -8.40 -54.17 30.38
C THR F 158 -8.50 -55.68 30.31
N THR F 159 -7.79 -56.39 31.20
CA THR F 159 -7.86 -57.84 31.15
C THR F 159 -9.25 -58.34 31.54
N TRP F 160 -9.92 -57.64 32.47
CA TRP F 160 -11.30 -58.00 32.79
C TRP F 160 -12.22 -57.78 31.59
N PHE F 161 -12.01 -56.69 30.85
CA PHE F 161 -12.82 -56.42 29.67
C PHE F 161 -12.60 -57.48 28.60
N LEU F 162 -11.34 -57.87 28.37
CA LEU F 162 -11.07 -58.95 27.42
C LEU F 162 -11.71 -60.26 27.86
N GLY F 163 -11.63 -60.59 29.16
CA GLY F 163 -12.26 -61.81 29.63
C GLY F 163 -13.77 -61.80 29.41
N GLU F 164 -14.41 -60.68 29.77
CA GLU F 164 -15.84 -60.56 29.55
C GLU F 164 -16.20 -60.67 28.08
N PHE F 165 -15.42 -60.01 27.21
CA PHE F 165 -15.70 -60.04 25.78
C PHE F 165 -15.59 -61.45 25.23
N LEU F 166 -14.49 -62.14 25.54
CA LEU F 166 -14.33 -63.50 25.01
C LEU F 166 -15.35 -64.47 25.60
N ALA F 167 -15.77 -64.24 26.84
CA ALA F 167 -16.85 -65.06 27.39
C ALA F 167 -18.16 -64.81 26.65
N GLN F 168 -18.41 -63.57 26.26
CA GLN F 168 -19.66 -63.21 25.60
C GLN F 168 -19.57 -63.23 24.07
N SER F 169 -18.40 -63.51 23.51
CA SER F 169 -18.23 -63.51 22.05
C SER F 169 -18.49 -64.87 21.42
N GLU F 170 -18.88 -65.86 22.20
CA GLU F 170 -19.12 -67.24 21.75
C GLU F 170 -17.87 -67.88 21.16
N GLU F 171 -16.70 -67.25 21.32
CA GLU F 171 -15.43 -67.79 20.86
C GLU F 171 -15.42 -68.04 19.35
N LYS F 172 -16.23 -67.28 18.60
CA LYS F 172 -16.28 -67.44 17.16
C LYS F 172 -15.08 -66.79 16.48
N PRO F 173 -14.79 -65.49 16.73
CA PRO F 173 -13.62 -64.89 16.06
C PRO F 173 -12.35 -65.05 16.88
N HIS F 174 -11.24 -64.51 16.39
CA HIS F 174 -9.98 -64.52 17.10
C HIS F 174 -9.54 -63.08 17.35
N VAL F 175 -9.13 -62.80 18.59
CA VAL F 175 -8.81 -61.44 19.02
C VAL F 175 -7.30 -61.29 19.10
N VAL F 176 -6.78 -60.19 18.56
CA VAL F 176 -5.36 -59.86 18.63
C VAL F 176 -5.21 -58.58 19.45
N ALA F 177 -4.28 -58.61 20.39
CA ALA F 177 -4.06 -57.49 21.31
C ALA F 177 -2.71 -56.84 21.01
N HIS F 178 -2.73 -55.53 20.80
CA HIS F 178 -1.52 -54.75 20.54
C HIS F 178 -1.36 -53.72 21.64
N PHE F 179 -0.15 -53.65 22.21
CA PHE F 179 0.16 -52.75 23.31
C PHE F 179 1.33 -51.86 22.90
N HIS F 180 1.16 -50.55 23.07
CA HIS F 180 2.12 -49.57 22.58
C HIS F 180 3.00 -48.97 23.67
N GLU F 181 2.54 -48.94 24.91
CA GLU F 181 3.25 -48.25 25.98
C GLU F 181 3.33 -49.15 27.21
N TRP F 182 4.39 -48.95 28.01
CA TRP F 182 4.70 -49.89 29.08
C TRP F 182 3.70 -49.81 30.23
N LEU F 183 3.19 -48.61 30.53
CA LEU F 183 2.14 -48.50 31.53
C LEU F 183 0.89 -49.25 31.10
N ALA F 184 0.53 -49.15 29.82
CA ALA F 184 -0.63 -49.85 29.30
C ALA F 184 -0.37 -51.34 29.13
N GLY F 185 0.89 -51.76 29.06
CA GLY F 185 1.21 -53.15 28.84
C GLY F 185 1.21 -54.05 30.05
N VAL F 186 1.02 -53.48 31.25
CA VAL F 186 1.09 -54.29 32.47
C VAL F 186 0.00 -55.36 32.47
N GLY F 187 -1.15 -55.05 31.86
CA GLY F 187 -2.22 -56.03 31.77
C GLY F 187 -1.97 -57.11 30.75
N LEU F 188 -1.04 -56.91 29.81
CA LEU F 188 -0.78 -57.92 28.78
C LEU F 188 -0.43 -59.26 29.39
N CYS F 189 0.57 -59.28 30.28
CA CYS F 189 0.91 -60.51 30.98
C CYS F 189 -0.28 -61.07 31.74
N LEU F 190 -1.15 -60.20 32.26
CA LEU F 190 -2.37 -60.66 32.92
C LEU F 190 -3.18 -61.54 31.97
N CYS F 191 -3.33 -61.11 30.72
CA CYS F 191 -4.00 -61.95 29.74
C CYS F 191 -3.26 -63.27 29.56
N ARG F 192 -1.92 -63.21 29.51
CA ARG F 192 -1.14 -64.43 29.42
C ARG F 192 -1.30 -65.29 30.67
N ALA F 193 -1.70 -64.69 31.79
CA ALA F 193 -1.97 -65.46 33.00
C ALA F 193 -3.37 -66.06 33.02
N ARG F 194 -4.25 -65.65 32.10
CA ARG F 194 -5.62 -66.14 32.07
C ARG F 194 -5.89 -67.12 30.94
N ARG F 195 -4.84 -67.55 30.23
CA ARG F 195 -4.96 -68.54 29.14
C ARG F 195 -5.89 -68.06 28.04
N LEU F 196 -5.95 -66.75 27.81
CA LEU F 196 -6.84 -66.20 26.80
C LEU F 196 -6.26 -66.44 25.42
N PRO F 197 -7.02 -67.04 24.49
CA PRO F 197 -6.48 -67.29 23.15
C PRO F 197 -6.37 -66.03 22.32
N VAL F 198 -5.36 -65.20 22.61
CA VAL F 198 -5.13 -63.96 21.90
C VAL F 198 -3.65 -63.87 21.54
N ALA F 199 -3.37 -63.07 20.51
CA ALA F 199 -1.99 -62.80 20.09
C ALA F 199 -1.46 -61.60 20.87
N THR F 200 -0.32 -61.78 21.51
CA THR F 200 0.25 -60.77 22.40
C THR F 200 1.43 -60.07 21.73
N ILE F 201 1.30 -58.76 21.54
CA ILE F 201 2.33 -57.93 20.94
C ILE F 201 2.73 -56.87 21.96
N PHE F 202 4.02 -56.78 22.25
CA PHE F 202 4.53 -55.73 23.13
C PHE F 202 5.43 -54.81 22.34
N THR F 203 5.09 -53.52 22.31
CA THR F 203 5.87 -52.51 21.61
C THR F 203 6.36 -51.48 22.62
N THR F 204 7.66 -51.21 22.59
CA THR F 204 8.27 -50.23 23.47
C THR F 204 8.82 -49.08 22.64
N HIS F 205 8.98 -47.93 23.29
CA HIS F 205 9.51 -46.73 22.65
C HIS F 205 10.91 -46.36 23.11
N ALA F 206 11.17 -46.46 24.41
CA ALA F 206 12.50 -46.19 24.95
C ALA F 206 12.62 -46.87 26.30
N THR F 207 13.86 -47.05 26.73
CA THR F 207 14.14 -47.60 28.06
C THR F 207 14.19 -46.48 29.09
N LEU F 208 13.43 -46.64 30.16
CA LEU F 208 13.38 -45.61 31.20
C LEU F 208 14.70 -45.50 31.94
N LEU F 209 15.32 -46.65 32.24
CA LEU F 209 16.59 -46.63 32.96
C LEU F 209 17.72 -46.07 32.10
N GLY F 210 17.65 -46.28 30.78
CA GLY F 210 18.65 -45.73 29.88
C GLY F 210 18.70 -44.21 29.90
N ARG F 211 17.54 -43.56 30.09
CA ARG F 211 17.54 -42.11 30.20
C ARG F 211 18.38 -41.64 31.38
N TYR F 212 18.25 -42.33 32.52
CA TYR F 212 19.05 -41.98 33.69
C TYR F 212 20.50 -42.44 33.58
N LEU F 213 20.79 -43.41 32.70
CA LEU F 213 22.18 -43.80 32.49
C LEU F 213 22.99 -42.65 31.91
N CYS F 214 22.43 -41.92 30.95
CA CYS F 214 23.19 -40.90 30.24
C CYS F 214 23.58 -39.72 31.13
N ALA F 215 22.92 -39.57 32.28
CA ALA F 215 23.23 -38.49 33.22
C ALA F 215 24.19 -38.93 34.31
N GLY F 216 24.70 -40.16 34.24
CA GLY F 216 25.60 -40.69 35.25
C GLY F 216 27.07 -40.44 35.02
N ALA F 217 27.42 -39.65 33.99
CA ALA F 217 28.81 -39.32 33.67
C ALA F 217 29.64 -40.58 33.38
N VAL F 218 28.99 -41.62 32.88
CA VAL F 218 29.65 -42.87 32.51
C VAL F 218 29.28 -43.19 31.08
N ASP F 219 30.27 -43.64 30.30
CA ASP F 219 30.02 -44.01 28.91
C ASP F 219 28.96 -45.10 28.83
N PHE F 220 28.01 -44.95 27.92
CA PHE F 220 26.87 -45.83 27.80
C PHE F 220 26.91 -46.74 26.58
N TYR F 221 27.17 -46.19 25.39
CA TYR F 221 27.10 -46.97 24.17
C TYR F 221 28.32 -47.86 23.96
N ASN F 222 29.47 -47.50 24.52
CA ASN F 222 30.66 -48.33 24.41
C ASN F 222 30.75 -49.39 25.51
N ASN F 223 29.81 -49.41 26.44
CA ASN F 223 29.76 -50.42 27.49
C ASN F 223 28.43 -51.17 27.46
N LEU F 224 27.91 -51.43 26.26
CA LEU F 224 26.62 -52.06 26.11
C LEU F 224 26.62 -53.54 26.46
N GLU F 225 27.79 -54.15 26.65
CA GLU F 225 27.88 -55.57 26.89
C GLU F 225 27.81 -55.95 28.37
N ASN F 226 27.93 -54.98 29.28
CA ASN F 226 28.02 -55.24 30.71
C ASN F 226 27.18 -54.22 31.47
N PHE F 227 25.99 -54.61 31.90
CA PHE F 227 25.15 -53.81 32.78
C PHE F 227 24.79 -54.64 34.00
N ASN F 228 25.05 -54.07 35.19
CA ASN F 228 24.58 -54.65 36.44
C ASN F 228 23.14 -54.17 36.70
N VAL F 229 22.23 -54.70 35.89
CA VAL F 229 20.90 -54.12 35.74
C VAL F 229 20.16 -54.12 37.06
N ASP F 230 20.24 -55.21 37.82
CA ASP F 230 19.44 -55.34 39.04
C ASP F 230 19.72 -54.21 40.01
N LYS F 231 21.00 -53.98 40.33
CA LYS F 231 21.31 -52.94 41.32
C LYS F 231 21.05 -51.54 40.78
N GLU F 232 21.46 -51.26 39.53
CA GLU F 232 21.25 -49.92 38.99
C GLU F 232 19.77 -49.58 38.91
N ALA F 233 18.92 -50.60 38.75
CA ALA F 233 17.49 -50.38 38.91
C ALA F 233 17.11 -50.24 40.37
N GLY F 234 17.82 -50.93 41.26
CA GLY F 234 17.51 -50.91 42.67
C GLY F 234 17.72 -49.58 43.37
N GLU F 235 18.98 -49.14 43.47
CA GLU F 235 19.23 -47.91 44.22
C GLU F 235 18.71 -46.65 43.53
N ARG F 236 18.29 -46.73 42.27
CA ARG F 236 17.76 -45.58 41.56
C ARG F 236 16.24 -45.53 41.59
N GLN F 237 15.59 -46.44 42.31
CA GLN F 237 14.14 -46.42 42.56
C GLN F 237 13.33 -46.62 41.29
N ILE F 238 13.92 -47.22 40.26
CA ILE F 238 13.19 -47.53 39.03
C ILE F 238 13.18 -49.05 38.86
N TYR F 239 13.30 -49.77 39.98
CA TYR F 239 13.42 -51.23 39.91
C TYR F 239 12.14 -51.86 39.40
N HIS F 240 11.00 -51.52 40.01
CA HIS F 240 9.76 -52.20 39.68
C HIS F 240 9.25 -51.84 38.29
N ARG F 241 9.48 -50.60 37.85
CA ARG F 241 9.07 -50.19 36.51
C ARG F 241 9.75 -51.05 35.45
N TYR F 242 11.09 -51.14 35.53
CA TYR F 242 11.82 -52.06 34.67
C TYR F 242 11.36 -53.50 34.89
N CYS F 243 10.96 -53.84 36.11
CA CYS F 243 10.54 -55.22 36.39
C CYS F 243 9.34 -55.60 35.55
N MET F 244 8.26 -54.81 35.60
CA MET F 244 7.13 -55.25 34.79
C MET F 244 7.32 -54.93 33.31
N GLU F 245 8.19 -53.97 32.97
CA GLU F 245 8.52 -53.78 31.56
C GLU F 245 9.16 -55.05 30.98
N ARG F 246 10.16 -55.59 31.69
CA ARG F 246 10.80 -56.82 31.24
C ARG F 246 9.87 -58.01 31.31
N ALA F 247 8.99 -58.06 32.32
CA ALA F 247 8.02 -59.14 32.38
C ALA F 247 7.09 -59.12 31.18
N ALA F 248 6.59 -57.94 30.81
CA ALA F 248 5.74 -57.82 29.64
C ALA F 248 6.49 -58.18 28.37
N ALA F 249 7.75 -57.74 28.26
CA ALA F 249 8.53 -58.06 27.07
C ALA F 249 8.75 -59.57 26.94
N HIS F 250 9.07 -60.23 28.05
CA HIS F 250 9.34 -61.66 27.99
C HIS F 250 8.07 -62.46 27.74
N CYS F 251 6.97 -62.09 28.39
CA CYS F 251 5.74 -62.87 28.26
C CYS F 251 5.06 -62.70 26.92
N ALA F 252 5.35 -61.61 26.20
CA ALA F 252 4.66 -61.33 24.95
C ALA F 252 5.00 -62.36 23.88
N HIS F 253 4.01 -62.69 23.05
CA HIS F 253 4.25 -63.57 21.92
C HIS F 253 5.27 -62.95 20.96
N VAL F 254 5.13 -61.66 20.67
CA VAL F 254 6.08 -60.95 19.84
C VAL F 254 6.46 -59.63 20.51
N PHE F 255 7.71 -59.23 20.30
CA PHE F 255 8.27 -58.01 20.86
C PHE F 255 8.80 -57.14 19.73
N THR F 256 8.41 -55.86 19.74
CA THR F 256 8.80 -54.92 18.72
C THR F 256 9.44 -53.71 19.36
N THR F 257 10.31 -53.04 18.60
CA THR F 257 11.06 -51.90 19.10
C THR F 257 11.15 -50.85 17.98
N VAL F 258 11.31 -49.59 18.38
CA VAL F 258 11.16 -48.50 17.43
C VAL F 258 12.24 -48.53 16.35
N SER F 259 13.50 -48.70 16.73
CA SER F 259 14.59 -48.61 15.77
C SER F 259 15.64 -49.66 16.06
N GLN F 260 16.64 -49.73 15.18
CA GLN F 260 17.66 -50.77 15.27
C GLN F 260 18.51 -50.63 16.53
N ILE F 261 18.98 -49.42 16.81
CA ILE F 261 19.82 -49.21 17.98
C ILE F 261 19.02 -49.40 19.26
N THR F 262 17.75 -48.97 19.25
CA THR F 262 16.88 -49.24 20.39
C THR F 262 16.63 -50.73 20.54
N ALA F 263 16.51 -51.45 19.42
CA ALA F 263 16.40 -52.90 19.50
C ALA F 263 17.64 -53.53 20.12
N ILE F 264 18.83 -53.03 19.74
CA ILE F 264 20.07 -53.56 20.28
C ILE F 264 20.15 -53.30 21.78
N GLU F 265 19.81 -52.08 22.21
CA GLU F 265 19.89 -51.78 23.64
C GLU F 265 18.83 -52.54 24.42
N ALA F 266 17.67 -52.80 23.83
CA ALA F 266 16.68 -53.65 24.50
C ALA F 266 17.19 -55.08 24.63
N GLN F 267 17.82 -55.61 23.58
CA GLN F 267 18.36 -56.96 23.63
C GLN F 267 19.45 -57.07 24.68
N HIS F 268 20.33 -56.07 24.76
CA HIS F 268 21.42 -56.09 25.74
C HIS F 268 20.98 -55.63 27.12
N LEU F 269 19.76 -55.14 27.27
CA LEU F 269 19.25 -54.68 28.55
C LEU F 269 18.09 -55.53 29.05
N LEU F 270 17.07 -55.73 28.22
CA LEU F 270 15.93 -56.56 28.60
C LEU F 270 16.18 -58.05 28.37
N LYS F 271 17.33 -58.41 27.80
CA LYS F 271 17.71 -59.80 27.56
C LYS F 271 16.67 -60.52 26.70
N ARG F 272 16.15 -59.81 25.69
CA ARG F 272 15.23 -60.41 24.73
C ARG F 272 15.40 -59.70 23.39
N LYS F 273 15.77 -60.44 22.37
CA LYS F 273 15.97 -59.87 21.05
C LYS F 273 14.62 -59.58 20.41
N PRO F 274 14.33 -58.34 20.03
CA PRO F 274 13.04 -58.04 19.40
C PRO F 274 12.91 -58.75 18.06
N ASP F 275 11.69 -59.21 17.77
CA ASP F 275 11.47 -59.95 16.53
C ASP F 275 11.62 -59.06 15.31
N ILE F 276 11.14 -57.82 15.38
CA ILE F 276 11.20 -56.89 14.26
C ILE F 276 11.17 -55.47 14.82
N VAL F 277 11.73 -54.55 14.06
CA VAL F 277 11.77 -53.13 14.44
C VAL F 277 10.55 -52.44 13.85
N THR F 278 10.04 -51.43 14.57
CA THR F 278 8.83 -50.70 14.18
C THR F 278 9.11 -49.20 14.23
N PRO F 279 9.70 -48.63 13.18
CA PRO F 279 9.90 -47.19 13.14
C PRO F 279 8.58 -46.44 13.02
N ASN F 280 8.55 -45.25 13.61
CA ASN F 280 7.35 -44.43 13.58
C ASN F 280 7.23 -43.71 12.24
N GLY F 281 6.01 -43.71 11.69
CA GLY F 281 5.74 -43.02 10.45
C GLY F 281 4.99 -41.73 10.67
N LEU F 282 5.09 -40.81 9.72
CA LEU F 282 4.43 -39.52 9.81
C LEU F 282 3.69 -39.23 8.50
N ASN F 283 2.48 -38.71 8.63
CA ASN F 283 1.72 -38.31 7.45
C ASN F 283 2.36 -37.10 6.79
N VAL F 284 2.41 -37.12 5.46
CA VAL F 284 3.04 -36.06 4.68
C VAL F 284 1.95 -35.25 3.99
N LYS F 285 2.06 -33.92 4.08
CA LYS F 285 1.10 -33.01 3.48
C LYS F 285 1.60 -32.66 2.09
N LYS F 286 1.11 -33.37 1.08
CA LYS F 286 1.54 -33.13 -0.29
C LYS F 286 0.99 -31.81 -0.80
N PHE F 287 1.62 -31.30 -1.85
CA PHE F 287 1.23 -30.06 -2.49
C PHE F 287 0.87 -30.34 -3.95
N SER F 288 0.22 -29.36 -4.58
CA SER F 288 -0.12 -29.49 -6.00
C SER F 288 1.13 -29.56 -6.86
N ALA F 289 2.14 -28.77 -6.54
CA ALA F 289 3.38 -28.71 -7.30
C ALA F 289 4.53 -29.26 -6.47
N MET F 290 5.47 -29.92 -7.14
CA MET F 290 6.63 -30.47 -6.44
C MET F 290 7.49 -29.37 -5.87
N HIS F 291 7.66 -28.28 -6.61
CA HIS F 291 8.59 -27.21 -6.25
C HIS F 291 8.01 -26.24 -5.24
N GLU F 292 6.75 -26.43 -4.81
CA GLU F 292 6.13 -25.48 -3.89
C GLU F 292 6.88 -25.42 -2.57
N PHE F 293 7.41 -26.57 -2.11
CA PHE F 293 8.19 -26.58 -0.89
C PHE F 293 9.42 -25.68 -1.02
N GLN F 294 9.92 -25.49 -2.24
CA GLN F 294 10.98 -24.51 -2.45
C GLN F 294 10.47 -23.08 -2.25
N ASN F 295 9.29 -22.78 -2.80
CA ASN F 295 8.74 -21.43 -2.68
C ASN F 295 8.47 -21.08 -1.23
N LEU F 296 7.94 -22.04 -0.46
CA LEU F 296 7.76 -21.81 0.97
C LEU F 296 9.08 -21.53 1.66
N HIS F 297 10.18 -22.07 1.12
CA HIS F 297 11.49 -21.73 1.65
C HIS F 297 11.95 -20.36 1.19
N ALA F 298 11.52 -19.92 0.01
CA ALA F 298 11.98 -18.63 -0.51
C ALA F 298 11.46 -17.48 0.34
N GLN F 299 10.15 -17.44 0.59
CA GLN F 299 9.59 -16.33 1.34
C GLN F 299 9.91 -16.42 2.83
N SER F 300 9.87 -17.62 3.40
CA SER F 300 10.14 -17.76 4.83
C SER F 300 11.56 -17.30 5.16
N LYS F 301 12.53 -17.66 4.31
CA LYS F 301 13.89 -17.16 4.50
C LYS F 301 13.91 -15.64 4.57
N ALA F 302 13.09 -14.98 3.74
CA ALA F 302 13.01 -13.53 3.79
C ALA F 302 12.59 -13.05 5.17
N ARG F 303 11.61 -13.73 5.78
CA ARG F 303 11.19 -13.35 7.13
C ARG F 303 12.33 -13.48 8.11
N ILE F 304 13.27 -14.39 7.86
CA ILE F 304 14.45 -14.47 8.73
C ILE F 304 15.36 -13.27 8.51
N GLN F 305 15.56 -12.87 7.24
CA GLN F 305 16.47 -11.77 6.95
C GLN F 305 16.01 -10.49 7.64
N GLU F 306 14.72 -10.15 7.52
CA GLU F 306 14.20 -8.97 8.20
C GLU F 306 14.48 -9.04 9.69
N PHE F 307 14.50 -10.24 10.27
CA PHE F 307 14.89 -10.36 11.66
C PHE F 307 16.37 -10.06 11.85
N VAL F 308 17.23 -10.70 11.05
CA VAL F 308 18.66 -10.62 11.32
C VAL F 308 19.17 -9.20 11.05
N ARG F 309 18.65 -8.54 10.02
CA ARG F 309 18.94 -7.13 9.81
C ARG F 309 18.65 -6.33 11.09
N GLY F 310 17.45 -6.55 11.65
CA GLY F 310 17.12 -5.88 12.89
C GLY F 310 18.06 -6.21 14.02
N HIS F 311 18.57 -7.44 14.04
CA HIS F 311 19.51 -7.81 15.09
C HIS F 311 20.94 -7.37 14.79
N PHE F 312 21.20 -6.82 13.61
CA PHE F 312 22.54 -6.42 13.21
C PHE F 312 22.53 -5.02 12.61
N TYR F 313 21.82 -4.10 13.26
CA TYR F 313 21.83 -2.71 12.83
C TYR F 313 23.15 -2.07 13.24
N GLY F 314 23.77 -1.35 12.31
CA GLY F 314 25.06 -0.74 12.55
C GLY F 314 26.24 -1.66 12.37
N HIS F 315 26.02 -2.92 11.98
CA HIS F 315 27.12 -3.84 11.75
C HIS F 315 26.91 -4.66 10.47
N LEU F 316 25.98 -4.26 9.62
CA LEU F 316 25.70 -5.00 8.39
C LEU F 316 26.78 -4.65 7.37
N ASP F 317 27.89 -5.39 7.45
CA ASP F 317 29.04 -5.18 6.59
C ASP F 317 29.33 -6.38 5.70
N PHE F 318 28.42 -7.36 5.63
CA PHE F 318 28.61 -8.54 4.83
C PHE F 318 27.42 -8.71 3.89
N ASN F 319 27.70 -9.25 2.70
CA ASN F 319 26.63 -9.48 1.73
C ASN F 319 25.69 -10.55 2.26
N LEU F 320 24.40 -10.22 2.32
CA LEU F 320 23.41 -11.14 2.84
C LEU F 320 22.96 -12.19 1.83
N ASP F 321 23.29 -12.02 0.55
CA ASP F 321 22.99 -13.03 -0.45
C ASP F 321 23.90 -14.24 -0.35
N LYS F 322 24.99 -14.14 0.41
CA LYS F 322 25.93 -15.24 0.61
C LYS F 322 25.94 -15.67 2.07
N THR F 323 24.77 -15.78 2.68
CA THR F 323 24.63 -16.13 4.08
C THR F 323 23.92 -17.47 4.21
N LEU F 324 24.43 -18.31 5.10
CA LEU F 324 23.85 -19.63 5.36
C LEU F 324 23.21 -19.64 6.75
N TYR F 325 22.07 -20.32 6.86
CA TYR F 325 21.32 -20.40 8.10
C TYR F 325 21.32 -21.85 8.59
N PHE F 326 21.98 -22.09 9.72
CA PHE F 326 21.95 -23.38 10.39
C PHE F 326 21.12 -23.26 11.65
N PHE F 327 20.54 -24.38 12.10
CA PHE F 327 19.73 -24.35 13.29
C PHE F 327 19.65 -25.74 13.90
N ILE F 328 19.42 -25.77 15.22
CA ILE F 328 19.16 -26.99 15.96
C ILE F 328 17.99 -26.72 16.89
N ALA F 329 17.02 -27.63 16.90
CA ALA F 329 15.78 -27.43 17.65
C ALA F 329 15.57 -28.60 18.60
N GLY F 330 14.42 -28.60 19.26
CA GLY F 330 14.06 -29.64 20.20
C GLY F 330 14.11 -29.14 21.63
N ARG F 331 13.89 -30.08 22.55
CA ARG F 331 13.89 -29.76 23.97
C ARG F 331 15.30 -29.38 24.42
N TYR F 332 15.37 -28.59 25.49
CA TYR F 332 16.63 -28.08 26.01
C TYR F 332 17.37 -29.20 26.73
N GLU F 333 18.10 -29.99 25.94
CA GLU F 333 19.00 -31.02 26.45
C GLU F 333 20.39 -30.75 25.91
N PHE F 334 21.37 -30.67 26.80
CA PHE F 334 22.71 -30.27 26.38
C PHE F 334 23.45 -31.41 25.70
N SER F 335 23.72 -32.49 26.45
CA SER F 335 24.49 -33.60 25.89
C SER F 335 23.65 -34.46 24.96
N ASN F 336 22.38 -34.66 25.28
CA ASN F 336 21.54 -35.58 24.52
C ASN F 336 21.12 -35.03 23.17
N LYS F 337 21.32 -33.74 22.91
CA LYS F 337 20.97 -33.15 21.64
C LYS F 337 22.17 -32.70 20.82
N GLY F 338 23.38 -32.75 21.39
CA GLY F 338 24.55 -32.38 20.64
C GLY F 338 24.75 -30.89 20.45
N ALA F 339 24.30 -30.07 21.40
CA ALA F 339 24.55 -28.63 21.30
C ALA F 339 26.04 -28.32 21.39
N ASP F 340 26.73 -28.98 22.31
CA ASP F 340 28.14 -28.67 22.54
C ASP F 340 28.99 -29.01 21.31
N VAL F 341 28.79 -30.20 20.75
CA VAL F 341 29.57 -30.61 19.59
C VAL F 341 29.32 -29.68 18.42
N PHE F 342 28.06 -29.27 18.23
CA PHE F 342 27.73 -28.27 17.21
C PHE F 342 28.47 -26.97 17.48
N LEU F 343 28.57 -26.58 18.75
CA LEU F 343 29.23 -25.33 19.09
C LEU F 343 30.72 -25.36 18.75
N GLU F 344 31.43 -26.41 19.18
CA GLU F 344 32.85 -26.41 18.86
C GLU F 344 33.11 -26.69 17.38
N ALA F 345 32.21 -27.40 16.70
CA ALA F 345 32.34 -27.55 15.26
C ALA F 345 32.20 -26.20 14.56
N LEU F 346 31.25 -25.38 15.02
CA LEU F 346 31.10 -24.05 14.44
C LEU F 346 32.30 -23.16 14.77
N ALA F 347 32.88 -23.34 15.97
CA ALA F 347 34.09 -22.59 16.30
C ALA F 347 35.24 -22.97 15.38
N ARG F 348 35.40 -24.27 15.11
CA ARG F 348 36.44 -24.71 14.18
C ARG F 348 36.18 -24.17 12.78
N LEU F 349 34.91 -24.15 12.36
CA LEU F 349 34.56 -23.60 11.05
C LEU F 349 34.90 -22.11 10.99
N ASN F 350 34.62 -21.39 12.07
CA ASN F 350 34.98 -19.97 12.12
C ASN F 350 36.48 -19.77 12.01
N TYR F 351 37.26 -20.58 12.73
CA TYR F 351 38.71 -20.49 12.66
C TYR F 351 39.21 -20.80 11.26
N LEU F 352 38.59 -21.78 10.59
CA LEU F 352 39.00 -22.14 9.24
C LEU F 352 38.63 -21.06 8.22
N LEU F 353 37.49 -20.38 8.44
CA LEU F 353 37.04 -19.40 7.47
C LEU F 353 37.84 -18.10 7.51
N ARG F 354 38.57 -17.86 8.59
CA ARG F 354 39.41 -16.66 8.71
C ARG F 354 40.80 -16.86 8.14
N VAL F 355 41.14 -18.06 7.68
CA VAL F 355 42.42 -18.30 7.03
C VAL F 355 42.27 -18.58 5.53
N ASN F 356 41.08 -18.95 5.07
CA ASN F 356 40.83 -19.15 3.65
C ASN F 356 40.46 -17.87 2.93
N GLY F 357 40.20 -16.79 3.65
CA GLY F 357 39.82 -15.54 3.02
C GLY F 357 38.49 -15.59 2.30
N SER F 358 37.53 -16.34 2.83
CA SER F 358 36.22 -16.47 2.20
C SER F 358 35.27 -15.41 2.74
N GLU F 359 34.27 -15.09 1.93
CA GLU F 359 33.25 -14.10 2.30
C GLU F 359 31.97 -14.73 2.84
N GLN F 360 31.85 -16.05 2.79
CA GLN F 360 30.65 -16.71 3.27
C GLN F 360 30.53 -16.58 4.78
N THR F 361 29.34 -16.22 5.26
CA THR F 361 29.06 -16.09 6.68
C THR F 361 27.82 -16.90 7.02
N VAL F 362 27.88 -17.62 8.13
CA VAL F 362 26.78 -18.49 8.54
C VAL F 362 26.18 -17.96 9.83
N VAL F 363 24.86 -18.17 9.97
CA VAL F 363 24.11 -17.77 11.14
C VAL F 363 23.46 -19.01 11.73
N ALA F 364 23.68 -19.24 13.03
CA ALA F 364 23.22 -20.43 13.71
C ALA F 364 22.18 -20.05 14.75
N PHE F 365 20.98 -20.62 14.63
CA PHE F 365 19.89 -20.40 15.56
C PHE F 365 19.83 -21.55 16.55
N PHE F 366 19.55 -21.23 17.81
CA PHE F 366 19.41 -22.22 18.87
C PHE F 366 18.00 -22.09 19.43
N ILE F 367 17.08 -22.91 18.92
CA ILE F 367 15.69 -22.91 19.42
C ILE F 367 15.66 -23.91 20.57
N MET F 368 16.13 -23.45 21.73
CA MET F 368 16.27 -24.26 22.94
C MET F 368 15.39 -23.66 24.02
N PRO F 369 14.14 -24.11 24.15
CA PRO F 369 13.24 -23.52 25.15
C PRO F 369 13.80 -23.68 26.56
N ALA F 370 14.03 -22.54 27.21
CA ALA F 370 14.54 -22.51 28.57
C ALA F 370 13.64 -21.60 29.39
N ARG F 371 13.99 -21.41 30.65
CA ARG F 371 13.23 -20.54 31.55
C ARG F 371 13.77 -19.12 31.47
N THR F 372 12.92 -18.19 31.05
CA THR F 372 13.34 -16.82 30.79
C THR F 372 12.29 -15.85 31.31
N ASN F 373 12.69 -14.59 31.47
CA ASN F 373 11.80 -13.53 31.88
C ASN F 373 12.01 -12.32 30.97
N ASN F 374 10.90 -11.72 30.51
CA ASN F 374 10.94 -10.52 29.68
C ASN F 374 11.69 -10.76 28.37
N PHE F 375 11.95 -9.69 27.64
CA PHE F 375 12.71 -9.72 26.39
C PHE F 375 14.05 -9.03 26.58
N ASN F 376 14.78 -8.89 25.47
CA ASN F 376 16.04 -8.16 25.46
C ASN F 376 15.81 -6.78 24.86
N VAL F 377 16.23 -5.74 25.59
CA VAL F 377 15.95 -4.38 25.16
C VAL F 377 16.68 -4.05 23.86
N GLU F 378 17.90 -4.57 23.70
CA GLU F 378 18.67 -4.27 22.50
C GLU F 378 18.04 -4.89 21.26
N THR F 379 17.48 -6.09 21.38
CA THR F 379 16.85 -6.73 20.24
C THR F 379 15.64 -5.95 19.77
N LEU F 380 14.77 -5.57 20.71
CA LEU F 380 13.60 -4.77 20.36
C LEU F 380 14.00 -3.41 19.82
N LYS F 381 15.06 -2.83 20.38
CA LYS F 381 15.58 -1.58 19.83
C LYS F 381 16.01 -1.74 18.39
N GLY F 382 16.69 -2.84 18.08
CA GLY F 382 17.10 -3.10 16.71
C GLY F 382 15.92 -3.27 15.77
N GLN F 383 14.88 -3.99 16.22
CA GLN F 383 13.68 -4.12 15.40
C GLN F 383 13.06 -2.75 15.14
N ALA F 384 12.98 -1.92 16.17
CA ALA F 384 12.39 -0.60 16.02
C ALA F 384 13.22 0.27 15.08
N VAL F 385 14.55 0.17 15.17
CA VAL F 385 15.42 0.94 14.28
C VAL F 385 15.23 0.49 12.84
N ARG F 386 15.12 -0.83 12.61
CA ARG F 386 14.86 -1.30 11.26
C ARG F 386 13.54 -0.76 10.74
N LYS F 387 12.51 -0.76 11.57
CA LYS F 387 11.22 -0.25 11.14
C LYS F 387 11.29 1.25 10.85
N GLN F 388 12.04 2.00 11.66
CA GLN F 388 12.20 3.43 11.42
C GLN F 388 12.92 3.69 10.11
N LEU F 389 13.96 2.90 9.82
CA LEU F 389 14.65 3.03 8.54
C LEU F 389 13.70 2.72 7.38
N TRP F 390 12.86 1.70 7.56
CA TRP F 390 11.86 1.38 6.55
C TRP F 390 10.90 2.54 6.34
N ASP F 391 10.47 3.19 7.43
CA ASP F 391 9.56 4.32 7.32
C ASP F 391 10.22 5.49 6.59
N THR F 392 11.48 5.78 6.92
CA THR F 392 12.19 6.86 6.23
C THR F 392 12.32 6.56 4.75
N ALA F 393 12.68 5.31 4.41
CA ALA F 393 12.76 4.92 3.01
C ALA F 393 11.40 5.06 2.33
N ASN F 394 10.33 4.70 3.02
CA ASN F 394 9.00 4.82 2.44
C ASN F 394 8.65 6.27 2.14
N THR F 395 8.95 7.18 3.08
CA THR F 395 8.66 8.59 2.86
C THR F 395 9.46 9.13 1.67
N VAL F 396 10.76 8.82 1.63
CA VAL F 396 11.59 9.32 0.54
C VAL F 396 11.12 8.76 -0.79
N LYS F 397 10.77 7.47 -0.82
CA LYS F 397 10.33 6.86 -2.07
C LYS F 397 8.97 7.40 -2.50
N GLU F 398 8.11 7.77 -1.56
CA GLU F 398 6.84 8.39 -1.93
C GLU F 398 7.08 9.78 -2.54
N LYS F 399 7.98 10.56 -1.95
CA LYS F 399 8.32 11.85 -2.55
C LYS F 399 8.90 11.67 -3.95
N PHE F 400 9.82 10.70 -4.10
CA PHE F 400 10.38 10.42 -5.41
C PHE F 400 9.32 9.97 -6.41
N GLY F 401 8.35 9.17 -5.95
CA GLY F 401 7.28 8.75 -6.82
C GLY F 401 6.42 9.90 -7.28
N ARG F 402 6.11 10.84 -6.37
CA ARG F 402 5.36 12.02 -6.76
C ARG F 402 6.11 12.84 -7.81
N LYS F 403 7.39 13.09 -7.56
CA LYS F 403 8.18 13.89 -8.49
C LYS F 403 8.29 13.20 -9.85
N LEU F 404 8.52 11.88 -9.83
CA LEU F 404 8.63 11.14 -11.08
C LEU F 404 7.32 11.10 -11.83
N TYR F 405 6.20 10.99 -11.10
CA TYR F 405 4.89 11.05 -11.72
C TYR F 405 4.67 12.39 -12.41
N GLU F 406 5.03 13.49 -11.73
CA GLU F 406 4.87 14.80 -12.36
C GLU F 406 5.74 14.93 -13.60
N SER F 407 7.00 14.49 -13.52
CA SER F 407 7.90 14.64 -14.65
C SER F 407 7.46 13.76 -15.83
N LEU F 408 6.93 12.57 -15.54
CA LEU F 408 6.43 11.72 -16.61
C LEU F 408 5.16 12.29 -17.22
N LEU F 409 4.32 12.93 -16.40
CA LEU F 409 3.11 13.57 -16.94
C LEU F 409 3.47 14.73 -17.85
N VAL F 410 4.46 15.54 -17.48
CA VAL F 410 4.85 16.64 -18.34
C VAL F 410 5.64 16.17 -19.56
N GLY F 411 6.16 14.94 -19.53
CA GLY F 411 6.87 14.39 -20.67
C GLY F 411 8.36 14.65 -20.65
N SER F 412 9.03 14.30 -19.56
CA SER F 412 10.45 14.52 -19.40
C SER F 412 11.05 13.32 -18.69
N LEU F 413 12.30 13.47 -18.26
CA LEU F 413 13.04 12.42 -17.55
C LEU F 413 13.60 12.98 -16.26
N PRO F 414 13.73 12.14 -15.23
CA PRO F 414 14.31 12.59 -13.96
C PRO F 414 15.81 12.73 -14.09
N ASP F 415 16.30 13.96 -13.94
CA ASP F 415 17.72 14.25 -13.99
C ASP F 415 18.36 14.26 -12.60
N MET F 416 17.59 13.95 -11.55
CA MET F 416 18.08 13.84 -10.18
C MET F 416 18.64 15.14 -9.64
N ASN F 417 18.35 16.28 -10.27
CA ASN F 417 18.75 17.56 -9.75
C ASN F 417 17.73 18.16 -8.79
N LYS F 418 16.54 17.59 -8.70
CA LYS F 418 15.51 18.07 -7.80
C LYS F 418 15.10 17.06 -6.74
N MET F 419 15.48 15.79 -6.88
CA MET F 419 15.22 14.81 -5.83
C MET F 419 16.03 15.08 -4.57
N LEU F 420 17.09 15.89 -4.67
CA LEU F 420 17.91 16.18 -3.50
C LEU F 420 17.12 17.00 -2.48
N ASP F 421 16.47 18.07 -2.94
CA ASP F 421 15.52 18.86 -2.16
C ASP F 421 16.16 19.57 -0.98
N LYS F 422 17.43 19.30 -0.71
CA LYS F 422 18.21 19.88 0.38
C LYS F 422 17.57 19.66 1.74
N GLU F 423 16.51 18.87 1.82
CA GLU F 423 15.81 18.60 3.07
C GLU F 423 15.77 17.12 3.42
N ASP F 424 15.50 16.26 2.44
CA ASP F 424 15.49 14.82 2.72
C ASP F 424 16.88 14.32 3.08
N PHE F 425 17.92 14.93 2.52
CA PHE F 425 19.28 14.56 2.92
C PHE F 425 19.51 14.81 4.41
N THR F 426 18.91 15.84 4.97
CA THR F 426 19.07 16.11 6.40
C THR F 426 18.48 14.98 7.24
N MET F 427 17.24 14.58 6.93
CA MET F 427 16.60 13.52 7.70
C MET F 427 17.30 12.19 7.50
N MET F 428 17.75 11.90 6.27
CA MET F 428 18.50 10.68 6.04
C MET F 428 19.83 10.70 6.80
N LYS F 429 20.49 11.85 6.84
CA LYS F 429 21.75 11.96 7.56
C LYS F 429 21.56 11.73 9.05
N ARG F 430 20.52 12.32 9.65
CA ARG F 430 20.32 12.07 11.07
C ARG F 430 19.87 10.64 11.32
N ALA F 431 19.17 10.02 10.38
CA ALA F 431 18.84 8.61 10.51
C ALA F 431 20.10 7.75 10.53
N ILE F 432 21.02 8.02 9.60
CA ILE F 432 22.29 7.29 9.58
C ILE F 432 23.07 7.54 10.85
N PHE F 433 23.02 8.77 11.37
CA PHE F 433 23.66 9.09 12.63
C PHE F 433 23.08 8.26 13.77
N ALA F 434 21.76 8.10 13.79
CA ALA F 434 21.12 7.30 14.83
C ALA F 434 21.51 5.83 14.70
N THR F 435 21.65 5.33 13.46
CA THR F 435 21.97 3.92 13.26
C THR F 435 23.33 3.55 13.82
N GLN F 436 24.23 4.51 14.00
CA GLN F 436 25.58 4.20 14.46
C GLN F 436 25.54 3.58 15.85
N ARG F 437 26.34 2.53 16.03
CA ARG F 437 26.41 1.81 17.29
C ARG F 437 27.86 1.45 17.57
N GLN F 438 28.20 1.32 18.86
CA GLN F 438 29.55 1.00 19.29
C GLN F 438 29.66 -0.36 19.95
N SER F 439 28.67 -0.78 20.73
CA SER F 439 28.74 -2.05 21.43
C SER F 439 28.42 -3.20 20.48
N PHE F 440 28.83 -4.40 20.90
CA PHE F 440 28.62 -5.59 20.09
C PHE F 440 27.15 -6.02 20.13
N PRO F 441 26.66 -6.65 19.07
CA PRO F 441 25.29 -7.17 19.09
C PRO F 441 25.16 -8.28 20.13
N PRO F 442 23.98 -8.46 20.70
CA PRO F 442 23.80 -9.50 21.71
C PRO F 442 23.63 -10.88 21.09
N VAL F 443 23.85 -11.90 21.92
CA VAL F 443 23.75 -13.29 21.49
C VAL F 443 22.40 -13.92 21.83
N CYS F 444 21.59 -13.28 22.66
CA CYS F 444 20.31 -13.83 23.08
C CYS F 444 19.20 -12.85 22.77
N THR F 445 18.08 -13.38 22.27
CA THR F 445 16.89 -12.57 22.00
C THR F 445 15.94 -12.53 23.20
N HIS F 446 16.43 -12.84 24.39
CA HIS F 446 15.62 -12.81 25.60
C HIS F 446 16.52 -12.37 26.75
N ASN F 447 16.02 -12.52 27.98
CA ASN F 447 16.79 -12.23 29.18
C ASN F 447 16.81 -13.48 30.05
N MET F 448 17.99 -14.07 30.21
CA MET F 448 18.12 -15.28 31.01
C MET F 448 17.83 -14.97 32.48
N LEU F 449 17.10 -15.87 33.14
CA LEU F 449 16.93 -15.72 34.58
C LEU F 449 18.26 -15.88 35.31
N ASP F 450 19.06 -16.84 34.90
CA ASP F 450 20.38 -17.07 35.45
C ASP F 450 21.41 -17.11 34.33
N ASP F 451 22.61 -16.62 34.62
CA ASP F 451 23.69 -16.57 33.64
C ASP F 451 24.97 -17.24 34.09
N SER F 452 25.18 -17.44 35.39
CA SER F 452 26.38 -18.11 35.87
C SER F 452 26.30 -19.62 35.77
N SER F 453 25.15 -20.18 35.39
CA SER F 453 24.99 -21.63 35.33
C SER F 453 24.31 -22.09 34.04
N ASP F 454 24.22 -21.23 33.04
CA ASP F 454 23.62 -21.62 31.76
C ASP F 454 24.69 -22.22 30.86
N PRO F 455 24.59 -23.49 30.50
CA PRO F 455 25.68 -24.11 29.71
C PRO F 455 25.93 -23.43 28.37
N ILE F 456 24.87 -23.02 27.67
CA ILE F 456 25.03 -22.49 26.31
C ILE F 456 25.87 -21.23 26.31
N LEU F 457 25.54 -20.29 27.20
CA LEU F 457 26.27 -19.02 27.23
C LEU F 457 27.70 -19.23 27.71
N THR F 458 27.90 -20.12 28.69
CA THR F 458 29.26 -20.39 29.16
C THR F 458 30.12 -20.97 28.04
N THR F 459 29.58 -21.91 27.27
CA THR F 459 30.34 -22.47 26.16
C THR F 459 30.60 -21.42 25.09
N ILE F 460 29.61 -20.56 24.80
CA ILE F 460 29.80 -19.53 23.79
C ILE F 460 30.90 -18.56 24.20
N ARG F 461 30.89 -18.14 25.46
CA ARG F 461 31.96 -17.27 25.95
C ARG F 461 33.31 -17.98 25.92
N ARG F 462 33.35 -19.26 26.28
CA ARG F 462 34.60 -20.00 26.29
C ARG F 462 35.20 -20.12 24.91
N ILE F 463 34.37 -20.44 23.90
CA ILE F 463 34.90 -20.65 22.55
C ILE F 463 35.13 -19.35 21.79
N GLY F 464 34.61 -18.23 22.29
CA GLY F 464 34.89 -16.94 21.69
C GLY F 464 34.08 -16.61 20.45
N LEU F 465 32.77 -16.56 20.58
CA LEU F 465 31.87 -16.10 19.51
C LEU F 465 31.08 -14.92 20.05
N PHE F 466 31.43 -13.71 19.59
CA PHE F 466 30.80 -12.49 20.07
C PHE F 466 30.15 -11.70 18.95
N ASN F 467 29.88 -12.33 17.81
CA ASN F 467 29.22 -11.68 16.68
C ASN F 467 30.00 -10.46 16.20
N SER F 468 31.33 -10.53 16.28
CA SER F 468 32.16 -9.43 15.84
C SER F 468 32.16 -9.31 14.33
N SER F 469 32.59 -8.14 13.84
CA SER F 469 32.61 -7.90 12.40
C SER F 469 33.60 -8.82 11.70
N ALA F 470 34.76 -9.06 12.31
CA ALA F 470 35.79 -9.90 11.69
C ALA F 470 35.42 -11.38 11.71
N ASP F 471 34.40 -11.78 12.47
CA ASP F 471 34.01 -13.17 12.54
C ASP F 471 33.22 -13.59 11.30
N ARG F 472 33.04 -14.90 11.15
CA ARG F 472 32.25 -15.44 10.06
C ARG F 472 31.14 -16.36 10.53
N VAL F 473 30.93 -16.50 11.83
CA VAL F 473 29.85 -17.30 12.39
C VAL F 473 29.09 -16.45 13.40
N LYS F 474 27.78 -16.36 13.24
CA LYS F 474 26.93 -15.62 14.14
C LYS F 474 26.04 -16.59 14.91
N VAL F 475 25.79 -16.28 16.19
CA VAL F 475 25.01 -17.15 17.07
C VAL F 475 23.81 -16.37 17.57
N ILE F 476 22.61 -16.94 17.41
CA ILE F 476 21.38 -16.34 17.90
C ILE F 476 20.65 -17.38 18.75
N PHE F 477 20.40 -17.04 20.01
CA PHE F 477 19.77 -17.94 20.96
C PHE F 477 18.37 -17.40 21.29
N HIS F 478 17.35 -18.23 21.06
CA HIS F 478 15.95 -17.82 21.21
C HIS F 478 15.23 -18.85 22.08
N PRO F 479 15.36 -18.73 23.40
CA PRO F 479 14.79 -19.75 24.31
C PRO F 479 13.28 -19.62 24.49
N GLU F 480 12.56 -19.83 23.39
CA GLU F 480 11.09 -19.79 23.42
C GLU F 480 10.56 -20.42 22.15
N PHE F 481 9.47 -21.17 22.27
CA PHE F 481 8.83 -21.74 21.11
C PHE F 481 8.38 -20.64 20.16
N LEU F 482 8.68 -20.81 18.88
CA LEU F 482 8.34 -19.78 17.90
C LEU F 482 6.84 -19.79 17.63
N SER F 483 6.23 -18.62 17.68
CA SER F 483 4.79 -18.49 17.47
C SER F 483 4.50 -17.19 16.75
N SER F 484 3.36 -17.15 16.07
CA SER F 484 2.95 -15.95 15.35
C SER F 484 2.53 -14.82 16.28
N THR F 485 2.31 -15.10 17.56
CA THR F 485 1.96 -14.06 18.52
C THR F 485 3.18 -13.35 19.08
N SER F 486 4.38 -13.85 18.82
CA SER F 486 5.58 -13.20 19.34
C SER F 486 5.78 -11.86 18.65
N PRO F 487 6.26 -10.84 19.37
CA PRO F 487 6.53 -9.55 18.70
C PRO F 487 7.63 -9.64 17.66
N LEU F 488 8.79 -10.17 18.04
CA LEU F 488 9.87 -10.44 17.09
C LEU F 488 9.76 -11.87 16.58
N LEU F 489 10.26 -12.09 15.37
CA LEU F 489 10.14 -13.38 14.69
C LEU F 489 8.69 -13.80 14.59
N PRO F 490 7.88 -13.12 13.78
CA PRO F 490 6.45 -13.43 13.68
C PRO F 490 6.15 -14.67 12.82
N VAL F 491 6.87 -15.75 13.08
CA VAL F 491 6.67 -17.01 12.38
C VAL F 491 6.63 -18.13 13.40
N ASP F 492 5.96 -19.22 13.04
CA ASP F 492 5.86 -20.39 13.89
C ASP F 492 7.09 -21.28 13.67
N TYR F 493 7.05 -22.49 14.23
CA TYR F 493 8.20 -23.38 14.09
C TYR F 493 8.33 -23.91 12.66
N GLU F 494 7.21 -24.24 12.02
CA GLU F 494 7.26 -24.86 10.70
C GLU F 494 7.87 -23.92 9.67
N GLU F 495 7.42 -22.66 9.65
CA GLU F 495 7.93 -21.71 8.66
C GLU F 495 9.42 -21.41 8.90
N PHE F 496 9.82 -21.28 10.16
CA PHE F 496 11.22 -21.05 10.46
C PHE F 496 12.08 -22.22 10.02
N VAL F 497 11.61 -23.45 10.24
CA VAL F 497 12.34 -24.62 9.77
C VAL F 497 12.43 -24.62 8.26
N ARG F 498 11.33 -24.31 7.58
CA ARG F 498 11.34 -24.27 6.13
C ARG F 498 12.25 -23.17 5.59
N GLY F 499 12.50 -22.12 6.38
CA GLY F 499 13.33 -21.03 5.90
C GLY F 499 14.83 -21.27 6.01
N CYS F 500 15.26 -22.15 6.90
CA CYS F 500 16.69 -22.37 7.09
C CYS F 500 17.27 -23.12 5.89
N HIS F 501 18.59 -23.31 5.92
CA HIS F 501 19.30 -23.98 4.84
C HIS F 501 19.77 -25.38 5.19
N LEU F 502 20.08 -25.65 6.46
CA LEU F 502 20.55 -26.98 6.86
C LEU F 502 20.37 -27.12 8.36
N GLY F 503 19.63 -28.14 8.78
CA GLY F 503 19.44 -28.41 10.19
C GLY F 503 20.47 -29.41 10.70
N VAL F 504 21.14 -29.04 11.78
CA VAL F 504 22.19 -29.86 12.37
C VAL F 504 21.64 -30.51 13.63
N PHE F 505 21.55 -31.84 13.62
CA PHE F 505 20.99 -32.60 14.73
C PHE F 505 21.97 -33.70 15.12
N PRO F 506 23.07 -33.36 15.77
CA PRO F 506 24.03 -34.40 16.22
C PRO F 506 23.57 -35.06 17.52
N SER F 507 22.49 -35.83 17.42
CA SER F 507 21.91 -36.46 18.59
C SER F 507 22.85 -37.52 19.17
N TYR F 508 22.81 -37.67 20.48
CA TYR F 508 23.61 -38.65 21.19
C TYR F 508 22.78 -39.80 21.74
N TYR F 509 21.74 -39.49 22.52
CA TYR F 509 20.82 -40.48 23.06
C TYR F 509 19.42 -40.09 22.60
N GLU F 510 19.05 -40.53 21.41
CA GLU F 510 17.75 -40.23 20.82
C GLU F 510 17.13 -41.52 20.32
N PRO F 511 16.03 -41.97 20.92
CA PRO F 511 15.45 -43.26 20.51
C PRO F 511 15.07 -43.32 19.04
N TRP F 512 14.16 -42.45 18.60
CA TRP F 512 13.78 -42.41 17.19
C TRP F 512 14.16 -41.10 16.52
N GLY F 513 13.71 -39.96 17.06
CA GLY F 513 14.00 -38.68 16.44
C GLY F 513 12.90 -38.21 15.52
N TYR F 514 12.13 -37.22 15.97
CA TYR F 514 11.04 -36.66 15.17
C TYR F 514 11.45 -35.42 14.40
N THR F 515 12.26 -34.54 15.01
CA THR F 515 12.65 -33.31 14.32
C THR F 515 13.42 -33.56 13.03
N PRO F 516 14.43 -34.44 12.96
CA PRO F 516 15.07 -34.66 11.65
C PRO F 516 14.12 -35.23 10.61
N ALA F 517 13.19 -36.08 11.03
CA ALA F 517 12.19 -36.59 10.11
C ALA F 517 11.30 -35.46 9.59
N GLU F 518 10.90 -34.55 10.48
CA GLU F 518 10.10 -33.41 10.07
C GLU F 518 10.87 -32.54 9.08
N CYS F 519 12.15 -32.30 9.34
CA CYS F 519 12.96 -31.51 8.42
C CYS F 519 13.07 -32.20 7.07
N THR F 520 13.27 -33.52 7.07
CA THR F 520 13.37 -34.25 5.81
C THR F 520 12.07 -34.17 5.03
N VAL F 521 10.93 -34.27 5.70
CA VAL F 521 9.64 -34.12 5.04
C VAL F 521 9.50 -32.72 4.46
N MET F 522 9.93 -31.71 5.23
CA MET F 522 9.83 -30.33 4.74
C MET F 522 10.67 -30.10 3.50
N GLY F 523 11.74 -30.86 3.32
CA GLY F 523 12.55 -30.75 2.12
C GLY F 523 13.83 -29.98 2.32
N ILE F 524 14.53 -30.22 3.42
CA ILE F 524 15.81 -29.57 3.67
C ILE F 524 16.84 -30.62 4.07
N PRO F 525 18.13 -30.40 3.79
CA PRO F 525 19.14 -31.34 4.25
C PRO F 525 19.28 -31.33 5.76
N SER F 526 19.82 -32.42 6.29
CA SER F 526 19.97 -32.56 7.73
C SER F 526 21.25 -33.33 8.03
N ILE F 527 21.73 -33.16 9.26
CA ILE F 527 22.90 -33.87 9.76
C ILE F 527 22.46 -34.66 10.99
N SER F 528 22.68 -35.97 10.95
CA SER F 528 22.27 -36.85 12.03
C SER F 528 23.39 -37.84 12.32
N THR F 529 23.16 -38.70 13.31
CA THR F 529 24.14 -39.71 13.71
C THR F 529 23.49 -41.08 13.71
N ASN F 530 24.32 -42.11 13.55
CA ASN F 530 23.82 -43.47 13.63
C ASN F 530 23.31 -43.81 15.02
N LEU F 531 23.71 -43.06 16.04
CA LEU F 531 23.18 -43.27 17.38
C LEU F 531 21.67 -43.00 17.40
N SER F 532 21.24 -41.94 16.72
CA SER F 532 19.82 -41.63 16.64
C SER F 532 19.09 -42.70 15.83
N GLY F 533 17.81 -42.90 16.17
CA GLY F 533 17.02 -43.89 15.46
C GLY F 533 16.84 -43.55 14.00
N PHE F 534 16.61 -42.26 13.69
CA PHE F 534 16.42 -41.86 12.30
C PHE F 534 17.69 -42.07 11.49
N GLY F 535 18.84 -41.74 12.04
CA GLY F 535 20.09 -41.95 11.32
C GLY F 535 20.35 -43.42 11.04
N CYS F 536 20.14 -44.27 12.04
CA CYS F 536 20.34 -45.70 11.85
C CYS F 536 19.35 -46.26 10.83
N PHE F 537 18.10 -45.80 10.87
CA PHE F 537 17.10 -46.26 9.92
C PHE F 537 17.48 -45.85 8.50
N MET F 538 17.94 -44.61 8.32
CA MET F 538 18.28 -44.14 6.98
C MET F 538 19.54 -44.82 6.46
N GLU F 539 20.50 -45.09 7.36
CA GLU F 539 21.78 -45.66 6.94
C GLU F 539 21.62 -47.09 6.41
N GLU F 540 20.55 -47.78 6.76
CA GLU F 540 20.38 -49.18 6.39
C GLU F 540 19.33 -49.39 5.29
N HIS F 541 18.87 -48.31 4.66
CA HIS F 541 17.86 -48.45 3.61
C HIS F 541 18.30 -47.79 2.32
N ILE F 542 19.15 -46.77 2.40
CA ILE F 542 19.63 -46.05 1.22
C ILE F 542 21.16 -46.09 1.23
N ALA F 543 21.73 -46.59 0.14
CA ALA F 543 23.18 -46.63 0.01
C ALA F 543 23.75 -45.26 -0.28
N ASP F 544 24.95 -45.01 0.24
CA ASP F 544 25.66 -43.74 0.11
C ASP F 544 24.78 -42.58 0.55
N PRO F 545 24.50 -42.44 1.85
CA PRO F 545 23.64 -41.34 2.33
C PRO F 545 24.40 -40.02 2.46
N SER F 546 24.96 -39.56 1.35
CA SER F 546 25.65 -38.27 1.33
C SER F 546 25.16 -37.43 0.18
N ALA F 547 24.77 -38.09 -0.92
CA ALA F 547 24.25 -37.37 -2.08
C ALA F 547 22.83 -36.89 -1.89
N TYR F 548 22.11 -37.44 -0.92
CA TYR F 548 20.74 -37.04 -0.63
C TYR F 548 20.65 -36.00 0.47
N GLY F 549 21.78 -35.57 1.02
CA GLY F 549 21.79 -34.50 2.00
C GLY F 549 21.66 -34.93 3.44
N ILE F 550 21.46 -36.21 3.72
CA ILE F 550 21.34 -36.69 5.11
C ILE F 550 22.74 -37.08 5.54
N TYR F 551 23.50 -36.07 5.99
CA TYR F 551 24.88 -36.29 6.40
C TYR F 551 24.91 -37.07 7.70
N ILE F 552 25.40 -38.30 7.64
CA ILE F 552 25.46 -39.17 8.81
C ILE F 552 26.83 -39.04 9.46
N LEU F 553 26.85 -39.14 10.78
CA LEU F 553 28.08 -39.11 11.57
C LEU F 553 28.34 -40.50 12.15
N ASP F 554 29.39 -40.58 12.96
CA ASP F 554 29.73 -41.83 13.66
C ASP F 554 30.19 -41.45 15.06
N ARG F 555 29.24 -41.44 16.00
CA ARG F 555 29.55 -41.18 17.40
C ARG F 555 29.59 -42.47 18.23
N ARG F 556 29.50 -43.62 17.58
CA ARG F 556 29.52 -44.90 18.27
C ARG F 556 30.91 -45.52 18.32
N PHE F 557 31.65 -45.48 17.21
CA PHE F 557 32.97 -46.08 17.13
C PHE F 557 34.09 -45.05 17.08
N ARG F 558 33.77 -43.77 17.29
CA ARG F 558 34.77 -42.71 17.22
C ARG F 558 34.71 -41.87 18.49
N SER F 559 35.83 -41.22 18.79
CA SER F 559 35.92 -40.34 19.94
C SER F 559 35.24 -39.00 19.66
N LEU F 560 35.18 -38.17 20.69
CA LEU F 560 34.52 -36.87 20.55
C LEU F 560 35.26 -35.98 19.56
N ASP F 561 36.59 -36.00 19.60
CA ASP F 561 37.37 -35.16 18.68
C ASP F 561 37.15 -35.58 17.24
N ASP F 562 37.14 -36.89 16.97
CA ASP F 562 36.88 -37.36 15.61
C ASP F 562 35.51 -36.93 15.14
N SER F 563 34.50 -37.06 16.00
CA SER F 563 33.14 -36.68 15.62
C SER F 563 33.05 -35.19 15.33
N CYS F 564 33.67 -34.35 16.17
CA CYS F 564 33.58 -32.92 15.94
C CYS F 564 34.35 -32.51 14.69
N SER F 565 35.49 -33.15 14.44
CA SER F 565 36.24 -32.86 13.21
C SER F 565 35.44 -33.26 11.97
N GLN F 566 34.77 -34.42 12.03
CA GLN F 566 33.94 -34.83 10.90
C GLN F 566 32.77 -33.88 10.70
N LEU F 567 32.18 -33.40 11.80
CA LEU F 567 31.09 -32.43 11.69
C LEU F 567 31.58 -31.12 11.07
N THR F 568 32.77 -30.67 11.47
CA THR F 568 33.34 -29.46 10.89
C THR F 568 33.60 -29.65 9.39
N SER F 569 34.11 -30.83 9.01
CA SER F 569 34.33 -31.11 7.60
C SER F 569 33.03 -31.11 6.82
N PHE F 570 31.97 -31.68 7.41
CA PHE F 570 30.66 -31.67 6.75
C PHE F 570 30.14 -30.25 6.61
N LEU F 571 30.31 -29.42 7.64
CA LEU F 571 29.86 -28.04 7.58
C LEU F 571 30.61 -27.26 6.49
N TYR F 572 31.93 -27.45 6.40
CA TYR F 572 32.69 -26.79 5.34
C TYR F 572 32.25 -27.28 3.97
N SER F 573 32.01 -28.59 3.83
CA SER F 573 31.55 -29.13 2.57
C SER F 573 30.22 -28.51 2.17
N PHE F 574 29.30 -28.35 3.12
CA PHE F 574 28.04 -27.69 2.82
C PHE F 574 28.26 -26.25 2.41
N CYS F 575 29.17 -25.56 3.10
CA CYS F 575 29.48 -24.18 2.73
C CYS F 575 30.11 -24.07 1.34
N GLN F 576 30.71 -25.16 0.85
CA GLN F 576 31.43 -25.11 -0.42
C GLN F 576 30.52 -25.10 -1.64
N GLN F 577 29.33 -25.68 -1.57
CA GLN F 577 28.50 -25.78 -2.76
C GLN F 577 27.96 -24.41 -3.18
N SER F 578 27.51 -24.35 -4.43
CA SER F 578 26.89 -23.16 -4.97
C SER F 578 25.38 -23.22 -4.76
N ARG F 579 24.68 -22.18 -5.23
CA ARG F 579 23.22 -22.15 -5.09
C ARG F 579 22.56 -23.27 -5.86
N ARG F 580 23.03 -23.54 -7.08
CA ARG F 580 22.44 -24.61 -7.88
CA ARG F 580 22.44 -24.61 -7.88
C ARG F 580 22.62 -25.96 -7.21
N GLN F 581 23.80 -26.20 -6.64
CA GLN F 581 24.04 -27.47 -5.95
C GLN F 581 23.13 -27.61 -4.74
N ARG F 582 22.91 -26.51 -4.01
CA ARG F 582 21.99 -26.55 -2.87
C ARG F 582 20.57 -26.84 -3.32
N ILE F 583 20.15 -26.25 -4.44
CA ILE F 583 18.82 -26.54 -4.98
C ILE F 583 18.71 -28.02 -5.34
N ILE F 584 19.74 -28.58 -5.97
CA ILE F 584 19.74 -30.01 -6.29
C ILE F 584 19.61 -30.83 -5.01
N GLN F 585 20.38 -30.48 -3.98
CA GLN F 585 20.36 -31.25 -2.74
C GLN F 585 18.98 -31.22 -2.09
N ARG F 586 18.36 -30.04 -2.04
CA ARG F 586 17.03 -29.94 -1.42
C ARG F 586 15.99 -30.68 -2.25
N ASN F 587 16.07 -30.58 -3.59
CA ASN F 587 15.11 -31.29 -4.44
C ASN F 587 15.22 -32.80 -4.24
N ARG F 588 16.44 -33.31 -4.16
CA ARG F 588 16.61 -34.75 -3.94
CA ARG F 588 16.61 -34.75 -3.94
C ARG F 588 16.15 -35.17 -2.56
N THR F 589 16.43 -34.35 -1.54
CA THR F 589 16.01 -34.69 -0.19
C THR F 589 14.48 -34.65 -0.05
N GLU F 590 13.81 -33.85 -0.88
CA GLU F 590 12.35 -33.81 -0.82
C GLU F 590 11.72 -35.15 -1.17
N ARG F 591 12.30 -35.86 -2.14
CA ARG F 591 11.72 -37.11 -2.60
C ARG F 591 11.75 -38.22 -1.55
N LEU F 592 12.51 -38.05 -0.47
CA LEU F 592 12.59 -39.08 0.56
C LEU F 592 11.45 -39.03 1.56
N SER F 593 10.48 -38.14 1.37
CA SER F 593 9.34 -38.08 2.28
C SER F 593 8.49 -39.34 2.19
N ASP F 594 8.45 -39.97 1.02
CA ASP F 594 7.64 -41.18 0.86
C ASP F 594 8.17 -42.32 1.71
N LEU F 595 9.46 -42.31 2.02
CA LEU F 595 10.04 -43.37 2.84
C LEU F 595 9.50 -43.34 4.27
N LEU F 596 9.30 -42.15 4.82
CA LEU F 596 8.86 -42.00 6.20
C LEU F 596 7.35 -42.02 6.36
N ASP F 597 6.59 -42.05 5.26
CA ASP F 597 5.14 -42.05 5.36
C ASP F 597 4.64 -43.39 5.91
N TRP F 598 3.45 -43.36 6.52
CA TRP F 598 2.87 -44.58 7.07
C TRP F 598 2.54 -45.60 6.00
N LYS F 599 2.35 -45.16 4.76
CA LYS F 599 2.06 -46.10 3.68
C LYS F 599 3.15 -47.13 3.51
N TYR F 600 4.40 -46.77 3.86
CA TYR F 600 5.51 -47.71 3.82
C TYR F 600 5.81 -48.35 5.16
N LEU F 601 5.55 -47.65 6.26
CA LEU F 601 5.85 -48.20 7.59
C LEU F 601 4.78 -49.16 8.10
N GLY F 602 3.61 -49.22 7.46
CA GLY F 602 2.60 -50.16 7.89
C GLY F 602 2.96 -51.61 7.64
N ARG F 603 3.94 -51.85 6.75
CA ARG F 603 4.34 -53.22 6.44
C ARG F 603 4.94 -53.92 7.65
N TYR F 604 5.73 -53.20 8.44
CA TYR F 604 6.33 -53.80 9.64
C TYR F 604 5.25 -54.16 10.67
N TYR F 605 4.26 -53.29 10.86
CA TYR F 605 3.16 -53.63 11.76
C TYR F 605 2.37 -54.82 11.26
N MET F 606 2.13 -54.90 9.95
CA MET F 606 1.44 -56.05 9.39
C MET F 606 2.23 -57.32 9.65
N SER F 607 3.54 -57.28 9.44
CA SER F 607 4.37 -58.46 9.68
C SER F 607 4.34 -58.86 11.15
N ALA F 608 4.43 -57.88 12.06
CA ALA F 608 4.42 -58.20 13.47
C ALA F 608 3.10 -58.82 13.88
N ARG F 609 1.98 -58.27 13.40
CA ARG F 609 0.68 -58.82 13.72
C ARG F 609 0.51 -60.23 13.18
N HIS F 610 0.98 -60.46 11.95
CA HIS F 610 0.87 -61.79 11.37
C HIS F 610 1.72 -62.81 12.12
N MET F 611 2.94 -62.43 12.52
CA MET F 611 3.77 -63.32 13.32
C MET F 611 3.12 -63.61 14.67
N ALA F 612 2.53 -62.61 15.30
CA ALA F 612 1.85 -62.83 16.56
C ALA F 612 0.68 -63.78 16.40
N LEU F 613 -0.11 -63.60 15.33
CA LEU F 613 -1.24 -64.49 15.08
C LEU F 613 -0.77 -65.92 14.83
N SER F 614 0.31 -66.08 14.07
CA SER F 614 0.84 -67.43 13.82
C SER F 614 1.34 -68.07 15.11
N LYS F 615 2.01 -67.29 15.97
CA LYS F 615 2.50 -67.82 17.23
C LYS F 615 1.36 -68.22 18.16
N ALA F 616 0.29 -67.41 18.19
CA ALA F 616 -0.82 -67.68 19.10
C ALA F 616 -1.66 -68.86 18.61
N PHE F 617 -2.26 -68.72 17.43
CA PHE F 617 -3.12 -69.77 16.91
C PHE F 617 -3.02 -69.84 15.39
N PRO F 618 -2.60 -70.98 14.83
CA PRO F 618 -2.48 -71.15 13.37
C PRO F 618 -3.83 -71.17 12.67
N LEU G 29 -53.65 22.19 11.51
CA LEU G 29 -53.28 22.70 10.20
C LEU G 29 -53.24 21.56 9.18
N PHE G 30 -53.61 21.88 7.94
CA PHE G 30 -53.69 20.90 6.86
C PHE G 30 -52.81 21.34 5.71
N GLU G 31 -51.87 20.48 5.32
CA GLU G 31 -51.01 20.70 4.18
C GLU G 31 -51.50 19.84 3.02
N VAL G 32 -51.83 20.48 1.91
CA VAL G 32 -52.40 19.81 0.75
C VAL G 32 -51.43 19.94 -0.41
N ALA G 33 -50.94 18.80 -0.92
CA ALA G 33 -49.97 18.80 -2.00
C ALA G 33 -50.07 17.48 -2.75
N TRP G 34 -49.78 17.53 -4.06
CA TRP G 34 -49.80 16.35 -4.90
C TRP G 34 -48.48 15.59 -4.89
N GLU G 35 -47.42 16.16 -4.31
CA GLU G 35 -46.09 15.56 -4.34
C GLU G 35 -45.74 14.90 -3.01
N VAL G 36 -46.72 14.26 -2.37
CA VAL G 36 -46.46 13.55 -1.13
C VAL G 36 -46.02 12.11 -1.38
N ALA G 37 -46.50 11.48 -2.45
CA ALA G 37 -46.14 10.11 -2.76
C ALA G 37 -45.20 9.96 -3.94
N ASN G 38 -45.09 10.97 -4.79
CA ASN G 38 -44.23 10.92 -5.96
C ASN G 38 -43.22 12.06 -5.93
N LYS G 39 -41.99 11.76 -6.35
CA LYS G 39 -40.92 12.75 -6.42
C LYS G 39 -40.78 13.19 -7.88
N VAL G 40 -41.65 14.10 -8.29
CA VAL G 40 -41.64 14.62 -9.65
C VAL G 40 -40.97 16.00 -9.64
N GLY G 41 -41.09 16.70 -8.52
CA GLY G 41 -40.48 18.00 -8.39
C GLY G 41 -39.73 18.19 -7.08
N GLY G 42 -39.23 19.39 -6.85
CA GLY G 42 -38.51 19.69 -5.63
C GLY G 42 -39.37 19.98 -4.42
N ILE G 43 -40.69 19.94 -4.58
CA ILE G 43 -41.58 20.19 -3.45
C ILE G 43 -41.43 19.09 -2.40
N TYR G 44 -41.03 17.90 -2.82
CA TYR G 44 -40.92 16.77 -1.90
C TYR G 44 -39.91 17.08 -0.79
N THR G 45 -38.70 17.48 -1.16
CA THR G 45 -37.68 17.77 -0.15
C THR G 45 -38.02 19.03 0.64
N VAL G 46 -38.67 20.00 0.01
CA VAL G 46 -39.09 21.20 0.73
C VAL G 46 -40.06 20.84 1.85
N LEU G 47 -41.07 20.05 1.53
CA LEU G 47 -42.03 19.63 2.54
C LEU G 47 -41.38 18.74 3.59
N GLN G 48 -40.47 17.85 3.17
CA GLN G 48 -39.80 16.98 4.11
C GLN G 48 -38.98 17.78 5.12
N THR G 49 -38.29 18.82 4.65
CA THR G 49 -37.49 19.64 5.55
C THR G 49 -38.39 20.53 6.43
N LYS G 50 -39.48 21.05 5.87
CA LYS G 50 -40.37 21.92 6.63
C LYS G 50 -41.19 21.15 7.66
N ALA G 51 -41.32 19.83 7.49
CA ALA G 51 -42.14 19.05 8.42
C ALA G 51 -41.61 19.14 9.84
N LYS G 52 -40.28 19.12 10.01
CA LYS G 52 -39.70 19.18 11.35
C LYS G 52 -40.12 20.44 12.08
N VAL G 53 -39.91 21.60 11.46
CA VAL G 53 -40.20 22.86 12.13
C VAL G 53 -41.71 23.02 12.30
N THR G 54 -42.51 22.60 11.31
CA THR G 54 -43.96 22.74 11.44
C THR G 54 -44.49 21.87 12.57
N GLY G 55 -43.99 20.65 12.70
CA GLY G 55 -44.40 19.81 13.81
C GLY G 55 -43.95 20.36 15.15
N ASP G 56 -42.72 20.86 15.22
CA ASP G 56 -42.25 21.48 16.46
C ASP G 56 -43.11 22.66 16.85
N GLU G 57 -43.62 23.41 15.86
CA GLU G 57 -44.49 24.54 16.16
C GLU G 57 -45.88 24.10 16.60
N TRP G 58 -46.47 23.12 15.91
CA TRP G 58 -47.87 22.81 16.08
C TRP G 58 -48.14 21.59 16.96
N GLY G 59 -47.11 21.01 17.57
CA GLY G 59 -47.36 19.88 18.45
C GLY G 59 -47.87 18.68 17.68
N ASP G 60 -48.99 18.13 18.13
CA ASP G 60 -49.61 16.97 17.51
C ASP G 60 -50.74 17.33 16.56
N ASN G 61 -50.97 18.62 16.31
CA ASN G 61 -52.06 19.06 15.45
C ASN G 61 -51.67 19.15 13.99
N TYR G 62 -50.45 18.78 13.64
CA TYR G 62 -49.95 18.91 12.27
C TYR G 62 -50.39 17.69 11.46
N PHE G 63 -51.33 17.90 10.55
CA PHE G 63 -51.76 16.88 9.60
C PHE G 63 -51.42 17.32 8.18
N LEU G 64 -51.11 16.34 7.34
CA LEU G 64 -50.77 16.59 5.94
C LEU G 64 -51.66 15.73 5.06
N VAL G 65 -52.11 16.32 3.95
CA VAL G 65 -53.03 15.66 3.01
C VAL G 65 -52.28 15.42 1.71
N GLY G 66 -52.35 14.19 1.21
CA GLY G 66 -51.72 13.83 -0.04
C GLY G 66 -52.40 12.67 -0.72
N PRO G 67 -52.19 12.53 -2.03
CA PRO G 67 -52.82 11.43 -2.77
C PRO G 67 -52.18 10.09 -2.42
N TYR G 68 -52.96 9.04 -2.61
CA TYR G 68 -52.49 7.67 -2.37
C TYR G 68 -51.98 7.08 -3.68
N THR G 69 -50.74 6.57 -3.64
CA THR G 69 -50.11 5.96 -4.80
C THR G 69 -49.63 4.56 -4.44
N GLU G 70 -49.83 3.61 -5.36
CA GLU G 70 -49.41 2.24 -5.11
C GLU G 70 -47.90 2.13 -4.95
N GLN G 71 -47.14 2.97 -5.65
CA GLN G 71 -45.69 2.94 -5.56
C GLN G 71 -45.14 3.70 -4.35
N GLY G 72 -45.99 4.42 -3.63
CA GLY G 72 -45.53 5.22 -2.51
C GLY G 72 -46.04 4.76 -1.16
N VAL G 73 -46.19 3.45 -0.98
CA VAL G 73 -46.69 2.91 0.29
C VAL G 73 -45.77 1.81 0.78
N ARG G 74 -44.83 1.38 -0.06
CA ARG G 74 -43.95 0.27 0.32
C ARG G 74 -42.89 0.73 1.30
N THR G 75 -42.02 1.64 0.89
CA THR G 75 -40.96 2.16 1.73
C THR G 75 -41.03 3.69 1.82
N GLN G 76 -42.23 4.24 1.68
CA GLN G 76 -42.43 5.69 1.69
C GLN G 76 -43.30 6.19 2.81
N VAL G 77 -44.16 5.35 3.38
CA VAL G 77 -45.04 5.75 4.48
C VAL G 77 -45.37 4.52 5.31
N GLU G 78 -45.37 4.68 6.63
CA GLU G 78 -45.78 3.63 7.55
C GLU G 78 -47.29 3.77 7.76
N LEU G 79 -48.05 2.85 7.18
CA LEU G 79 -49.50 2.90 7.29
C LEU G 79 -49.93 2.56 8.70
N LEU G 80 -50.84 3.35 9.26
CA LEU G 80 -51.36 3.15 10.61
C LEU G 80 -52.81 2.71 10.49
N GLU G 81 -53.05 1.40 10.67
CA GLU G 81 -54.42 0.90 10.63
C GLU G 81 -55.21 1.33 11.85
N ALA G 82 -54.54 1.61 12.96
CA ALA G 82 -55.22 2.08 14.15
C ALA G 82 -55.81 3.47 13.91
N PRO G 83 -56.99 3.75 14.45
CA PRO G 83 -57.58 5.08 14.27
C PRO G 83 -56.78 6.15 14.97
N THR G 84 -56.90 7.37 14.46
CA THR G 84 -56.24 8.51 15.08
C THR G 84 -56.76 8.68 16.51
N PRO G 85 -55.88 8.87 17.49
CA PRO G 85 -56.35 8.97 18.88
C PRO G 85 -57.34 10.10 19.10
N ALA G 86 -57.23 11.21 18.36
CA ALA G 86 -58.14 12.32 18.48
C ALA G 86 -59.18 12.35 17.37
N LEU G 87 -59.28 11.29 16.57
CA LEU G 87 -60.18 11.29 15.43
C LEU G 87 -60.54 9.86 15.06
N LYS G 88 -61.78 9.46 15.32
CA LYS G 88 -62.22 8.09 15.10
C LYS G 88 -63.44 8.01 14.19
N ARG G 89 -64.37 8.94 14.32
CA ARG G 89 -65.67 8.85 13.64
C ARG G 89 -65.57 9.20 12.16
N THR G 90 -64.73 10.18 11.80
CA THR G 90 -64.68 10.62 10.41
C THR G 90 -64.09 9.54 9.51
N LEU G 91 -63.06 8.84 9.98
CA LEU G 91 -62.48 7.78 9.17
C LEU G 91 -63.48 6.64 8.97
N ASP G 92 -64.23 6.29 10.00
CA ASP G 92 -65.25 5.26 9.87
C ASP G 92 -66.34 5.68 8.89
N SER G 93 -66.78 6.94 8.98
CA SER G 93 -67.79 7.43 8.05
C SER G 93 -67.27 7.41 6.61
N MET G 94 -66.02 7.84 6.42
CA MET G 94 -65.45 7.88 5.08
C MET G 94 -65.33 6.47 4.49
N ASN G 95 -64.86 5.52 5.30
CA ASN G 95 -64.73 4.14 4.83
C ASN G 95 -66.09 3.52 4.53
N SER G 96 -67.10 3.81 5.37
CA SER G 96 -68.41 3.21 5.18
C SER G 96 -69.13 3.81 3.97
N LYS G 97 -68.80 5.04 3.59
CA LYS G 97 -69.48 5.72 2.50
C LYS G 97 -68.91 5.37 1.12
N GLY G 98 -67.89 4.53 1.06
CA GLY G 98 -67.39 4.06 -0.23
C GLY G 98 -65.94 4.42 -0.52
N CYS G 99 -65.54 5.65 -0.19
CA CYS G 99 -64.18 6.07 -0.45
C CYS G 99 -63.21 5.38 0.50
N LYS G 100 -61.98 5.17 0.02
CA LYS G 100 -60.93 4.51 0.78
C LYS G 100 -59.84 5.52 1.10
N VAL G 101 -59.52 5.66 2.39
CA VAL G 101 -58.47 6.55 2.86
C VAL G 101 -57.57 5.78 3.82
N TYR G 102 -56.35 6.28 3.98
CA TYR G 102 -55.38 5.66 4.87
C TYR G 102 -54.73 6.72 5.74
N PHE G 103 -54.40 6.34 6.97
CA PHE G 103 -53.66 7.18 7.89
C PHE G 103 -52.29 6.57 8.13
N GLY G 104 -51.30 7.41 8.46
CA GLY G 104 -50.00 6.87 8.78
C GLY G 104 -48.98 7.96 9.05
N ARG G 105 -47.73 7.53 9.08
CA ARG G 105 -46.58 8.40 9.34
C ARG G 105 -45.71 8.46 8.09
N TRP G 106 -45.44 9.67 7.61
CA TRP G 106 -44.52 9.83 6.49
C TRP G 106 -43.12 9.45 6.91
N LEU G 107 -42.41 8.73 6.04
CA LEU G 107 -41.06 8.25 6.32
C LEU G 107 -40.04 9.36 6.06
N ILE G 108 -40.18 10.44 6.82
CA ILE G 108 -39.32 11.61 6.74
C ILE G 108 -38.95 12.05 8.15
N GLU G 109 -38.21 13.15 8.25
CA GLU G 109 -37.77 13.64 9.54
C GLU G 109 -38.95 14.22 10.33
N GLY G 110 -38.79 14.26 11.64
CA GLY G 110 -39.83 14.75 12.52
C GLY G 110 -40.97 13.76 12.65
N GLY G 111 -42.04 14.23 13.28
CA GLY G 111 -43.26 13.45 13.39
C GLY G 111 -44.34 13.94 12.45
N PRO G 112 -44.51 13.27 11.31
CA PRO G 112 -45.59 13.64 10.39
C PRO G 112 -46.83 12.77 10.59
N LEU G 113 -48.01 13.38 10.44
CA LEU G 113 -49.28 12.65 10.51
C LEU G 113 -49.96 12.80 9.15
N VAL G 114 -49.73 11.83 8.27
CA VAL G 114 -50.11 11.95 6.87
C VAL G 114 -51.36 11.12 6.60
N VAL G 115 -52.18 11.62 5.67
CA VAL G 115 -53.36 10.91 5.17
C VAL G 115 -53.18 10.72 3.66
N LEU G 116 -53.47 9.52 3.20
CA LEU G 116 -53.39 9.18 1.78
C LEU G 116 -54.80 8.90 1.26
N LEU G 117 -55.16 9.57 0.18
CA LEU G 117 -56.49 9.45 -0.42
C LEU G 117 -56.35 8.81 -1.79
N ASP G 118 -57.06 7.70 -2.01
CA ASP G 118 -56.98 6.99 -3.27
C ASP G 118 -57.65 7.80 -4.38
N VAL G 119 -57.08 7.72 -5.59
CA VAL G 119 -57.64 8.41 -6.74
C VAL G 119 -58.70 7.59 -7.45
N GLY G 120 -58.75 6.29 -7.23
CA GLY G 120 -59.74 5.44 -7.86
C GLY G 120 -60.83 4.99 -6.93
N ALA G 121 -60.71 5.32 -5.65
CA ALA G 121 -61.72 4.93 -4.68
C ALA G 121 -63.06 5.61 -4.95
N SER G 122 -63.03 6.88 -5.35
CA SER G 122 -64.24 7.65 -5.64
C SER G 122 -64.28 8.08 -7.10
N ALA G 123 -63.80 7.22 -7.99
CA ALA G 123 -63.81 7.49 -9.42
C ALA G 123 -65.16 7.19 -10.07
N TRP G 124 -66.16 6.81 -9.27
CA TRP G 124 -67.48 6.47 -9.76
C TRP G 124 -68.47 7.64 -9.68
N ALA G 125 -68.02 8.81 -9.25
CA ALA G 125 -68.91 9.96 -9.08
C ALA G 125 -68.29 11.21 -9.71
N LEU G 126 -67.50 11.03 -10.75
CA LEU G 126 -66.92 12.18 -11.44
C LEU G 126 -68.00 12.99 -12.14
N GLU G 127 -68.98 12.32 -12.75
CA GLU G 127 -70.05 13.01 -13.46
C GLU G 127 -70.89 13.85 -12.51
N ARG G 128 -71.31 13.26 -11.38
CA ARG G 128 -72.08 14.01 -10.40
C ARG G 128 -71.28 15.17 -9.84
N TRP G 129 -70.00 14.93 -9.54
CA TRP G 129 -69.16 15.98 -8.97
C TRP G 129 -69.01 17.16 -9.93
N LYS G 130 -68.75 16.87 -11.21
CA LYS G 130 -68.63 17.97 -12.17
C LYS G 130 -69.97 18.59 -12.50
N GLY G 131 -71.06 17.86 -12.33
CA GLY G 131 -72.38 18.47 -12.46
C GLY G 131 -72.65 19.48 -11.36
N GLU G 132 -72.26 19.16 -10.13
CA GLU G 132 -72.37 20.11 -9.04
C GLU G 132 -71.15 21.01 -8.91
N LEU G 133 -70.16 20.86 -9.79
CA LEU G 133 -69.02 21.77 -9.84
C LEU G 133 -69.24 22.94 -10.79
N TRP G 134 -70.28 22.90 -11.62
CA TRP G 134 -70.50 23.98 -12.57
C TRP G 134 -70.80 25.30 -11.86
N ASP G 135 -71.60 25.25 -10.80
CA ASP G 135 -71.96 26.45 -10.05
C ASP G 135 -70.90 26.86 -9.02
N THR G 136 -69.90 26.01 -8.77
CA THR G 136 -68.81 26.34 -7.86
C THR G 136 -67.56 26.60 -8.71
N CYS G 137 -67.12 27.85 -8.71
CA CYS G 137 -65.91 28.37 -9.36
C CYS G 137 -65.91 28.19 -10.87
N ASN G 138 -66.96 27.58 -11.43
CA ASN G 138 -67.20 27.49 -12.88
C ASN G 138 -65.93 27.07 -13.63
N ILE G 139 -65.49 25.86 -13.36
CA ILE G 139 -64.30 25.30 -13.99
C ILE G 139 -64.69 24.08 -14.81
N GLY G 140 -64.12 23.97 -16.00
CA GLY G 140 -64.33 22.82 -16.87
C GLY G 140 -63.00 22.15 -17.17
N VAL G 141 -63.02 20.82 -17.25
CA VAL G 141 -61.80 20.04 -17.43
C VAL G 141 -61.96 19.12 -18.63
N PRO G 142 -60.97 19.08 -19.54
CA PRO G 142 -61.04 18.13 -20.65
C PRO G 142 -61.09 16.69 -20.15
N TRP G 143 -61.81 15.84 -20.90
CA TRP G 143 -61.98 14.45 -20.51
C TRP G 143 -60.75 13.59 -20.79
N TYR G 144 -59.85 14.04 -21.67
CA TYR G 144 -58.69 13.26 -22.05
C TYR G 144 -57.45 13.58 -21.23
N ASP G 145 -57.54 14.48 -20.26
CA ASP G 145 -56.42 14.80 -19.37
C ASP G 145 -56.67 14.09 -18.05
N ARG G 146 -56.01 12.95 -17.86
CA ARG G 146 -56.22 12.17 -16.65
C ARG G 146 -55.69 12.88 -15.42
N GLU G 147 -54.59 13.63 -15.56
CA GLU G 147 -54.02 14.30 -14.39
C GLU G 147 -54.94 15.39 -13.87
N ALA G 148 -55.56 16.16 -14.77
CA ALA G 148 -56.48 17.20 -14.33
C ALA G 148 -57.71 16.60 -13.65
N ASN G 149 -58.24 15.51 -14.19
CA ASN G 149 -59.37 14.85 -13.56
C ASN G 149 -58.99 14.30 -12.19
N ASP G 150 -57.79 13.74 -12.07
CA ASP G 150 -57.31 13.25 -10.78
C ASP G 150 -57.19 14.39 -9.78
N ALA G 151 -56.68 15.54 -10.22
CA ALA G 151 -56.58 16.69 -9.33
C ALA G 151 -57.97 17.17 -8.89
N VAL G 152 -58.92 17.18 -9.83
CA VAL G 152 -60.28 17.64 -9.50
C VAL G 152 -60.91 16.70 -8.48
N LEU G 153 -60.79 15.39 -8.69
CA LEU G 153 -61.35 14.44 -7.73
C LEU G 153 -60.62 14.52 -6.40
N PHE G 154 -59.31 14.80 -6.40
CA PHE G 154 -58.58 15.00 -5.17
C PHE G 154 -59.12 16.21 -4.40
N GLY G 155 -59.40 17.30 -5.12
CA GLY G 155 -59.99 18.46 -4.48
C GLY G 155 -61.36 18.16 -3.90
N PHE G 156 -62.17 17.40 -4.64
CA PHE G 156 -63.48 17.02 -4.13
C PHE G 156 -63.36 16.17 -2.87
N LEU G 157 -62.46 15.19 -2.88
CA LEU G 157 -62.25 14.36 -1.71
C LEU G 157 -61.78 15.18 -0.52
N THR G 158 -60.87 16.13 -0.76
CA THR G 158 -60.35 16.94 0.33
C THR G 158 -61.45 17.82 0.93
N THR G 159 -62.25 18.48 0.08
CA THR G 159 -63.30 19.32 0.63
C THR G 159 -64.37 18.49 1.34
N TRP G 160 -64.64 17.28 0.84
CA TRP G 160 -65.55 16.39 1.54
C TRP G 160 -64.99 15.98 2.90
N PHE G 161 -63.69 15.70 2.96
CA PHE G 161 -63.06 15.35 4.22
C PHE G 161 -63.12 16.49 5.22
N LEU G 162 -62.84 17.71 4.76
CA LEU G 162 -62.97 18.87 5.65
C LEU G 162 -64.39 19.06 6.13
N GLY G 163 -65.38 18.91 5.24
CA GLY G 163 -66.75 19.02 5.67
C GLY G 163 -67.13 18.00 6.72
N GLU G 164 -66.75 16.74 6.49
CA GLU G 164 -67.03 15.69 7.47
C GLU G 164 -66.34 15.98 8.79
N PHE G 165 -65.08 16.42 8.74
CA PHE G 165 -64.34 16.71 9.98
C PHE G 165 -65.00 17.83 10.77
N LEU G 166 -65.32 18.94 10.11
CA LEU G 166 -65.92 20.06 10.84
C LEU G 166 -67.32 19.71 11.33
N ALA G 167 -68.05 18.86 10.60
CA ALA G 167 -69.33 18.40 11.11
C ALA G 167 -69.16 17.54 12.35
N GLN G 168 -68.11 16.72 12.39
CA GLN G 168 -67.87 15.82 13.50
C GLN G 168 -66.94 16.38 14.57
N SER G 169 -66.41 17.59 14.38
CA SER G 169 -65.48 18.19 15.34
C SER G 169 -66.18 19.03 16.40
N GLU G 170 -67.50 19.09 16.38
CA GLU G 170 -68.31 19.90 17.30
C GLU G 170 -68.00 21.39 17.20
N GLU G 171 -67.25 21.80 16.18
CA GLU G 171 -66.93 23.21 15.93
C GLU G 171 -66.21 23.85 17.12
N LYS G 172 -65.48 23.05 17.89
CA LYS G 172 -64.76 23.57 19.04
C LYS G 172 -63.46 24.26 18.60
N PRO G 173 -62.56 23.61 17.83
CA PRO G 173 -61.33 24.31 17.42
C PRO G 173 -61.51 25.07 16.11
N HIS G 174 -60.45 25.69 15.63
CA HIS G 174 -60.45 26.39 14.35
C HIS G 174 -59.41 25.74 13.45
N VAL G 175 -59.80 25.48 12.21
CA VAL G 175 -58.97 24.75 11.26
C VAL G 175 -58.39 25.73 10.24
N VAL G 176 -57.09 25.60 9.97
CA VAL G 176 -56.41 26.41 8.97
C VAL G 176 -55.94 25.48 7.86
N ALA G 177 -56.19 25.87 6.61
CA ALA G 177 -55.86 25.06 5.45
C ALA G 177 -54.76 25.73 4.65
N HIS G 178 -53.68 24.99 4.39
CA HIS G 178 -52.56 25.47 3.60
C HIS G 178 -52.40 24.62 2.36
N PHE G 179 -52.29 25.26 1.21
CA PHE G 179 -52.18 24.59 -0.08
C PHE G 179 -50.89 25.03 -0.76
N HIS G 180 -50.11 24.05 -1.22
CA HIS G 180 -48.78 24.32 -1.75
C HIS G 180 -48.70 24.23 -3.26
N GLU G 181 -49.58 23.48 -3.91
CA GLU G 181 -49.48 23.23 -5.34
C GLU G 181 -50.83 23.43 -5.99
N TRP G 182 -50.80 23.83 -7.28
CA TRP G 182 -52.01 24.28 -7.94
C TRP G 182 -52.98 23.12 -8.21
N LEU G 183 -52.47 21.93 -8.51
CA LEU G 183 -53.36 20.78 -8.66
C LEU G 183 -54.06 20.47 -7.35
N ALA G 184 -53.34 20.56 -6.23
CA ALA G 184 -53.94 20.31 -4.93
C ALA G 184 -54.83 21.46 -4.46
N GLY G 185 -54.67 22.65 -5.03
CA GLY G 185 -55.43 23.81 -4.62
C GLY G 185 -56.80 23.95 -5.23
N VAL G 186 -57.19 23.09 -6.17
CA VAL G 186 -58.47 23.23 -6.84
C VAL G 186 -59.62 23.08 -5.85
N GLY G 187 -59.42 22.26 -4.81
CA GLY G 187 -60.43 22.12 -3.78
C GLY G 187 -60.53 23.28 -2.83
N LEU G 188 -59.51 24.13 -2.77
CA LEU G 188 -59.52 25.27 -1.85
C LEU G 188 -60.75 26.15 -2.06
N CYS G 189 -60.95 26.58 -3.31
CA CYS G 189 -62.15 27.36 -3.63
C CYS G 189 -63.42 26.59 -3.29
N LEU G 190 -63.39 25.26 -3.42
CA LEU G 190 -64.53 24.44 -3.03
C LEU G 190 -64.88 24.68 -1.58
N CYS G 191 -63.87 24.73 -0.71
CA CYS G 191 -64.11 25.07 0.69
C CYS G 191 -64.71 26.47 0.80
N ARG G 192 -64.19 27.42 0.03
CA ARG G 192 -64.77 28.76 0.01
C ARG G 192 -66.19 28.76 -0.53
N ALA G 193 -66.56 27.74 -1.30
CA ALA G 193 -67.93 27.62 -1.78
C ALA G 193 -68.85 26.96 -0.75
N ARG G 194 -68.30 26.38 0.31
CA ARG G 194 -69.11 25.68 1.31
C ARG G 194 -69.22 26.45 2.61
N ARG G 195 -68.76 27.70 2.65
CA ARG G 195 -68.87 28.56 3.83
C ARG G 195 -68.17 27.96 5.04
N LEU G 196 -67.11 27.20 4.82
CA LEU G 196 -66.41 26.55 5.92
C LEU G 196 -65.55 27.56 6.67
N PRO G 197 -65.70 27.68 7.99
CA PRO G 197 -64.89 28.66 8.73
C PRO G 197 -63.45 28.23 8.86
N VAL G 198 -62.68 28.37 7.78
CA VAL G 198 -61.26 28.02 7.77
C VAL G 198 -60.48 29.15 7.12
N ALA G 199 -59.19 29.20 7.44
CA ALA G 199 -58.28 30.17 6.83
C ALA G 199 -57.69 29.57 5.56
N THR G 200 -57.82 30.31 4.45
CA THR G 200 -57.43 29.81 3.14
C THR G 200 -56.13 30.47 2.70
N ILE G 201 -55.10 29.64 2.49
CA ILE G 201 -53.78 30.08 2.05
C ILE G 201 -53.49 29.39 0.72
N PHE G 202 -53.16 30.18 -0.30
CA PHE G 202 -52.75 29.63 -1.58
C PHE G 202 -51.30 29.98 -1.85
N THR G 203 -50.47 28.96 -2.04
CA THR G 203 -49.05 29.14 -2.32
C THR G 203 -48.74 28.54 -3.69
N THR G 204 -48.09 29.33 -4.53
CA THR G 204 -47.70 28.89 -5.86
C THR G 204 -46.18 28.86 -5.96
N HIS G 205 -45.68 28.06 -6.91
CA HIS G 205 -44.24 27.92 -7.14
C HIS G 205 -43.79 28.57 -8.43
N ALA G 206 -44.54 28.40 -9.51
CA ALA G 206 -44.21 29.03 -10.79
C ALA G 206 -45.48 29.09 -11.63
N THR G 207 -45.44 29.96 -12.63
CA THR G 207 -46.54 30.07 -13.59
C THR G 207 -46.32 29.09 -14.73
N LEU G 208 -47.35 28.28 -15.03
CA LEU G 208 -47.23 27.29 -16.08
C LEU G 208 -47.15 27.94 -17.45
N LEU G 209 -47.96 28.99 -17.68
CA LEU G 209 -47.95 29.67 -18.97
C LEU G 209 -46.63 30.43 -19.18
N GLY G 210 -46.02 30.93 -18.11
CA GLY G 210 -44.74 31.60 -18.23
C GLY G 210 -43.64 30.72 -18.76
N ARG G 211 -43.67 29.43 -18.42
CA ARG G 211 -42.69 28.50 -18.97
C ARG G 211 -42.77 28.45 -20.49
N TYR G 212 -43.99 28.40 -21.03
CA TYR G 212 -44.16 28.39 -22.48
C TYR G 212 -43.94 29.76 -23.11
N LEU G 213 -44.02 30.84 -22.34
CA LEU G 213 -43.71 32.16 -22.88
C LEU G 213 -42.25 32.24 -23.31
N CYS G 214 -41.34 31.70 -22.51
CA CYS G 214 -39.91 31.86 -22.78
C CYS G 214 -39.47 31.13 -24.04
N ALA G 215 -40.26 30.19 -24.54
CA ALA G 215 -39.93 29.47 -25.76
C ALA G 215 -40.58 30.07 -27.00
N GLY G 216 -41.26 31.20 -26.85
CA GLY G 216 -41.94 31.85 -27.96
C GLY G 216 -41.12 32.84 -28.75
N ALA G 217 -39.81 32.95 -28.46
CA ALA G 217 -38.92 33.87 -29.16
C ALA G 217 -39.38 35.32 -29.04
N VAL G 218 -40.04 35.65 -27.95
CA VAL G 218 -40.50 37.00 -27.67
C VAL G 218 -40.00 37.40 -26.28
N ASP G 219 -39.54 38.64 -26.16
CA ASP G 219 -39.05 39.12 -24.87
C ASP G 219 -40.16 39.06 -23.84
N PHE G 220 -39.81 38.57 -22.65
CA PHE G 220 -40.78 38.31 -21.58
C PHE G 220 -40.69 39.28 -20.43
N TYR G 221 -39.50 39.52 -19.90
CA TYR G 221 -39.36 40.35 -18.71
C TYR G 221 -39.46 41.84 -18.99
N ASN G 222 -39.15 42.27 -20.21
CA ASN G 222 -39.28 43.67 -20.57
C ASN G 222 -40.66 44.03 -21.09
N ASN G 223 -41.56 43.05 -21.20
CA ASN G 223 -42.94 43.29 -21.61
C ASN G 223 -43.91 42.80 -20.55
N LEU G 224 -43.56 42.97 -19.28
CA LEU G 224 -44.37 42.45 -18.18
C LEU G 224 -45.65 43.25 -17.96
N GLU G 225 -45.81 44.40 -18.60
CA GLU G 225 -46.97 45.25 -18.37
C GLU G 225 -48.14 44.94 -19.29
N ASN G 226 -47.93 44.15 -20.35
CA ASN G 226 -48.96 43.91 -21.36
C ASN G 226 -48.95 42.44 -21.76
N PHE G 227 -49.91 41.68 -21.22
CA PHE G 227 -50.14 40.30 -21.63
C PHE G 227 -51.58 40.14 -22.04
N ASN G 228 -51.80 39.59 -23.24
CA ASN G 228 -53.13 39.19 -23.69
C ASN G 228 -53.42 37.79 -23.18
N VAL G 229 -53.63 37.71 -21.86
CA VAL G 229 -53.58 36.44 -21.15
C VAL G 229 -54.61 35.46 -21.67
N ASP G 230 -55.83 35.95 -21.92
CA ASP G 230 -56.93 35.05 -22.29
C ASP G 230 -56.61 34.25 -23.55
N LYS G 231 -56.20 34.93 -24.62
CA LYS G 231 -55.92 34.21 -25.86
C LYS G 231 -54.67 33.35 -25.76
N GLU G 232 -53.58 33.88 -25.19
CA GLU G 232 -52.35 33.10 -25.11
C GLU G 232 -52.57 31.84 -24.27
N ALA G 233 -53.50 31.89 -23.31
CA ALA G 233 -53.91 30.67 -22.64
C ALA G 233 -54.82 29.83 -23.53
N GLY G 234 -55.61 30.47 -24.38
CA GLY G 234 -56.55 29.78 -25.24
C GLY G 234 -55.92 28.91 -26.31
N GLU G 235 -55.23 29.52 -27.28
CA GLU G 235 -54.71 28.71 -28.39
C GLU G 235 -53.57 27.79 -27.97
N ARG G 236 -53.01 27.94 -26.77
CA ARG G 236 -51.93 27.09 -26.30
C ARG G 236 -52.42 25.95 -25.43
N GLN G 237 -53.74 25.79 -25.28
CA GLN G 237 -54.37 24.66 -24.60
C GLN G 237 -54.02 24.59 -23.11
N ILE G 238 -53.65 25.73 -22.51
CA ILE G 238 -53.38 25.78 -21.08
C ILE G 238 -54.38 26.75 -20.45
N TYR G 239 -55.54 26.91 -21.11
CA TYR G 239 -56.51 27.90 -20.66
C TYR G 239 -57.11 27.53 -19.31
N HIS G 240 -57.60 26.29 -19.19
CA HIS G 240 -58.32 25.91 -17.98
C HIS G 240 -57.39 25.77 -16.78
N ARG G 241 -56.15 25.33 -17.00
CA ARG G 241 -55.20 25.23 -15.91
C ARG G 241 -54.97 26.58 -15.27
N TYR G 242 -54.62 27.57 -16.08
CA TYR G 242 -54.52 28.94 -15.59
C TYR G 242 -55.85 29.41 -15.02
N CYS G 243 -56.98 28.94 -15.56
CA CYS G 243 -58.27 29.38 -15.08
C CYS G 243 -58.46 29.01 -13.61
N MET G 244 -58.29 27.73 -13.26
CA MET G 244 -58.50 27.44 -11.84
C MET G 244 -57.32 27.86 -10.99
N GLU G 245 -56.12 28.02 -11.56
CA GLU G 245 -55.03 28.62 -10.78
C GLU G 245 -55.39 30.03 -10.34
N ARG G 246 -55.86 30.86 -11.27
CA ARG G 246 -56.25 32.21 -10.94
C ARG G 246 -57.49 32.24 -10.04
N ALA G 247 -58.42 31.30 -10.24
CA ALA G 247 -59.59 31.23 -9.36
C ALA G 247 -59.16 30.93 -7.92
N ALA G 248 -58.25 29.97 -7.74
CA ALA G 248 -57.76 29.66 -6.40
C ALA G 248 -57.00 30.84 -5.80
N ALA G 249 -56.19 31.51 -6.63
CA ALA G 249 -55.45 32.67 -6.12
C ALA G 249 -56.39 33.78 -5.67
N HIS G 250 -57.42 34.06 -6.45
CA HIS G 250 -58.34 35.15 -6.11
C HIS G 250 -59.20 34.80 -4.90
N CYS G 251 -59.68 33.55 -4.84
CA CYS G 251 -60.59 33.17 -3.76
C CYS G 251 -59.89 33.01 -2.42
N ALA G 252 -58.58 32.80 -2.42
CA ALA G 252 -57.86 32.52 -1.18
C ALA G 252 -57.86 33.75 -0.28
N HIS G 253 -57.93 33.50 1.03
CA HIS G 253 -57.80 34.58 2.00
C HIS G 253 -56.44 35.25 1.89
N VAL G 254 -55.38 34.45 1.78
CA VAL G 254 -54.04 34.98 1.58
C VAL G 254 -53.36 34.24 0.44
N PHE G 255 -52.51 34.98 -0.28
CA PHE G 255 -51.78 34.46 -1.43
C PHE G 255 -50.29 34.68 -1.20
N THR G 256 -49.51 33.62 -1.39
CA THR G 256 -48.07 33.67 -1.18
C THR G 256 -47.35 33.18 -2.42
N THR G 257 -46.12 33.65 -2.60
CA THR G 257 -45.35 33.33 -3.79
C THR G 257 -43.90 33.13 -3.37
N VAL G 258 -43.15 32.36 -4.16
CA VAL G 258 -41.84 31.88 -3.72
C VAL G 258 -40.85 33.04 -3.57
N SER G 259 -40.78 33.94 -4.55
CA SER G 259 -39.76 34.98 -4.53
C SER G 259 -40.35 36.29 -5.04
N GLN G 260 -39.53 37.34 -4.97
CA GLN G 260 -39.99 38.68 -5.30
C GLN G 260 -40.34 38.81 -6.77
N ILE G 261 -39.48 38.32 -7.66
CA ILE G 261 -39.75 38.43 -9.09
C ILE G 261 -40.93 37.54 -9.48
N THR G 262 -41.03 36.37 -8.86
CA THR G 262 -42.21 35.53 -9.08
C THR G 262 -43.47 36.20 -8.55
N ALA G 263 -43.36 36.92 -7.43
CA ALA G 263 -44.50 37.70 -6.95
C ALA G 263 -44.90 38.77 -7.95
N ILE G 264 -43.91 39.45 -8.54
CA ILE G 264 -44.19 40.50 -9.51
C ILE G 264 -44.87 39.93 -10.75
N GLU G 265 -44.36 38.80 -11.25
CA GLU G 265 -44.97 38.20 -12.44
C GLU G 265 -46.35 37.65 -12.14
N ALA G 266 -46.59 37.16 -10.92
CA ALA G 266 -47.93 36.74 -10.54
C ALA G 266 -48.88 37.92 -10.47
N GLN G 267 -48.41 39.05 -9.92
CA GLN G 267 -49.24 40.25 -9.84
C GLN G 267 -49.58 40.77 -11.23
N HIS G 268 -48.61 40.77 -12.13
CA HIS G 268 -48.84 41.25 -13.48
C HIS G 268 -49.49 40.21 -14.39
N LEU G 269 -49.62 38.98 -13.93
CA LEU G 269 -50.24 37.91 -14.72
C LEU G 269 -51.54 37.43 -14.11
N LEU G 270 -51.55 37.08 -12.82
CA LEU G 270 -52.76 36.62 -12.15
C LEU G 270 -53.61 37.79 -11.65
N LYS G 271 -53.14 39.03 -11.81
CA LYS G 271 -53.88 40.22 -11.40
C LYS G 271 -54.23 40.19 -9.92
N ARG G 272 -53.29 39.71 -9.10
CA ARG G 272 -53.47 39.72 -7.66
C ARG G 272 -52.10 39.83 -7.00
N LYS G 273 -51.89 40.89 -6.24
CA LYS G 273 -50.63 41.11 -5.57
C LYS G 273 -50.49 40.17 -4.39
N PRO G 274 -49.46 39.32 -4.34
CA PRO G 274 -49.29 38.42 -3.20
C PRO G 274 -49.06 39.18 -1.91
N ASP G 275 -49.64 38.68 -0.83
CA ASP G 275 -49.51 39.36 0.46
C ASP G 275 -48.07 39.32 0.96
N ILE G 276 -47.38 38.19 0.80
CA ILE G 276 -46.02 38.05 1.29
C ILE G 276 -45.34 36.98 0.44
N VAL G 277 -44.01 37.07 0.36
CA VAL G 277 -43.21 36.12 -0.40
C VAL G 277 -42.76 35.00 0.53
N THR G 278 -42.64 33.79 -0.02
CA THR G 278 -42.28 32.60 0.76
C THR G 278 -41.14 31.87 0.07
N PRO G 279 -39.90 32.29 0.31
CA PRO G 279 -38.75 31.57 -0.25
C PRO G 279 -38.59 30.20 0.38
N ASN G 280 -38.09 29.26 -0.42
CA ASN G 280 -37.87 27.90 0.05
C ASN G 280 -36.60 27.81 0.88
N GLY G 281 -36.69 27.10 2.01
CA GLY G 281 -35.54 26.90 2.86
C GLY G 281 -34.98 25.49 2.73
N LEU G 282 -33.71 25.32 3.07
CA LEU G 282 -33.05 24.02 2.97
C LEU G 282 -32.31 23.73 4.28
N ASN G 283 -32.42 22.49 4.74
CA ASN G 283 -31.69 22.08 5.93
C ASN G 283 -30.20 22.03 5.63
N VAL G 284 -29.39 22.51 6.58
CA VAL G 284 -27.95 22.58 6.44
C VAL G 284 -27.32 21.52 7.33
N LYS G 285 -26.38 20.77 6.76
CA LYS G 285 -25.68 19.71 7.49
C LYS G 285 -24.41 20.31 8.09
N LYS G 286 -24.50 20.71 9.37
CA LYS G 286 -23.36 21.32 10.03
C LYS G 286 -22.28 20.28 10.31
N PHE G 287 -21.06 20.78 10.52
CA PHE G 287 -19.92 19.94 10.84
C PHE G 287 -19.37 20.32 12.20
N SER G 288 -18.50 19.47 12.73
CA SER G 288 -17.87 19.76 14.03
C SER G 288 -16.98 20.98 13.93
N ALA G 289 -16.25 21.12 12.82
CA ALA G 289 -15.33 22.24 12.62
C ALA G 289 -15.83 23.14 11.50
N MET G 290 -15.59 24.44 11.65
CA MET G 290 -16.02 25.40 10.63
C MET G 290 -15.26 25.17 9.33
N HIS G 291 -13.97 24.86 9.42
CA HIS G 291 -13.10 24.76 8.25
C HIS G 291 -13.20 23.42 7.55
N GLU G 292 -14.01 22.50 8.04
CA GLU G 292 -14.09 21.18 7.43
C GLU G 292 -14.59 21.26 6.00
N PHE G 293 -15.51 22.18 5.72
CA PHE G 293 -15.98 22.36 4.35
C PHE G 293 -14.84 22.76 3.43
N GLN G 294 -13.79 23.39 3.96
CA GLN G 294 -12.59 23.63 3.16
C GLN G 294 -11.87 22.34 2.87
N ASN G 295 -11.71 21.47 3.87
CA ASN G 295 -10.98 20.22 3.67
C ASN G 295 -11.70 19.33 2.66
N LEU G 296 -13.03 19.28 2.73
CA LEU G 296 -13.79 18.55 1.71
C LEU G 296 -13.55 19.11 0.33
N HIS G 297 -13.25 20.41 0.23
CA HIS G 297 -12.86 21.00 -1.05
C HIS G 297 -11.43 20.64 -1.43
N ALA G 298 -10.56 20.44 -0.45
CA ALA G 298 -9.16 20.16 -0.76
C ALA G 298 -9.01 18.81 -1.45
N GLN G 299 -9.59 17.76 -0.87
CA GLN G 299 -9.41 16.43 -1.43
C GLN G 299 -10.25 16.23 -2.69
N SER G 300 -11.49 16.74 -2.69
CA SER G 300 -12.35 16.58 -3.85
C SER G 300 -11.73 17.22 -5.10
N LYS G 301 -11.15 18.41 -4.94
CA LYS G 301 -10.44 19.03 -6.06
C LYS G 301 -9.38 18.10 -6.61
N ALA G 302 -8.68 17.37 -5.73
CA ALA G 302 -7.68 16.42 -6.18
C ALA G 302 -8.31 15.39 -7.11
N ARG G 303 -9.49 14.88 -6.74
CA ARG G 303 -10.18 13.91 -7.59
C ARG G 303 -10.47 14.49 -8.96
N ILE G 304 -10.65 15.81 -9.06
CA ILE G 304 -10.83 16.43 -10.35
C ILE G 304 -9.52 16.44 -11.13
N GLN G 305 -8.41 16.75 -10.45
CA GLN G 305 -7.12 16.83 -11.14
C GLN G 305 -6.76 15.50 -11.79
N GLU G 306 -6.89 14.41 -11.03
CA GLU G 306 -6.61 13.09 -11.61
C GLU G 306 -7.46 12.84 -12.84
N PHE G 307 -8.66 13.40 -12.89
CA PHE G 307 -9.46 13.31 -14.11
C PHE G 307 -8.84 14.14 -15.23
N VAL G 308 -8.55 15.42 -14.95
CA VAL G 308 -8.15 16.32 -16.03
C VAL G 308 -6.80 15.91 -16.60
N ARG G 309 -5.88 15.46 -15.74
CA ARG G 309 -4.64 14.88 -16.23
C ARG G 309 -4.92 13.78 -17.23
N GLY G 310 -5.82 12.86 -16.88
CA GLY G 310 -6.18 11.80 -17.79
C GLY G 310 -6.79 12.33 -19.07
N HIS G 311 -7.51 13.44 -18.99
CA HIS G 311 -8.09 14.00 -20.21
C HIS G 311 -7.11 14.86 -20.99
N PHE G 312 -5.91 15.10 -20.45
CA PHE G 312 -4.93 15.96 -21.10
C PHE G 312 -3.56 15.30 -21.10
N TYR G 313 -3.52 14.02 -21.45
CA TYR G 313 -2.26 13.32 -21.59
C TYR G 313 -1.58 13.76 -22.89
N GLY G 314 -0.30 14.07 -22.81
CA GLY G 314 0.44 14.56 -23.96
C GLY G 314 0.29 16.03 -24.23
N HIS G 315 -0.47 16.76 -23.41
CA HIS G 315 -0.63 18.20 -23.60
C HIS G 315 -0.53 18.95 -22.27
N LEU G 316 -0.04 18.31 -21.22
CA LEU G 316 0.07 18.95 -19.90
C LEU G 316 1.29 19.86 -19.93
N ASP G 317 1.08 21.08 -20.42
CA ASP G 317 2.14 22.07 -20.53
C ASP G 317 1.90 23.30 -19.67
N PHE G 318 0.93 23.25 -18.77
CA PHE G 318 0.62 24.37 -17.89
C PHE G 318 0.65 23.91 -16.44
N ASN G 319 1.06 24.82 -15.56
CA ASN G 319 1.11 24.51 -14.14
C ASN G 319 -0.30 24.30 -13.61
N LEU G 320 -0.53 23.14 -12.99
CA LEU G 320 -1.85 22.82 -12.49
C LEU G 320 -2.16 23.46 -11.14
N ASP G 321 -1.15 24.01 -10.45
CA ASP G 321 -1.40 24.73 -9.21
C ASP G 321 -2.02 26.10 -9.44
N LYS G 322 -2.03 26.58 -10.68
CA LYS G 322 -2.63 27.86 -11.03
C LYS G 322 -3.81 27.66 -11.98
N THR G 323 -4.65 26.68 -11.67
CA THR G 323 -5.80 26.33 -12.51
C THR G 323 -7.09 26.59 -11.74
N LEU G 324 -8.06 27.18 -12.43
CA LEU G 324 -9.36 27.48 -11.85
C LEU G 324 -10.42 26.57 -12.47
N TYR G 325 -11.36 26.13 -11.66
CA TYR G 325 -12.44 25.22 -12.08
C TYR G 325 -13.76 25.94 -11.97
N PHE G 326 -14.40 26.19 -13.11
CA PHE G 326 -15.74 26.75 -13.17
C PHE G 326 -16.69 25.66 -13.64
N PHE G 327 -17.97 25.79 -13.26
CA PHE G 327 -18.94 24.78 -13.65
C PHE G 327 -20.34 25.36 -13.60
N ILE G 328 -21.22 24.80 -14.42
CA ILE G 328 -22.64 25.11 -14.41
C ILE G 328 -23.40 23.79 -14.48
N ALA G 329 -24.39 23.64 -13.61
CA ALA G 329 -25.12 22.38 -13.48
C ALA G 329 -26.61 22.63 -13.67
N GLY G 330 -27.40 21.58 -13.48
CA GLY G 330 -28.84 21.65 -13.61
C GLY G 330 -29.32 20.92 -14.86
N ARG G 331 -30.63 21.03 -15.08
CA ARG G 331 -31.24 20.39 -16.23
C ARG G 331 -30.75 21.03 -17.53
N TYR G 332 -30.80 20.24 -18.61
CA TYR G 332 -30.31 20.68 -19.91
C TYR G 332 -31.30 21.67 -20.52
N GLU G 333 -31.16 22.93 -20.12
CA GLU G 333 -31.90 24.04 -20.70
C GLU G 333 -30.91 25.06 -21.22
N PHE G 334 -31.06 25.45 -22.49
CA PHE G 334 -30.06 26.30 -23.11
C PHE G 334 -30.23 27.75 -22.68
N SER G 335 -31.36 28.36 -23.04
CA SER G 335 -31.57 29.77 -22.74
C SER G 335 -31.92 29.99 -21.28
N ASN G 336 -32.69 29.08 -20.68
CA ASN G 336 -33.19 29.28 -19.33
C ASN G 336 -32.12 29.08 -18.26
N LYS G 337 -30.97 28.52 -18.61
CA LYS G 337 -29.90 28.32 -17.65
C LYS G 337 -28.66 29.18 -17.93
N GLY G 338 -28.64 29.91 -19.04
CA GLY G 338 -27.52 30.78 -19.33
C GLY G 338 -26.26 30.08 -19.77
N ALA G 339 -26.38 28.95 -20.48
CA ALA G 339 -25.20 28.29 -21.02
C ALA G 339 -24.53 29.15 -22.08
N ASP G 340 -25.31 29.76 -22.96
CA ASP G 340 -24.74 30.52 -24.07
C ASP G 340 -23.98 31.74 -23.56
N VAL G 341 -24.56 32.49 -22.65
CA VAL G 341 -23.91 33.69 -22.13
C VAL G 341 -22.61 33.31 -21.42
N PHE G 342 -22.63 32.21 -20.66
CA PHE G 342 -21.41 31.71 -20.04
C PHE G 342 -20.37 31.36 -21.11
N LEU G 343 -20.82 30.79 -22.22
CA LEU G 343 -19.88 30.40 -23.27
C LEU G 343 -19.21 31.61 -23.90
N GLU G 344 -19.98 32.61 -24.30
CA GLU G 344 -19.31 33.76 -24.93
C GLU G 344 -18.53 34.58 -23.90
N ALA G 345 -18.96 34.58 -22.63
CA ALA G 345 -18.15 35.24 -21.61
C ALA G 345 -16.81 34.54 -21.45
N LEU G 346 -16.80 33.20 -21.48
CA LEU G 346 -15.55 32.48 -21.41
C LEU G 346 -14.70 32.70 -22.65
N ALA G 347 -15.33 32.84 -23.81
CA ALA G 347 -14.58 33.16 -25.02
C ALA G 347 -13.91 34.52 -24.92
N ARG G 348 -14.64 35.51 -24.40
CA ARG G 348 -14.04 36.84 -24.19
C ARG G 348 -12.91 36.78 -23.18
N LEU G 349 -13.08 35.98 -22.12
CA LEU G 349 -12.02 35.81 -21.14
C LEU G 349 -10.78 35.18 -21.77
N ASN G 350 -10.99 34.19 -22.64
CA ASN G 350 -9.88 33.57 -23.35
C ASN G 350 -9.15 34.57 -24.22
N TYR G 351 -9.91 35.39 -24.95
CA TYR G 351 -9.31 36.42 -25.80
C TYR G 351 -8.51 37.42 -24.97
N LEU G 352 -9.05 37.79 -23.81
CA LEU G 352 -8.36 38.74 -22.94
C LEU G 352 -7.10 38.13 -22.33
N LEU G 353 -7.11 36.84 -22.01
CA LEU G 353 -5.98 36.22 -21.35
C LEU G 353 -4.79 36.01 -22.29
N ARG G 354 -5.02 36.04 -23.60
CA ARG G 354 -3.93 35.88 -24.56
C ARG G 354 -3.26 37.20 -24.92
N VAL G 355 -3.74 38.32 -24.39
CA VAL G 355 -3.09 39.60 -24.60
C VAL G 355 -2.45 40.15 -23.33
N ASN G 356 -2.85 39.66 -22.15
CA ASN G 356 -2.22 40.06 -20.90
C ASN G 356 -0.99 39.25 -20.57
N GLY G 357 -0.73 38.17 -21.30
CA GLY G 357 0.42 37.33 -21.02
C GLY G 357 0.36 36.64 -19.67
N SER G 358 -0.82 36.23 -19.24
CA SER G 358 -0.98 35.56 -17.97
C SER G 358 -0.87 34.04 -18.13
N GLU G 359 -0.47 33.38 -17.04
CA GLU G 359 -0.33 31.94 -17.02
C GLU G 359 -1.54 31.21 -16.44
N GLN G 360 -2.51 31.95 -15.91
CA GLN G 360 -3.69 31.31 -15.33
C GLN G 360 -4.53 30.66 -16.41
N THR G 361 -4.97 29.43 -16.16
CA THR G 361 -5.81 28.68 -17.08
C THR G 361 -7.03 28.17 -16.32
N VAL G 362 -8.20 28.28 -16.94
CA VAL G 362 -9.44 27.88 -16.30
C VAL G 362 -10.04 26.70 -17.05
N VAL G 363 -10.71 25.83 -16.30
CA VAL G 363 -11.39 24.66 -16.84
C VAL G 363 -12.87 24.76 -16.48
N ALA G 364 -13.72 24.63 -17.48
CA ALA G 364 -15.17 24.80 -17.32
C ALA G 364 -15.87 23.48 -17.58
N PHE G 365 -16.61 23.00 -16.59
CA PHE G 365 -17.38 21.77 -16.70
C PHE G 365 -18.82 22.10 -17.01
N PHE G 366 -19.44 21.30 -17.87
CA PHE G 366 -20.84 21.45 -18.24
C PHE G 366 -21.57 20.17 -17.85
N ILE G 367 -22.16 20.16 -16.66
CA ILE G 367 -22.94 19.00 -16.20
C ILE G 367 -24.36 19.21 -16.70
N MET G 368 -24.56 18.89 -17.98
CA MET G 368 -25.82 19.10 -18.68
C MET G 368 -26.33 17.74 -19.14
N PRO G 369 -27.16 17.07 -18.34
CA PRO G 369 -27.64 15.73 -18.73
C PRO G 369 -28.40 15.78 -20.04
N ALA G 370 -27.89 15.04 -21.03
CA ALA G 370 -28.51 14.95 -22.35
C ALA G 370 -28.65 13.47 -22.69
N ARG G 371 -29.15 13.20 -23.90
CA ARG G 371 -29.32 11.84 -24.37
C ARG G 371 -28.05 11.40 -25.10
N THR G 372 -27.42 10.35 -24.60
CA THR G 372 -26.12 9.91 -25.10
C THR G 372 -26.09 8.39 -25.16
N ASN G 373 -25.14 7.86 -25.93
CA ASN G 373 -24.90 6.44 -26.03
C ASN G 373 -23.42 6.16 -25.89
N ASN G 374 -23.08 5.14 -25.09
CA ASN G 374 -21.70 4.70 -24.88
C ASN G 374 -20.84 5.81 -24.29
N PHE G 375 -19.54 5.59 -24.27
CA PHE G 375 -18.56 6.57 -23.80
C PHE G 375 -17.71 7.06 -24.97
N ASN G 376 -16.70 7.86 -24.64
CA ASN G 376 -15.73 8.33 -25.61
C ASN G 376 -14.45 7.53 -25.48
N VAL G 377 -13.99 6.96 -26.60
CA VAL G 377 -12.84 6.07 -26.56
C VAL G 377 -11.58 6.83 -26.15
N GLU G 378 -11.45 8.08 -26.61
CA GLU G 378 -10.25 8.85 -26.28
C GLU G 378 -10.17 9.15 -24.80
N THR G 379 -11.30 9.45 -24.16
CA THR G 379 -11.29 9.76 -22.73
C THR G 379 -10.86 8.55 -21.92
N LEU G 380 -11.43 7.38 -22.21
CA LEU G 380 -11.05 6.16 -21.51
C LEU G 380 -9.60 5.81 -21.79
N LYS G 381 -9.15 6.03 -23.03
CA LYS G 381 -7.74 5.82 -23.35
C LYS G 381 -6.85 6.71 -22.50
N GLY G 382 -7.24 7.98 -22.32
CA GLY G 382 -6.46 8.86 -21.48
C GLY G 382 -6.42 8.41 -20.02
N GLN G 383 -7.57 7.96 -19.50
CA GLN G 383 -7.58 7.44 -18.15
C GLN G 383 -6.64 6.24 -18.02
N ALA G 384 -6.69 5.33 -18.99
CA ALA G 384 -5.83 4.15 -18.96
C ALA G 384 -4.36 4.54 -19.07
N VAL G 385 -4.03 5.53 -19.88
CA VAL G 385 -2.65 5.99 -19.99
C VAL G 385 -2.17 6.59 -18.69
N ARG G 386 -3.03 7.38 -18.03
CA ARG G 386 -2.65 7.92 -16.73
C ARG G 386 -2.40 6.81 -15.73
N LYS G 387 -3.26 5.78 -15.72
CA LYS G 387 -3.06 4.67 -14.79
C LYS G 387 -1.77 3.91 -15.11
N GLN G 388 -1.47 3.74 -16.40
CA GLN G 388 -0.23 3.06 -16.78
C GLN G 388 0.99 3.85 -16.35
N LEU G 389 0.95 5.18 -16.50
CA LEU G 389 2.04 6.01 -16.01
C LEU G 389 2.18 5.89 -14.50
N TRP G 390 1.06 5.84 -13.79
CA TRP G 390 1.09 5.63 -12.35
C TRP G 390 1.73 4.30 -11.99
N ASP G 391 1.40 3.24 -12.75
CA ASP G 391 1.98 1.93 -12.49
C ASP G 391 3.49 1.93 -12.73
N THR G 392 3.93 2.57 -13.82
CA THR G 392 5.36 2.66 -14.10
C THR G 392 6.08 3.41 -12.98
N ALA G 393 5.50 4.54 -12.55
CA ALA G 393 6.08 5.29 -11.44
C ALA G 393 6.13 4.44 -10.18
N ASN G 394 5.09 3.65 -9.92
CA ASN G 394 5.07 2.80 -8.73
C ASN G 394 6.18 1.77 -8.79
N THR G 395 6.38 1.12 -9.94
CA THR G 395 7.44 0.13 -10.06
C THR G 395 8.82 0.76 -9.85
N VAL G 396 9.06 1.91 -10.50
CA VAL G 396 10.35 2.56 -10.36
C VAL G 396 10.59 3.00 -8.92
N LYS G 397 9.55 3.53 -8.28
CA LYS G 397 9.71 3.99 -6.90
C LYS G 397 9.89 2.82 -5.94
N GLU G 398 9.30 1.66 -6.24
CA GLU G 398 9.55 0.49 -5.41
C GLU G 398 11.00 0.02 -5.55
N LYS G 399 11.52 0.01 -6.78
CA LYS G 399 12.93 -0.34 -6.96
C LYS G 399 13.84 0.65 -6.23
N PHE G 400 13.53 1.94 -6.34
CA PHE G 400 14.31 2.95 -5.63
C PHE G 400 14.21 2.77 -4.12
N GLY G 401 13.03 2.42 -3.62
CA GLY G 401 12.88 2.17 -2.20
C GLY G 401 13.71 0.99 -1.73
N ARG G 402 13.73 -0.08 -2.51
CA ARG G 402 14.56 -1.23 -2.16
C ARG G 402 16.03 -0.84 -2.11
N LYS G 403 16.51 -0.15 -3.14
CA LYS G 403 17.92 0.25 -3.18
C LYS G 403 18.27 1.18 -2.03
N LEU G 404 17.38 2.14 -1.76
CA LEU G 404 17.63 3.09 -0.66
C LEU G 404 17.60 2.38 0.68
N TYR G 405 16.70 1.42 0.85
CA TYR G 405 16.68 0.63 2.07
C TYR G 405 17.99 -0.12 2.26
N GLU G 406 18.49 -0.75 1.21
CA GLU G 406 19.76 -1.46 1.33
C GLU G 406 20.90 -0.51 1.68
N SER G 407 20.97 0.65 1.01
CA SER G 407 22.05 1.59 1.26
C SER G 407 21.97 2.17 2.66
N LEU G 408 20.76 2.42 3.15
CA LEU G 408 20.61 2.92 4.52
C LEU G 408 20.96 1.85 5.54
N LEU G 409 20.65 0.59 5.23
CA LEU G 409 21.02 -0.50 6.13
C LEU G 409 22.53 -0.65 6.22
N VAL G 410 23.23 -0.55 5.08
CA VAL G 410 24.68 -0.65 5.13
C VAL G 410 25.34 0.61 5.70
N GLY G 411 24.60 1.72 5.77
CA GLY G 411 25.12 2.94 6.36
C GLY G 411 25.81 3.85 5.37
N SER G 412 25.12 4.19 4.28
CA SER G 412 25.68 5.05 3.24
C SER G 412 24.59 5.98 2.75
N LEU G 413 24.85 6.67 1.64
CA LEU G 413 23.93 7.60 1.03
C LEU G 413 23.75 7.25 -0.44
N PRO G 414 22.56 7.51 -0.99
CA PRO G 414 22.32 7.24 -2.43
C PRO G 414 23.02 8.30 -3.28
N ASP G 415 23.99 7.86 -4.07
CA ASP G 415 24.71 8.73 -4.99
C ASP G 415 24.11 8.74 -6.39
N MET G 416 23.00 8.02 -6.59
CA MET G 416 22.26 8.01 -7.86
C MET G 416 23.07 7.45 -9.02
N ASN G 417 24.17 6.74 -8.73
CA ASN G 417 24.93 6.09 -9.78
C ASN G 417 24.44 4.68 -10.07
N LYS G 418 23.56 4.13 -9.23
CA LYS G 418 23.02 2.80 -9.43
C LYS G 418 21.52 2.78 -9.63
N MET G 419 20.81 3.87 -9.35
CA MET G 419 19.39 3.93 -9.65
C MET G 419 19.10 3.94 -11.14
N LEU G 420 20.11 4.26 -11.97
CA LEU G 420 19.90 4.29 -13.41
C LEU G 420 19.62 2.90 -13.94
N ASP G 421 20.44 1.93 -13.57
CA ASP G 421 20.22 0.50 -13.83
C ASP G 421 20.25 0.15 -15.31
N LYS G 422 20.33 1.16 -16.18
CA LYS G 422 20.36 1.00 -17.63
C LYS G 422 19.16 0.24 -18.18
N GLU G 423 18.18 -0.07 -17.34
CA GLU G 423 17.00 -0.82 -17.74
C GLU G 423 15.70 -0.07 -17.50
N ASP G 424 15.57 0.58 -16.34
CA ASP G 424 14.37 1.36 -16.07
C ASP G 424 14.25 2.55 -17.01
N PHE G 425 15.40 3.12 -17.43
CA PHE G 425 15.34 4.19 -18.41
C PHE G 425 14.71 3.73 -19.71
N THR G 426 14.92 2.47 -20.10
CA THR G 426 14.31 1.98 -21.33
C THR G 426 12.79 1.96 -21.22
N MET G 427 12.26 1.40 -20.13
CA MET G 427 10.82 1.33 -19.96
C MET G 427 10.21 2.72 -19.81
N MET G 428 10.89 3.60 -19.09
CA MET G 428 10.39 4.97 -18.97
C MET G 428 10.41 5.68 -20.32
N LYS G 429 11.44 5.44 -21.12
CA LYS G 429 11.53 6.06 -22.45
C LYS G 429 10.40 5.59 -23.34
N ARG G 430 10.12 4.28 -23.35
CA ARG G 430 9.01 3.82 -24.19
C ARG G 430 7.66 4.28 -23.64
N ALA G 431 7.55 4.45 -22.33
CA ALA G 431 6.32 5.03 -21.77
C ALA G 431 6.12 6.46 -22.27
N ILE G 432 7.19 7.26 -22.23
CA ILE G 432 7.10 8.64 -22.73
C ILE G 432 6.79 8.63 -24.21
N PHE G 433 7.36 7.68 -24.96
CA PHE G 433 7.05 7.55 -26.37
C PHE G 433 5.58 7.26 -26.59
N ALA G 434 4.99 6.39 -25.75
CA ALA G 434 3.58 6.08 -25.87
C ALA G 434 2.72 7.30 -25.53
N THR G 435 3.15 8.10 -24.56
CA THR G 435 2.35 9.26 -24.14
C THR G 435 2.21 10.29 -25.25
N GLN G 436 3.10 10.30 -26.23
CA GLN G 436 3.06 11.31 -27.27
C GLN G 436 1.77 11.22 -28.07
N ARG G 437 1.17 12.38 -28.33
CA ARG G 437 -0.08 12.46 -29.07
C ARG G 437 -0.02 13.64 -30.03
N GLN G 438 -0.77 13.54 -31.13
CA GLN G 438 -0.81 14.57 -32.15
C GLN G 438 -2.15 15.27 -32.26
N SER G 439 -3.26 14.55 -32.10
CA SER G 439 -4.57 15.14 -32.24
C SER G 439 -4.95 15.92 -30.99
N PHE G 440 -5.93 16.80 -31.14
CA PHE G 440 -6.37 17.64 -30.03
C PHE G 440 -7.22 16.83 -29.05
N PRO G 441 -7.20 17.20 -27.77
CA PRO G 441 -8.06 16.51 -26.81
C PRO G 441 -9.52 16.76 -27.12
N PRO G 442 -10.40 15.82 -26.78
CA PRO G 442 -11.82 15.99 -27.07
C PRO G 442 -12.51 16.91 -26.07
N VAL G 443 -13.67 17.41 -26.48
CA VAL G 443 -14.46 18.33 -25.65
C VAL G 443 -15.57 17.63 -24.89
N CYS G 444 -15.89 16.38 -25.22
CA CYS G 444 -16.97 15.65 -24.59
C CYS G 444 -16.45 14.34 -24.01
N THR G 445 -16.91 14.01 -22.81
CA THR G 445 -16.57 12.75 -22.16
C THR G 445 -17.58 11.65 -22.48
N HIS G 446 -18.35 11.81 -23.54
CA HIS G 446 -19.33 10.82 -23.96
C HIS G 446 -19.40 10.82 -25.48
N ASN G 447 -20.40 10.16 -26.03
CA ASN G 447 -20.65 10.15 -27.47
C ASN G 447 -22.07 10.64 -27.70
N MET G 448 -22.20 11.80 -28.34
CA MET G 448 -23.52 12.36 -28.61
C MET G 448 -24.26 11.50 -29.62
N LEU G 449 -25.56 11.30 -29.37
CA LEU G 449 -26.38 10.61 -30.37
C LEU G 449 -26.48 11.44 -31.65
N ASP G 450 -26.65 12.75 -31.51
CA ASP G 450 -26.70 13.66 -32.65
C ASP G 450 -25.71 14.79 -32.42
N ASP G 451 -25.11 15.27 -33.52
CA ASP G 451 -24.13 16.34 -33.45
C ASP G 451 -24.45 17.53 -34.34
N SER G 452 -25.31 17.38 -35.34
CA SER G 452 -25.67 18.50 -36.20
C SER G 452 -26.74 19.40 -35.59
N SER G 453 -27.31 19.02 -34.45
CA SER G 453 -28.36 19.81 -33.83
C SER G 453 -28.17 20.01 -32.34
N ASP G 454 -26.97 19.75 -31.82
CA ASP G 454 -26.69 19.97 -30.40
C ASP G 454 -26.22 21.40 -30.19
N PRO G 455 -26.96 22.22 -29.45
CA PRO G 455 -26.57 23.63 -29.31
C PRO G 455 -25.19 23.84 -28.71
N ILE G 456 -24.83 23.04 -27.70
CA ILE G 456 -23.58 23.29 -26.96
C ILE G 456 -22.38 23.13 -27.88
N LEU G 457 -22.34 22.03 -28.64
CA LEU G 457 -21.19 21.78 -29.51
C LEU G 457 -21.15 22.78 -30.66
N THR G 458 -22.30 23.16 -31.20
CA THR G 458 -22.33 24.15 -32.27
C THR G 458 -21.78 25.48 -31.78
N THR G 459 -22.19 25.92 -30.59
CA THR G 459 -21.66 27.17 -30.05
C THR G 459 -20.17 27.07 -29.76
N ILE G 460 -19.72 25.92 -29.23
CA ILE G 460 -18.30 25.77 -28.93
C ILE G 460 -17.48 25.85 -30.21
N ARG G 461 -17.93 25.18 -31.27
CA ARG G 461 -17.23 25.27 -32.55
C ARG G 461 -17.26 26.68 -33.10
N ARG G 462 -18.39 27.36 -32.96
CA ARG G 462 -18.51 28.72 -33.50
C ARG G 462 -17.57 29.69 -32.79
N ILE G 463 -17.48 29.60 -31.46
CA ILE G 463 -16.64 30.55 -30.72
C ILE G 463 -15.17 30.17 -30.72
N GLY G 464 -14.83 28.95 -31.14
CA GLY G 464 -13.44 28.56 -31.28
C GLY G 464 -12.73 28.19 -29.99
N LEU G 465 -13.22 27.15 -29.33
CA LEU G 465 -12.55 26.58 -28.15
C LEU G 465 -12.28 25.11 -28.45
N PHE G 466 -11.02 24.77 -28.72
CA PHE G 466 -10.63 23.42 -29.10
C PHE G 466 -9.60 22.83 -28.15
N ASN G 467 -9.48 23.38 -26.94
CA ASN G 467 -8.54 22.88 -25.93
C ASN G 467 -7.11 22.86 -26.44
N SER G 468 -6.76 23.84 -27.26
CA SER G 468 -5.42 23.92 -27.80
C SER G 468 -4.43 24.33 -26.72
N SER G 469 -3.14 24.09 -27.00
CA SER G 469 -2.09 24.44 -26.05
C SER G 469 -2.00 25.94 -25.83
N ALA G 470 -2.15 26.73 -26.89
CA ALA G 470 -2.05 28.17 -26.77
C ALA G 470 -3.25 28.81 -26.09
N ASP G 471 -4.34 28.06 -25.90
CA ASP G 471 -5.53 28.60 -25.27
C ASP G 471 -5.36 28.68 -23.76
N ARG G 472 -6.28 29.40 -23.11
CA ARG G 472 -6.28 29.51 -21.67
C ARG G 472 -7.61 29.10 -21.04
N VAL G 473 -8.56 28.61 -21.84
CA VAL G 473 -9.85 28.13 -21.34
C VAL G 473 -10.08 26.75 -21.90
N LYS G 474 -10.37 25.79 -21.02
CA LYS G 474 -10.67 24.43 -21.42
C LYS G 474 -12.14 24.13 -21.14
N VAL G 475 -12.77 23.35 -22.02
CA VAL G 475 -14.18 23.02 -21.91
C VAL G 475 -14.32 21.51 -21.82
N ILE G 476 -15.05 21.05 -20.80
CA ILE G 476 -15.33 19.63 -20.61
C ILE G 476 -16.83 19.45 -20.47
N PHE G 477 -17.43 18.65 -21.35
CA PHE G 477 -18.87 18.43 -21.38
C PHE G 477 -19.15 16.99 -20.95
N HIS G 478 -19.95 16.83 -19.91
CA HIS G 478 -20.23 15.51 -19.31
C HIS G 478 -21.73 15.34 -19.19
N PRO G 479 -22.39 14.93 -20.27
CA PRO G 479 -23.87 14.84 -20.27
C PRO G 479 -24.40 13.60 -19.53
N GLU G 480 -24.15 13.56 -18.22
CA GLU G 480 -24.63 12.47 -17.40
C GLU G 480 -24.51 12.88 -15.94
N PHE G 481 -25.49 12.50 -15.13
CA PHE G 481 -25.43 12.76 -13.70
C PHE G 481 -24.22 12.07 -13.10
N LEU G 482 -23.46 12.81 -12.29
CA LEU G 482 -22.25 12.26 -11.70
C LEU G 482 -22.61 11.26 -10.60
N SER G 483 -21.99 10.09 -10.64
CA SER G 483 -22.27 9.04 -9.68
C SER G 483 -20.99 8.26 -9.40
N SER G 484 -20.94 7.64 -8.22
CA SER G 484 -19.78 6.84 -7.85
C SER G 484 -19.66 5.55 -8.64
N THR G 485 -20.70 5.15 -9.36
CA THR G 485 -20.64 3.95 -10.18
C THR G 485 -20.04 4.22 -11.56
N SER G 486 -19.84 5.49 -11.93
CA SER G 486 -19.28 5.79 -13.23
C SER G 486 -17.82 5.35 -13.28
N PRO G 487 -17.35 4.84 -14.42
CA PRO G 487 -15.93 4.47 -14.52
C PRO G 487 -15.00 5.66 -14.39
N LEU G 488 -15.21 6.71 -15.18
CA LEU G 488 -14.47 7.95 -15.04
C LEU G 488 -15.24 8.91 -14.14
N LEU G 489 -14.51 9.81 -13.48
CA LEU G 489 -15.07 10.73 -12.50
C LEU G 489 -15.82 9.95 -11.42
N PRO G 490 -15.11 9.20 -10.56
CA PRO G 490 -15.76 8.40 -9.52
C PRO G 490 -16.25 9.20 -8.32
N VAL G 491 -16.93 10.31 -8.59
CA VAL G 491 -17.51 11.15 -7.54
C VAL G 491 -18.95 11.47 -7.92
N ASP G 492 -19.74 11.76 -6.89
CA ASP G 492 -21.14 12.12 -7.07
C ASP G 492 -21.23 13.61 -7.37
N TYR G 493 -22.45 14.16 -7.36
CA TYR G 493 -22.63 15.58 -7.65
C TYR G 493 -22.11 16.45 -6.53
N GLU G 494 -22.35 16.05 -5.28
CA GLU G 494 -21.99 16.89 -4.13
C GLU G 494 -20.49 17.08 -4.04
N GLU G 495 -19.72 16.01 -4.18
CA GLU G 495 -18.27 16.12 -4.07
C GLU G 495 -17.68 16.94 -5.21
N PHE G 496 -18.20 16.75 -6.42
CA PHE G 496 -17.73 17.52 -7.56
C PHE G 496 -18.03 19.01 -7.37
N VAL G 497 -19.22 19.33 -6.85
CA VAL G 497 -19.54 20.72 -6.57
C VAL G 497 -18.61 21.29 -5.51
N ARG G 498 -18.34 20.52 -4.46
CA ARG G 498 -17.43 20.97 -3.40
C ARG G 498 -16.01 21.14 -3.92
N GLY G 499 -15.64 20.43 -4.98
CA GLY G 499 -14.28 20.53 -5.50
C GLY G 499 -14.00 21.72 -6.38
N CYS G 500 -15.02 22.28 -7.02
CA CYS G 500 -14.81 23.38 -7.93
C CYS G 500 -14.45 24.65 -7.16
N HIS G 501 -14.16 25.71 -7.91
CA HIS G 501 -13.76 26.98 -7.33
C HIS G 501 -14.82 28.06 -7.42
N LEU G 502 -15.67 28.05 -8.43
CA LEU G 502 -16.71 29.05 -8.58
C LEU G 502 -17.78 28.53 -9.53
N GLY G 503 -19.02 28.49 -9.07
CA GLY G 503 -20.12 28.05 -9.89
C GLY G 503 -20.80 29.22 -10.56
N VAL G 504 -20.96 29.15 -11.87
CA VAL G 504 -21.55 30.21 -12.67
C VAL G 504 -22.96 29.80 -13.05
N PHE G 505 -23.95 30.54 -12.56
CA PHE G 505 -25.36 30.25 -12.79
C PHE G 505 -26.05 31.50 -13.29
N PRO G 506 -25.83 31.88 -14.55
CA PRO G 506 -26.52 33.05 -15.12
C PRO G 506 -27.93 32.70 -15.58
N SER G 507 -28.79 32.42 -14.61
CA SER G 507 -30.16 32.00 -14.91
C SER G 507 -30.94 33.15 -15.56
N TYR G 508 -31.85 32.78 -16.46
CA TYR G 508 -32.72 33.73 -17.13
C TYR G 508 -34.17 33.64 -16.66
N TYR G 509 -34.76 32.45 -16.71
CA TYR G 509 -36.11 32.21 -16.23
C TYR G 509 -36.03 31.10 -15.19
N GLU G 510 -35.76 31.49 -13.94
CA GLU G 510 -35.63 30.55 -12.84
C GLU G 510 -36.48 31.05 -11.68
N PRO G 511 -37.54 30.33 -11.31
CA PRO G 511 -38.44 30.81 -10.25
C PRO G 511 -37.73 31.06 -8.92
N TRP G 512 -37.13 30.01 -8.35
CA TRP G 512 -36.39 30.17 -7.10
C TRP G 512 -34.91 29.87 -7.26
N GLY G 513 -34.57 28.68 -7.75
CA GLY G 513 -33.17 28.31 -7.89
C GLY G 513 -32.65 27.52 -6.71
N TYR G 514 -32.46 26.22 -6.90
CA TYR G 514 -31.95 25.35 -5.85
C TYR G 514 -30.45 25.14 -5.92
N THR G 515 -29.90 25.01 -7.13
CA THR G 515 -28.46 24.76 -7.27
C THR G 515 -27.60 25.88 -6.70
N PRO G 516 -27.86 27.18 -6.97
CA PRO G 516 -27.02 28.20 -6.32
C PRO G 516 -27.13 28.19 -4.81
N ALA G 517 -28.31 27.90 -4.28
CA ALA G 517 -28.47 27.78 -2.84
C ALA G 517 -27.65 26.62 -2.30
N GLU G 518 -27.65 25.48 -3.00
CA GLU G 518 -26.85 24.34 -2.59
C GLU G 518 -25.37 24.70 -2.61
N CYS G 519 -24.91 25.39 -3.65
CA CYS G 519 -23.52 25.80 -3.72
C CYS G 519 -23.17 26.74 -2.57
N THR G 520 -24.05 27.69 -2.26
CA THR G 520 -23.80 28.60 -1.16
C THR G 520 -23.72 27.87 0.17
N VAL G 521 -24.58 26.88 0.38
CA VAL G 521 -24.51 26.07 1.60
C VAL G 521 -23.20 25.31 1.65
N MET G 522 -22.77 24.76 0.50
CA MET G 522 -21.52 24.00 0.47
C MET G 522 -20.32 24.88 0.81
N GLY G 523 -20.41 26.17 0.54
CA GLY G 523 -19.34 27.09 0.90
C GLY G 523 -18.46 27.48 -0.26
N ILE G 524 -19.06 27.78 -1.41
CA ILE G 524 -18.29 28.23 -2.57
C ILE G 524 -18.95 29.48 -3.14
N PRO G 525 -18.18 30.37 -3.78
CA PRO G 525 -18.80 31.54 -4.41
C PRO G 525 -19.64 31.14 -5.61
N SER G 526 -20.57 32.02 -5.97
CA SER G 526 -21.48 31.76 -7.06
C SER G 526 -21.79 33.05 -7.80
N ILE G 527 -22.23 32.90 -9.05
CA ILE G 527 -22.65 34.01 -9.88
C ILE G 527 -24.10 33.78 -10.26
N SER G 528 -24.97 34.74 -9.94
CA SER G 528 -26.39 34.63 -10.20
C SER G 528 -26.89 35.95 -10.76
N THR G 529 -28.19 35.99 -11.06
CA THR G 529 -28.82 37.18 -11.62
C THR G 529 -30.05 37.53 -10.79
N ASN G 530 -30.41 38.81 -10.83
CA ASN G 530 -31.62 39.26 -10.15
C ASN G 530 -32.87 38.64 -10.75
N LEU G 531 -32.80 38.15 -11.99
CA LEU G 531 -33.93 37.45 -12.57
C LEU G 531 -34.26 36.19 -11.79
N SER G 532 -33.24 35.45 -11.37
CA SER G 532 -33.45 34.26 -10.56
C SER G 532 -33.98 34.64 -9.18
N GLY G 533 -34.77 33.72 -8.60
CA GLY G 533 -35.32 33.98 -7.29
C GLY G 533 -34.26 34.12 -6.21
N PHE G 534 -33.24 33.27 -6.27
CA PHE G 534 -32.17 33.33 -5.28
C PHE G 534 -31.41 34.65 -5.36
N GLY G 535 -31.10 35.10 -6.58
CA GLY G 535 -30.40 36.37 -6.72
C GLY G 535 -31.21 37.55 -6.20
N CYS G 536 -32.50 37.58 -6.53
CA CYS G 536 -33.35 38.66 -6.04
C CYS G 536 -33.48 38.61 -4.52
N PHE G 537 -33.60 37.41 -3.96
CA PHE G 537 -33.70 37.28 -2.51
C PHE G 537 -32.44 37.76 -1.82
N MET G 538 -31.27 37.40 -2.37
CA MET G 538 -30.00 37.80 -1.76
C MET G 538 -29.76 39.29 -1.91
N GLU G 539 -30.16 39.86 -3.04
CA GLU G 539 -29.90 41.27 -3.31
C GLU G 539 -30.66 42.20 -2.38
N GLU G 540 -31.75 41.73 -1.76
CA GLU G 540 -32.59 42.58 -0.93
C GLU G 540 -32.44 42.29 0.55
N HIS G 541 -31.44 41.51 0.95
CA HIS G 541 -31.26 41.19 2.36
C HIS G 541 -29.85 41.53 2.83
N ILE G 542 -28.88 41.50 1.94
CA ILE G 542 -27.49 41.81 2.28
C ILE G 542 -27.01 42.93 1.38
N ALA G 543 -26.51 44.00 1.99
CA ALA G 543 -25.98 45.13 1.23
C ALA G 543 -24.61 44.79 0.65
N ASP G 544 -24.34 45.34 -0.53
CA ASP G 544 -23.10 45.13 -1.26
C ASP G 544 -22.81 43.64 -1.43
N PRO G 545 -23.58 42.94 -2.26
CA PRO G 545 -23.36 41.49 -2.46
C PRO G 545 -22.23 41.21 -3.44
N SER G 546 -21.04 41.70 -3.11
CA SER G 546 -19.87 41.41 -3.93
C SER G 546 -18.72 40.91 -3.05
N ALA G 547 -18.68 41.38 -1.81
CA ALA G 547 -17.64 40.96 -0.88
C ALA G 547 -17.90 39.56 -0.33
N TYR G 548 -19.12 39.06 -0.43
CA TYR G 548 -19.46 37.74 0.06
C TYR G 548 -19.40 36.67 -1.03
N GLY G 549 -19.04 37.05 -2.26
CA GLY G 549 -18.84 36.11 -3.33
C GLY G 549 -20.05 35.80 -4.17
N ILE G 550 -21.22 36.34 -3.83
CA ILE G 550 -22.43 36.10 -4.62
C ILE G 550 -22.50 37.21 -5.66
N TYR G 551 -21.79 36.99 -6.76
CA TYR G 551 -21.72 38.00 -7.82
C TYR G 551 -23.05 38.07 -8.53
N ILE G 552 -23.75 39.20 -8.39
CA ILE G 552 -25.06 39.39 -9.00
C ILE G 552 -24.88 40.09 -10.34
N LEU G 553 -25.74 39.75 -11.29
CA LEU G 553 -25.77 40.37 -12.60
C LEU G 553 -27.03 41.21 -12.73
N ASP G 554 -27.23 41.76 -13.93
CA ASP G 554 -28.44 42.53 -14.24
C ASP G 554 -28.85 42.18 -15.67
N ARG G 555 -29.72 41.18 -15.80
CA ARG G 555 -30.28 40.79 -17.08
C ARG G 555 -31.69 41.34 -17.30
N ARG G 556 -32.15 42.19 -16.39
CA ARG G 556 -33.50 42.76 -16.50
C ARG G 556 -33.50 44.12 -17.17
N PHE G 557 -32.56 45.00 -16.80
CA PHE G 557 -32.50 46.34 -17.35
C PHE G 557 -31.34 46.54 -18.31
N ARG G 558 -30.65 45.47 -18.70
CA ARG G 558 -29.50 45.57 -19.58
C ARG G 558 -29.66 44.60 -20.75
N SER G 559 -28.99 44.93 -21.85
CA SER G 559 -29.02 44.09 -23.04
C SER G 559 -28.11 42.88 -22.85
N LEU G 560 -28.15 41.97 -23.84
CA LEU G 560 -27.34 40.77 -23.77
C LEU G 560 -25.85 41.08 -23.77
N ASP G 561 -25.43 42.05 -24.60
CA ASP G 561 -24.01 42.40 -24.66
C ASP G 561 -23.52 42.97 -23.33
N ASP G 562 -24.32 43.83 -22.70
CA ASP G 562 -23.94 44.37 -21.41
C ASP G 562 -23.81 43.28 -20.36
N SER G 563 -24.76 42.34 -20.36
CA SER G 563 -24.72 41.25 -19.40
C SER G 563 -23.49 40.37 -19.60
N CYS G 564 -23.18 40.05 -20.86
CA CYS G 564 -22.02 39.17 -21.11
C CYS G 564 -20.72 39.90 -20.79
N SER G 565 -20.65 41.20 -21.07
CA SER G 565 -19.46 41.95 -20.71
C SER G 565 -19.28 42.03 -19.20
N GLN G 566 -20.37 42.23 -18.46
CA GLN G 566 -20.29 42.24 -17.01
C GLN G 566 -19.87 40.87 -16.48
N LEU G 567 -20.38 39.79 -17.07
CA LEU G 567 -19.98 38.46 -16.66
C LEU G 567 -18.50 38.22 -16.93
N THR G 568 -18.01 38.68 -18.08
CA THR G 568 -16.58 38.55 -18.38
C THR G 568 -15.74 39.33 -17.39
N SER G 569 -16.19 40.54 -17.03
CA SER G 569 -15.48 41.34 -16.03
C SER G 569 -15.46 40.63 -14.69
N PHE G 570 -16.58 40.02 -14.29
CA PHE G 570 -16.62 39.28 -13.04
C PHE G 570 -15.68 38.08 -13.08
N LEU G 571 -15.63 37.38 -14.21
CA LEU G 571 -14.74 36.23 -14.34
C LEU G 571 -13.28 36.66 -14.23
N TYR G 572 -12.92 37.75 -14.91
CA TYR G 572 -11.55 38.25 -14.79
C TYR G 572 -11.23 38.67 -13.38
N SER G 573 -12.19 39.34 -12.71
CA SER G 573 -11.98 39.73 -11.32
C SER G 573 -11.73 38.53 -10.43
N PHE G 574 -12.50 37.45 -10.63
CA PHE G 574 -12.27 36.23 -9.88
C PHE G 574 -10.90 35.65 -10.18
N CYS G 575 -10.49 35.67 -11.45
CA CYS G 575 -9.18 35.18 -11.81
C CYS G 575 -8.06 36.02 -11.20
N GLN G 576 -8.34 37.27 -10.85
CA GLN G 576 -7.31 38.18 -10.37
C GLN G 576 -6.87 37.89 -8.93
N GLN G 577 -7.74 37.36 -8.08
CA GLN G 577 -7.39 37.22 -6.68
C GLN G 577 -6.33 36.13 -6.50
N SER G 578 -5.68 36.17 -5.33
CA SER G 578 -4.71 35.16 -4.95
C SER G 578 -5.40 34.05 -4.18
N ARG G 579 -4.60 33.06 -3.74
CA ARG G 579 -5.15 31.94 -3.00
C ARG G 579 -5.72 32.39 -1.67
N ARG G 580 -5.03 33.29 -0.97
CA ARG G 580 -5.53 33.77 0.31
CA ARG G 580 -5.53 33.77 0.31
C ARG G 580 -6.85 34.50 0.16
N GLN G 581 -6.97 35.32 -0.89
CA GLN G 581 -8.22 36.04 -1.13
C GLN G 581 -9.36 35.07 -1.43
N ARG G 582 -9.07 34.01 -2.18
CA ARG G 582 -10.09 33.00 -2.46
C ARG G 582 -10.51 32.29 -1.19
N ILE G 583 -9.55 32.00 -0.30
CA ILE G 583 -9.90 31.38 0.98
C ILE G 583 -10.79 32.31 1.79
N ILE G 584 -10.47 33.60 1.82
CA ILE G 584 -11.32 34.57 2.51
C ILE G 584 -12.73 34.56 1.92
N GLN G 585 -12.82 34.57 0.60
CA GLN G 585 -14.13 34.62 -0.05
C GLN G 585 -14.96 33.40 0.30
N ARG G 586 -14.36 32.21 0.24
CA ARG G 586 -15.10 31.00 0.56
C ARG G 586 -15.49 30.95 2.02
N ASN G 587 -14.60 31.38 2.92
CA ASN G 587 -14.93 31.40 4.34
C ASN G 587 -16.10 32.32 4.62
N ARG G 588 -16.11 33.50 4.00
CA ARG G 588 -17.23 34.43 4.21
CA ARG G 588 -17.23 34.43 4.21
C ARG G 588 -18.52 33.90 3.60
N THR G 589 -18.44 33.27 2.43
CA THR G 589 -19.63 32.73 1.80
C THR G 589 -20.21 31.55 2.59
N GLU G 590 -19.35 30.85 3.35
CA GLU G 590 -19.85 29.74 4.16
C GLU G 590 -20.84 30.22 5.23
N ARG G 591 -20.57 31.38 5.83
CA ARG G 591 -21.40 31.88 6.92
C ARG G 591 -22.82 32.23 6.49
N LEU G 592 -23.09 32.33 5.19
CA LEU G 592 -24.42 32.68 4.72
C LEU G 592 -25.37 31.49 4.65
N SER G 593 -24.94 30.30 5.08
CA SER G 593 -25.83 29.16 5.08
C SER G 593 -26.98 29.33 6.06
N ASP G 594 -26.76 30.06 7.16
CA ASP G 594 -27.81 30.26 8.14
C ASP G 594 -28.97 31.06 7.57
N LEU G 595 -28.71 31.90 6.57
CA LEU G 595 -29.78 32.69 5.97
C LEU G 595 -30.79 31.81 5.24
N LEU G 596 -30.32 30.77 4.56
CA LEU G 596 -31.19 29.92 3.76
C LEU G 596 -31.81 28.77 4.56
N ASP G 597 -31.43 28.60 5.83
CA ASP G 597 -31.99 27.52 6.63
C ASP G 597 -33.46 27.79 6.96
N TRP G 598 -34.20 26.71 7.21
CA TRP G 598 -35.62 26.85 7.55
C TRP G 598 -35.83 27.58 8.86
N LYS G 599 -34.83 27.57 9.75
CA LYS G 599 -34.97 28.28 11.02
C LYS G 599 -35.24 29.77 10.81
N TYR G 600 -34.77 30.33 9.70
CA TYR G 600 -35.04 31.72 9.37
C TYR G 600 -36.21 31.89 8.42
N LEU G 601 -36.45 30.92 7.52
CA LEU G 601 -37.54 31.04 6.56
C LEU G 601 -38.90 30.70 7.13
N GLY G 602 -38.97 30.09 8.32
CA GLY G 602 -40.25 29.79 8.92
C GLY G 602 -41.02 31.01 9.36
N ARG G 603 -40.34 32.15 9.50
CA ARG G 603 -41.00 33.37 9.94
C ARG G 603 -42.04 33.83 8.91
N TYR G 604 -41.71 33.72 7.63
CA TYR G 604 -42.67 34.12 6.59
C TYR G 604 -43.91 33.24 6.60
N TYR G 605 -43.74 31.93 6.78
CA TYR G 605 -44.88 31.04 6.88
C TYR G 605 -45.73 31.35 8.10
N MET G 606 -45.07 31.65 9.23
CA MET G 606 -45.81 32.03 10.43
C MET G 606 -46.62 33.29 10.17
N SER G 607 -46.02 34.29 9.53
CA SER G 607 -46.74 35.53 9.24
C SER G 607 -47.92 35.27 8.31
N ALA G 608 -47.72 34.45 7.28
CA ALA G 608 -48.80 34.18 6.34
C ALA G 608 -49.95 33.46 7.03
N ARG G 609 -49.64 32.47 7.88
CA ARG G 609 -50.67 31.76 8.61
C ARG G 609 -51.42 32.67 9.57
N HIS G 610 -50.69 33.55 10.26
CA HIS G 610 -51.35 34.46 11.19
C HIS G 610 -52.25 35.45 10.45
N MET G 611 -51.80 35.97 9.31
CA MET G 611 -52.64 36.86 8.52
C MET G 611 -53.88 36.13 8.01
N ALA G 612 -53.73 34.89 7.56
CA ALA G 612 -54.89 34.12 7.12
C ALA G 612 -55.87 33.90 8.26
N LEU G 613 -55.37 33.58 9.46
CA LEU G 613 -56.25 33.37 10.60
C LEU G 613 -56.98 34.65 10.96
N SER G 614 -56.28 35.78 10.92
CA SER G 614 -56.92 37.06 11.22
C SER G 614 -57.99 37.39 10.19
N LYS G 615 -57.70 37.13 8.91
CA LYS G 615 -58.68 37.41 7.87
C LYS G 615 -59.91 36.51 8.00
N ALA G 616 -59.71 35.24 8.36
CA ALA G 616 -60.83 34.32 8.44
C ALA G 616 -61.68 34.57 9.67
N PHE G 617 -61.08 34.44 10.86
CA PHE G 617 -61.81 34.61 12.10
C PHE G 617 -60.92 35.22 13.18
N PRO G 618 -61.27 36.40 13.70
CA PRO G 618 -60.48 37.07 14.75
C PRO G 618 -60.54 36.33 16.08
N LEU H 29 37.92 -18.05 -41.66
CA LEU H 29 36.59 -18.30 -42.19
C LEU H 29 35.88 -16.99 -42.49
N PHE H 30 35.05 -16.99 -43.54
CA PHE H 30 34.35 -15.80 -43.99
C PHE H 30 32.85 -16.08 -44.01
N GLU H 31 32.09 -15.26 -43.28
CA GLU H 31 30.63 -15.34 -43.26
C GLU H 31 30.09 -14.21 -44.11
N VAL H 32 29.31 -14.55 -45.13
CA VAL H 32 28.77 -13.58 -46.08
C VAL H 32 27.26 -13.58 -45.96
N ALA H 33 26.70 -12.42 -45.60
CA ALA H 33 25.26 -12.29 -45.42
C ALA H 33 24.86 -10.84 -45.64
N TRP H 34 23.63 -10.64 -46.12
CA TRP H 34 23.09 -9.31 -46.35
C TRP H 34 22.42 -8.72 -45.13
N GLU H 35 22.21 -9.52 -44.08
CA GLU H 35 21.48 -9.08 -42.89
C GLU H 35 22.42 -8.75 -41.73
N VAL H 36 23.57 -8.16 -42.04
CA VAL H 36 24.50 -7.77 -40.99
C VAL H 36 24.20 -6.37 -40.46
N ALA H 37 23.69 -5.48 -41.31
CA ALA H 37 23.39 -4.12 -40.90
C ALA H 37 21.91 -3.82 -40.75
N ASN H 38 21.04 -4.64 -41.36
CA ASN H 38 19.60 -4.43 -41.28
C ASN H 38 18.92 -5.66 -40.70
N LYS H 39 17.90 -5.40 -39.88
CA LYS H 39 17.11 -6.48 -39.26
C LYS H 39 15.80 -6.61 -40.05
N VAL H 40 15.88 -7.31 -41.17
CA VAL H 40 14.71 -7.53 -42.02
C VAL H 40 14.18 -8.94 -41.77
N GLY H 41 15.07 -9.85 -41.39
CA GLY H 41 14.68 -11.21 -41.10
C GLY H 41 15.29 -11.75 -39.82
N GLY H 42 15.06 -13.03 -39.54
CA GLY H 42 15.59 -13.65 -38.35
C GLY H 42 17.02 -14.09 -38.45
N ILE H 43 17.67 -13.88 -39.60
CA ILE H 43 19.07 -14.26 -39.74
C ILE H 43 19.95 -13.44 -38.81
N TYR H 44 19.51 -12.22 -38.47
CA TYR H 44 20.32 -11.35 -37.62
C TYR H 44 20.60 -11.99 -36.27
N THR H 45 19.55 -12.43 -35.58
CA THR H 45 19.74 -13.04 -34.27
C THR H 45 20.44 -14.39 -34.37
N VAL H 46 20.19 -15.14 -35.45
CA VAL H 46 20.88 -16.42 -35.65
C VAL H 46 22.39 -16.20 -35.73
N LEU H 47 22.81 -15.25 -36.56
CA LEU H 47 24.24 -14.94 -36.69
C LEU H 47 24.79 -14.38 -35.39
N GLN H 48 24.03 -13.52 -34.70
CA GLN H 48 24.50 -12.95 -33.45
C GLN H 48 24.74 -14.04 -32.41
N THR H 49 23.86 -15.02 -32.33
CA THR H 49 24.03 -16.11 -31.37
C THR H 49 25.15 -17.04 -31.80
N LYS H 50 25.28 -17.31 -33.09
CA LYS H 50 26.32 -18.21 -33.59
C LYS H 50 27.71 -17.60 -33.51
N ALA H 51 27.80 -16.28 -33.44
CA ALA H 51 29.10 -15.62 -33.41
C ALA H 51 29.94 -16.06 -32.21
N LYS H 52 29.30 -16.23 -31.05
CA LYS H 52 30.04 -16.63 -29.86
C LYS H 52 30.74 -17.97 -30.05
N VAL H 53 29.98 -18.99 -30.48
CA VAL H 53 30.56 -20.32 -30.62
C VAL H 53 31.56 -20.34 -31.78
N THR H 54 31.26 -19.64 -32.87
CA THR H 54 32.18 -19.63 -34.01
C THR H 54 33.51 -18.98 -33.63
N GLY H 55 33.46 -17.87 -32.89
CA GLY H 55 34.68 -17.25 -32.43
C GLY H 55 35.43 -18.12 -31.46
N ASP H 56 34.72 -18.76 -30.52
CA ASP H 56 35.39 -19.67 -29.60
C ASP H 56 36.08 -20.81 -30.33
N GLU H 57 35.50 -21.26 -31.44
CA GLU H 57 36.10 -22.34 -32.22
C GLU H 57 37.32 -21.84 -33.01
N TRP H 58 37.21 -20.68 -33.65
CA TRP H 58 38.20 -20.25 -34.63
C TRP H 58 39.19 -19.23 -34.10
N GLY H 59 39.16 -18.91 -32.81
CA GLY H 59 40.14 -17.98 -32.27
C GLY H 59 39.94 -16.59 -32.87
N ASP H 60 41.02 -16.03 -33.41
CA ASP H 60 41.00 -14.70 -34.00
C ASP H 60 40.86 -14.72 -35.52
N ASN H 61 40.65 -15.90 -36.11
CA ASN H 61 40.53 -16.03 -37.55
C ASN H 61 39.11 -15.86 -38.06
N TYR H 62 38.16 -15.55 -37.18
CA TYR H 62 36.77 -15.43 -37.57
C TYR H 62 36.50 -14.03 -38.12
N PHE H 63 36.28 -13.93 -39.42
CA PHE H 63 35.87 -12.69 -40.07
C PHE H 63 34.49 -12.85 -40.67
N LEU H 64 33.73 -11.76 -40.68
CA LEU H 64 32.38 -11.74 -41.22
C LEU H 64 32.27 -10.62 -42.25
N VAL H 65 31.58 -10.90 -43.35
CA VAL H 65 31.43 -9.96 -44.46
C VAL H 65 29.96 -9.54 -44.53
N GLY H 66 29.74 -8.23 -44.59
CA GLY H 66 28.41 -7.69 -44.70
C GLY H 66 28.37 -6.34 -45.38
N PRO H 67 27.21 -5.96 -45.90
CA PRO H 67 27.10 -4.66 -46.58
C PRO H 67 27.16 -3.51 -45.59
N TYR H 68 27.58 -2.35 -46.10
CA TYR H 68 27.65 -1.13 -45.30
C TYR H 68 26.36 -0.32 -45.46
N THR H 69 25.73 0.03 -44.34
CA THR H 69 24.50 0.79 -44.35
C THR H 69 24.67 2.02 -43.46
N GLU H 70 24.15 3.15 -43.92
CA GLU H 70 24.26 4.39 -43.16
C GLU H 70 23.52 4.29 -41.82
N GLN H 71 22.42 3.54 -41.77
CA GLN H 71 21.66 3.40 -40.54
C GLN H 71 22.23 2.34 -39.61
N GLY H 72 23.23 1.58 -40.05
CA GLY H 72 23.77 0.52 -39.22
C GLY H 72 25.22 0.72 -38.80
N VAL H 73 25.59 1.97 -38.54
CA VAL H 73 26.96 2.28 -38.13
C VAL H 73 26.96 3.15 -36.89
N ARG H 74 25.78 3.64 -36.50
CA ARG H 74 25.69 4.54 -35.34
C ARG H 74 25.82 3.77 -34.04
N THR H 75 24.88 2.87 -33.76
CA THR H 75 24.89 2.06 -32.55
C THR H 75 24.84 0.58 -32.89
N GLN H 76 25.36 0.19 -34.05
CA GLN H 76 25.30 -1.18 -34.52
C GLN H 76 26.68 -1.82 -34.71
N VAL H 77 27.72 -1.02 -34.90
CA VAL H 77 29.07 -1.55 -35.10
C VAL H 77 30.08 -0.49 -34.65
N GLU H 78 31.12 -0.93 -33.95
CA GLU H 78 32.21 -0.06 -33.56
C GLU H 78 33.24 -0.07 -34.69
N LEU H 79 33.32 1.03 -35.43
CA LEU H 79 34.24 1.11 -36.54
C LEU H 79 35.68 1.20 -36.04
N LEU H 80 36.56 0.41 -36.63
CA LEU H 80 37.97 0.37 -36.27
C LEU H 80 38.76 0.99 -37.42
N GLU H 81 39.20 2.25 -37.23
CA GLU H 81 40.01 2.90 -38.25
C GLU H 81 41.41 2.30 -38.31
N ALA H 82 41.88 1.72 -37.22
CA ALA H 82 43.19 1.09 -37.21
C ALA H 82 43.19 -0.14 -38.12
N PRO H 83 44.28 -0.40 -38.82
CA PRO H 83 44.32 -1.58 -39.69
C PRO H 83 44.30 -2.86 -38.88
N THR H 84 43.83 -3.93 -39.52
CA THR H 84 43.82 -5.23 -38.88
C THR H 84 45.25 -5.65 -38.56
N PRO H 85 45.52 -6.14 -37.34
CA PRO H 85 46.91 -6.49 -36.99
C PRO H 85 47.53 -7.52 -37.91
N ALA H 86 46.74 -8.44 -38.45
CA ALA H 86 47.24 -9.45 -39.36
C ALA H 86 46.95 -9.12 -40.83
N LEU H 87 46.47 -7.92 -41.11
CA LEU H 87 46.08 -7.57 -42.48
C LEU H 87 46.15 -6.07 -42.65
N LYS H 88 47.12 -5.60 -43.43
CA LYS H 88 47.34 -4.17 -43.62
C LYS H 88 47.33 -3.75 -45.09
N ARG H 89 47.88 -4.59 -45.97
CA ARG H 89 48.09 -4.21 -47.37
C ARG H 89 46.80 -4.25 -48.17
N THR H 90 45.91 -5.22 -47.90
CA THR H 90 44.71 -5.36 -48.73
C THR H 90 43.76 -4.18 -48.51
N LEU H 91 43.62 -3.72 -47.28
CA LEU H 91 42.75 -2.57 -47.02
C LEU H 91 43.29 -1.32 -47.71
N ASP H 92 44.60 -1.12 -47.67
CA ASP H 92 45.20 0.02 -48.34
C ASP H 92 44.98 -0.05 -49.85
N SER H 93 45.19 -1.24 -50.42
CA SER H 93 44.95 -1.41 -51.86
C SER H 93 43.50 -1.15 -52.22
N MET H 94 42.57 -1.65 -51.41
CA MET H 94 41.15 -1.47 -51.69
C MET H 94 40.77 0.00 -51.62
N ASN H 95 41.26 0.71 -50.59
CA ASN H 95 40.95 2.13 -50.46
C ASN H 95 41.57 2.94 -51.59
N SER H 96 42.79 2.59 -52.00
CA SER H 96 43.47 3.36 -53.04
C SER H 96 42.85 3.12 -54.41
N LYS H 97 42.20 1.97 -54.61
CA LYS H 97 41.64 1.61 -55.91
C LYS H 97 40.24 2.18 -56.14
N GLY H 98 39.69 2.90 -55.17
CA GLY H 98 38.42 3.57 -55.37
C GLY H 98 37.31 3.12 -54.44
N CYS H 99 37.20 1.82 -54.19
CA CYS H 99 36.15 1.32 -53.32
C CYS H 99 36.43 1.68 -51.87
N LYS H 100 35.36 1.83 -51.10
CA LYS H 100 35.44 2.20 -49.70
C LYS H 100 34.96 1.03 -48.84
N VAL H 101 35.80 0.59 -47.91
CA VAL H 101 35.47 -0.49 -47.00
C VAL H 101 35.80 -0.05 -45.58
N TYR H 102 35.17 -0.70 -44.61
CA TYR H 102 35.40 -0.39 -43.20
C TYR H 102 35.59 -1.68 -42.42
N PHE H 103 36.45 -1.60 -41.41
CA PHE H 103 36.67 -2.71 -40.48
C PHE H 103 36.13 -2.32 -39.11
N GLY H 104 35.74 -3.30 -38.32
CA GLY H 104 35.31 -2.99 -36.97
C GLY H 104 34.81 -4.22 -36.23
N ARG H 105 34.14 -3.96 -35.12
CA ARG H 105 33.60 -4.98 -34.23
C ARG H 105 32.08 -4.87 -34.23
N TRP H 106 31.41 -5.98 -34.53
CA TRP H 106 29.95 -6.00 -34.44
C TRP H 106 29.52 -5.87 -32.98
N LEU H 107 28.48 -5.05 -32.75
CA LEU H 107 27.98 -4.81 -31.40
C LEU H 107 27.05 -5.94 -30.96
N ILE H 108 27.63 -7.14 -30.88
CA ILE H 108 26.94 -8.35 -30.48
C ILE H 108 27.81 -9.11 -29.50
N GLU H 109 27.34 -10.28 -29.08
CA GLU H 109 28.07 -11.09 -28.12
C GLU H 109 29.33 -11.69 -28.76
N GLY H 110 30.29 -12.02 -27.91
CA GLY H 110 31.54 -12.58 -28.38
C GLY H 110 32.42 -11.51 -29.02
N GLY H 111 33.50 -11.97 -29.64
CA GLY H 111 34.37 -11.11 -30.39
C GLY H 111 34.20 -11.27 -31.88
N PRO H 112 33.45 -10.36 -32.51
CA PRO H 112 33.30 -10.39 -33.96
C PRO H 112 34.27 -9.46 -34.67
N LEU H 113 34.76 -9.89 -35.84
CA LEU H 113 35.64 -9.07 -36.67
C LEU H 113 34.92 -8.85 -37.99
N VAL H 114 34.19 -7.73 -38.09
CA VAL H 114 33.26 -7.50 -39.19
C VAL H 114 33.86 -6.51 -40.18
N VAL H 115 33.53 -6.70 -41.45
CA VAL H 115 33.87 -5.78 -42.52
C VAL H 115 32.59 -5.30 -43.17
N LEU H 116 32.51 -3.99 -43.41
CA LEU H 116 31.36 -3.37 -44.05
C LEU H 116 31.79 -2.83 -45.42
N LEU H 117 31.04 -3.21 -46.45
CA LEU H 117 31.35 -2.83 -47.82
C LEU H 117 30.22 -1.92 -48.33
N ASP H 118 30.60 -0.73 -48.79
CA ASP H 118 29.60 0.22 -49.27
C ASP H 118 29.01 -0.25 -50.59
N VAL H 119 27.71 0.01 -50.77
CA VAL H 119 27.03 -0.35 -52.01
C VAL H 119 27.15 0.72 -53.09
N GLY H 120 27.51 1.94 -52.72
CA GLY H 120 27.66 3.01 -53.70
C GLY H 120 29.10 3.37 -53.97
N ALA H 121 30.02 2.75 -53.23
CA ALA H 121 31.44 3.05 -53.43
C ALA H 121 31.92 2.59 -54.80
N SER H 122 31.44 1.43 -55.26
CA SER H 122 31.83 0.89 -56.57
C SER H 122 30.62 0.79 -57.50
N ALA H 123 29.72 1.76 -57.42
CA ALA H 123 28.54 1.80 -58.28
C ALA H 123 28.84 2.39 -59.66
N TRP H 124 30.10 2.69 -59.94
CA TRP H 124 30.50 3.27 -61.21
C TRP H 124 31.01 2.23 -62.21
N ALA H 125 30.98 0.95 -61.87
CA ALA H 125 31.50 -0.10 -62.73
C ALA H 125 30.50 -1.24 -62.83
N LEU H 126 29.20 -0.94 -62.74
CA LEU H 126 28.20 -1.98 -62.89
C LEU H 126 28.15 -2.50 -64.32
N GLU H 127 28.32 -1.60 -65.30
CA GLU H 127 28.28 -2.01 -66.70
C GLU H 127 29.44 -2.93 -67.04
N ARG H 128 30.66 -2.54 -66.64
CA ARG H 128 31.83 -3.39 -66.87
C ARG H 128 31.69 -4.74 -66.16
N TRP H 129 31.20 -4.72 -64.92
CA TRP H 129 31.06 -5.95 -64.15
C TRP H 129 30.08 -6.90 -64.80
N LYS H 130 28.92 -6.38 -65.24
CA LYS H 130 27.95 -7.25 -65.89
C LYS H 130 28.39 -7.65 -67.30
N GLY H 131 29.25 -6.84 -67.93
CA GLY H 131 29.84 -7.26 -69.20
C GLY H 131 30.77 -8.45 -69.02
N GLU H 132 31.57 -8.44 -67.96
CA GLU H 132 32.42 -9.58 -67.64
C GLU H 132 31.72 -10.62 -66.80
N LEU H 133 30.45 -10.40 -66.45
CA LEU H 133 29.65 -11.39 -65.74
C LEU H 133 28.87 -12.30 -66.69
N TRP H 134 28.82 -11.98 -67.98
CA TRP H 134 28.06 -12.80 -68.91
C TRP H 134 28.65 -14.20 -69.04
N ASP H 135 29.98 -14.29 -69.10
CA ASP H 135 30.67 -15.57 -69.22
C ASP H 135 30.83 -16.30 -67.90
N THR H 136 30.55 -15.64 -66.78
CA THR H 136 30.61 -16.27 -65.46
C THR H 136 29.18 -16.49 -64.98
N CYS H 137 28.78 -17.76 -64.88
CA CYS H 137 27.50 -18.25 -64.37
C CYS H 137 26.30 -17.76 -65.18
N ASN H 138 26.52 -16.93 -66.20
CA ASN H 138 25.50 -16.51 -67.16
C ASN H 138 24.20 -16.09 -66.47
N ILE H 139 24.30 -15.00 -65.70
CA ILE H 139 23.17 -14.46 -64.96
C ILE H 139 22.86 -13.06 -65.48
N GLY H 140 21.59 -12.77 -65.65
CA GLY H 140 21.14 -11.44 -66.05
C GLY H 140 20.19 -10.87 -65.01
N VAL H 141 20.29 -9.57 -64.79
CA VAL H 141 19.52 -8.91 -63.73
C VAL H 141 18.74 -7.74 -64.32
N PRO H 142 17.45 -7.61 -64.02
CA PRO H 142 16.70 -6.45 -64.48
C PRO H 142 17.27 -5.15 -63.93
N TRP H 143 17.19 -4.09 -64.75
CA TRP H 143 17.76 -2.80 -64.38
C TRP H 143 16.92 -2.05 -63.36
N TYR H 144 15.63 -2.39 -63.21
CA TYR H 144 14.74 -1.68 -62.31
C TYR H 144 14.64 -2.30 -60.93
N ASP H 145 15.38 -3.37 -60.66
CA ASP H 145 15.42 -4.00 -59.34
C ASP H 145 16.71 -3.57 -58.65
N ARG H 146 16.60 -2.57 -57.78
CA ARG H 146 17.79 -2.04 -57.12
C ARG H 146 18.40 -3.06 -56.16
N GLU H 147 17.56 -3.88 -55.52
CA GLU H 147 18.10 -4.83 -54.55
C GLU H 147 18.93 -5.91 -55.24
N ALA H 148 18.48 -6.39 -56.40
CA ALA H 148 19.26 -7.40 -57.12
C ALA H 148 20.59 -6.83 -57.61
N ASN H 149 20.57 -5.59 -58.11
CA ASN H 149 21.82 -4.95 -58.54
C ASN H 149 22.76 -4.76 -57.36
N ASP H 150 22.21 -4.37 -56.20
CA ASP H 150 23.03 -4.22 -55.01
C ASP H 150 23.65 -5.55 -54.59
N ALA H 151 22.87 -6.63 -54.66
CA ALA H 151 23.41 -7.95 -54.34
C ALA H 151 24.51 -8.35 -55.32
N VAL H 152 24.31 -8.06 -56.61
CA VAL H 152 25.31 -8.42 -57.62
C VAL H 152 26.60 -7.66 -57.37
N LEU H 153 26.51 -6.36 -57.11
CA LEU H 153 27.70 -5.58 -56.83
C LEU H 153 28.36 -6.02 -55.52
N PHE H 154 27.56 -6.43 -54.53
CA PHE H 154 28.12 -6.97 -53.31
C PHE H 154 28.91 -8.25 -53.58
N GLY H 155 28.37 -9.12 -54.43
CA GLY H 155 29.10 -10.32 -54.80
C GLY H 155 30.40 -10.00 -55.52
N PHE H 156 30.36 -9.02 -56.43
CA PHE H 156 31.57 -8.61 -57.12
C PHE H 156 32.61 -8.07 -56.15
N LEU H 157 32.18 -7.22 -55.21
CA LEU H 157 33.11 -6.68 -54.23
C LEU H 157 33.69 -7.78 -53.36
N THR H 158 32.87 -8.75 -52.96
CA THR H 158 33.35 -9.83 -52.12
C THR H 158 34.38 -10.69 -52.86
N THR H 159 34.09 -11.06 -54.11
CA THR H 159 35.06 -11.88 -54.84
C THR H 159 36.34 -11.10 -55.14
N TRP H 160 36.23 -9.79 -55.38
CA TRP H 160 37.42 -8.97 -55.54
C TRP H 160 38.24 -8.93 -54.25
N PHE H 161 37.56 -8.82 -53.11
CA PHE H 161 38.26 -8.80 -51.82
C PHE H 161 38.97 -10.12 -51.57
N LEU H 162 38.30 -11.24 -51.85
CA LEU H 162 38.95 -12.54 -51.71
C LEU H 162 40.16 -12.67 -52.64
N GLY H 163 40.02 -12.22 -53.89
CA GLY H 163 41.16 -12.28 -54.80
C GLY H 163 42.33 -11.47 -54.30
N GLU H 164 42.08 -10.24 -53.85
CA GLU H 164 43.13 -9.40 -53.31
C GLU H 164 43.77 -10.04 -52.09
N PHE H 165 42.96 -10.60 -51.19
CA PHE H 165 43.49 -11.21 -49.98
C PHE H 165 44.39 -12.39 -50.31
N LEU H 166 43.92 -13.30 -51.17
CA LEU H 166 44.72 -14.47 -51.50
C LEU H 166 45.98 -14.09 -52.28
N ALA H 167 45.91 -13.03 -53.09
CA ALA H 167 47.10 -12.54 -53.75
C ALA H 167 48.10 -11.99 -52.75
N GLN H 168 47.61 -11.33 -51.70
CA GLN H 168 48.48 -10.71 -50.70
C GLN H 168 48.74 -11.59 -49.49
N SER H 169 48.15 -12.77 -49.41
CA SER H 169 48.32 -13.66 -48.26
C SER H 169 49.48 -14.63 -48.42
N GLU H 170 50.23 -14.54 -49.51
CA GLU H 170 51.35 -15.42 -49.83
C GLU H 170 50.92 -16.89 -49.96
N GLU H 171 49.61 -17.16 -50.00
CA GLU H 171 49.08 -18.50 -50.17
C GLU H 171 49.54 -19.46 -49.08
N LYS H 172 49.84 -18.93 -47.89
CA LYS H 172 50.28 -19.76 -46.78
C LYS H 172 49.11 -20.48 -46.13
N PRO H 173 48.03 -19.78 -45.69
CA PRO H 173 46.92 -20.51 -45.07
C PRO H 173 45.88 -20.94 -46.09
N HIS H 174 44.80 -21.57 -45.63
CA HIS H 174 43.70 -21.98 -46.49
C HIS H 174 42.43 -21.28 -46.01
N VAL H 175 41.69 -20.70 -46.95
CA VAL H 175 40.51 -19.89 -46.65
C VAL H 175 39.26 -20.69 -46.96
N VAL H 176 38.30 -20.66 -46.03
CA VAL H 176 37.00 -21.29 -46.20
C VAL H 176 35.94 -20.21 -46.23
N ALA H 177 35.04 -20.30 -47.20
CA ALA H 177 33.99 -19.30 -47.41
C ALA H 177 32.64 -19.91 -47.09
N HIS H 178 31.88 -19.24 -46.22
CA HIS H 178 30.54 -19.68 -45.84
C HIS H 178 29.55 -18.60 -46.22
N PHE H 179 28.48 -19.00 -46.90
CA PHE H 179 27.45 -18.07 -47.37
C PHE H 179 26.11 -18.50 -46.81
N HIS H 180 25.39 -17.54 -46.22
CA HIS H 180 24.17 -17.83 -45.49
C HIS H 180 22.90 -17.43 -46.24
N GLU H 181 22.97 -16.48 -47.15
CA GLU H 181 21.78 -15.94 -47.79
C GLU H 181 22.01 -15.85 -49.30
N TRP H 182 20.92 -15.95 -50.06
CA TRP H 182 21.04 -16.12 -51.51
C TRP H 182 21.52 -14.84 -52.20
N LEU H 183 21.10 -13.67 -51.69
CA LEU H 183 21.63 -12.42 -52.24
C LEU H 183 23.12 -12.31 -52.02
N ALA H 184 23.60 -12.72 -50.84
CA ALA H 184 25.02 -12.69 -50.56
C ALA H 184 25.78 -13.81 -51.27
N GLY H 185 25.11 -14.86 -51.71
CA GLY H 185 25.75 -15.99 -52.34
C GLY H 185 26.05 -15.85 -53.81
N VAL H 186 25.60 -14.77 -54.45
CA VAL H 186 25.78 -14.62 -55.89
C VAL H 186 27.27 -14.56 -56.23
N GLY H 187 28.08 -14.01 -55.33
CA GLY H 187 29.52 -13.97 -55.55
C GLY H 187 30.22 -15.30 -55.35
N LEU H 188 29.57 -16.25 -54.68
CA LEU H 188 30.21 -17.54 -54.42
C LEU H 188 30.64 -18.21 -55.72
N CYS H 189 29.71 -18.35 -56.66
CA CYS H 189 30.06 -18.90 -57.97
C CYS H 189 31.15 -18.09 -58.64
N LEU H 190 31.17 -16.77 -58.42
CA LEU H 190 32.24 -15.94 -58.95
C LEU H 190 33.59 -16.44 -58.47
N CYS H 191 33.70 -16.78 -57.19
CA CYS H 191 34.93 -17.38 -56.70
C CYS H 191 35.22 -18.69 -57.41
N ARG H 192 34.19 -19.51 -57.61
CA ARG H 192 34.36 -20.75 -58.37
C ARG H 192 34.75 -20.47 -59.82
N ALA H 193 34.45 -19.28 -60.33
CA ALA H 193 34.87 -18.91 -61.67
C ALA H 193 36.30 -18.38 -61.71
N ARG H 194 36.91 -18.11 -60.56
CA ARG H 194 38.26 -17.56 -60.50
C ARG H 194 39.30 -18.57 -60.05
N ARG H 195 38.92 -19.84 -59.92
CA ARG H 195 39.84 -20.91 -59.55
C ARG H 195 40.49 -20.67 -58.18
N LEU H 196 39.77 -20.00 -57.30
CA LEU H 196 40.33 -19.67 -55.99
C LEU H 196 40.31 -20.91 -55.09
N PRO H 197 41.45 -21.28 -54.50
CA PRO H 197 41.49 -22.48 -53.66
C PRO H 197 40.80 -22.27 -52.33
N VAL H 198 39.46 -22.26 -52.33
CA VAL H 198 38.67 -22.07 -51.12
C VAL H 198 37.56 -23.11 -51.08
N ALA H 199 37.07 -23.37 -49.89
CA ALA H 199 35.95 -24.28 -49.69
C ALA H 199 34.65 -23.49 -49.79
N THR H 200 33.74 -23.97 -50.64
CA THR H 200 32.51 -23.25 -50.96
C THR H 200 31.33 -23.93 -50.28
N ILE H 201 30.66 -23.20 -49.39
CA ILE H 201 29.49 -23.67 -48.67
C ILE H 201 28.33 -22.76 -49.02
N PHE H 202 27.22 -23.34 -49.47
CA PHE H 202 26.01 -22.58 -49.75
C PHE H 202 24.91 -23.03 -48.79
N THR H 203 24.39 -22.09 -48.01
CA THR H 203 23.33 -22.36 -47.06
C THR H 203 22.11 -21.52 -47.43
N THR H 204 20.96 -22.18 -47.54
CA THR H 204 19.71 -21.52 -47.85
C THR H 204 18.75 -21.63 -46.68
N HIS H 205 17.79 -20.72 -46.63
CA HIS H 205 16.79 -20.70 -45.57
C HIS H 205 15.40 -21.10 -46.05
N ALA H 206 14.98 -20.61 -47.22
CA ALA H 206 13.70 -20.99 -47.78
C ALA H 206 13.74 -20.73 -49.28
N THR H 207 12.81 -21.37 -50.00
CA THR H 207 12.68 -21.15 -51.43
C THR H 207 11.73 -19.97 -51.67
N LEU H 208 12.18 -19.02 -52.49
CA LEU H 208 11.36 -17.84 -52.77
C LEU H 208 10.14 -18.20 -53.60
N LEU H 209 10.31 -19.07 -54.59
CA LEU H 209 9.18 -19.46 -55.43
C LEU H 209 8.17 -20.30 -54.66
N GLY H 210 8.63 -21.07 -53.67
CA GLY H 210 7.71 -21.85 -52.87
C GLY H 210 6.74 -21.00 -52.07
N ARG H 211 7.17 -19.81 -51.64
CA ARG H 211 6.26 -18.90 -50.95
C ARG H 211 5.09 -18.52 -51.84
N TYR H 212 5.36 -18.23 -53.11
CA TYR H 212 4.30 -17.89 -54.05
C TYR H 212 3.51 -19.11 -54.51
N LEU H 213 4.06 -20.31 -54.38
CA LEU H 213 3.29 -21.51 -54.70
C LEU H 213 2.09 -21.67 -53.78
N CYS H 214 2.27 -21.41 -52.48
CA CYS H 214 1.21 -21.67 -51.51
C CYS H 214 0.01 -20.75 -51.69
N ALA H 215 0.18 -19.63 -52.41
CA ALA H 215 -0.92 -18.70 -52.67
C ALA H 215 -1.61 -18.96 -54.00
N GLY H 216 -1.23 -20.01 -54.72
CA GLY H 216 -1.79 -20.33 -56.00
C GLY H 216 -3.02 -21.21 -55.98
N ALA H 217 -3.56 -21.53 -54.80
CA ALA H 217 -4.75 -22.37 -54.66
C ALA H 217 -4.55 -23.75 -55.27
N VAL H 218 -3.31 -24.23 -55.28
CA VAL H 218 -2.96 -25.55 -55.78
C VAL H 218 -2.18 -26.28 -54.70
N ASP H 219 -2.49 -27.57 -54.52
CA ASP H 219 -1.79 -28.37 -53.52
C ASP H 219 -0.30 -28.40 -53.83
N PHE H 220 0.51 -28.21 -52.80
CA PHE H 220 1.96 -28.08 -52.94
C PHE H 220 2.74 -29.28 -52.43
N TYR H 221 2.45 -29.76 -51.23
CA TYR H 221 3.23 -30.83 -50.63
C TYR H 221 2.90 -32.21 -51.19
N ASN H 222 1.69 -32.41 -51.70
CA ASN H 222 1.31 -33.68 -52.30
C ASN H 222 1.67 -33.76 -53.78
N ASN H 223 2.20 -32.69 -54.36
CA ASN H 223 2.65 -32.67 -55.75
C ASN H 223 4.12 -32.31 -55.85
N LEU H 224 4.92 -32.79 -54.89
CA LEU H 224 6.34 -32.43 -54.84
C LEU H 224 7.16 -33.10 -55.92
N GLU H 225 6.61 -34.08 -56.64
CA GLU H 225 7.38 -34.82 -57.64
C GLU H 225 7.34 -34.20 -59.02
N ASN H 226 6.46 -33.23 -59.27
CA ASN H 226 6.27 -32.66 -60.60
C ASN H 226 6.10 -31.15 -60.50
N PHE H 227 7.18 -30.42 -60.81
CA PHE H 227 7.13 -28.97 -60.93
C PHE H 227 7.65 -28.57 -62.29
N ASN H 228 6.87 -27.76 -63.01
CA ASN H 228 7.32 -27.13 -64.25
C ASN H 228 8.06 -25.83 -63.91
N VAL H 229 9.25 -26.02 -63.33
CA VAL H 229 9.94 -24.94 -62.62
C VAL H 229 10.22 -23.77 -63.54
N ASP H 230 10.67 -24.05 -64.77
CA ASP H 230 11.11 -22.98 -65.67
C ASP H 230 10.00 -21.97 -65.93
N LYS H 231 8.82 -22.45 -66.33
CA LYS H 231 7.74 -21.52 -66.64
C LYS H 231 7.19 -20.84 -65.39
N GLU H 232 6.96 -21.60 -64.31
CA GLU H 232 6.40 -20.99 -63.11
C GLU H 232 7.34 -19.93 -62.55
N ALA H 233 8.65 -20.08 -62.78
CA ALA H 233 9.57 -18.99 -62.49
C ALA H 233 9.47 -17.88 -63.53
N GLY H 234 9.17 -18.24 -64.78
CA GLY H 234 9.09 -17.28 -65.87
C GLY H 234 7.97 -16.28 -65.76
N GLU H 235 6.72 -16.73 -65.86
CA GLU H 235 5.61 -15.77 -65.88
C GLU H 235 5.38 -15.10 -64.53
N ARG H 236 6.02 -15.57 -63.46
CA ARG H 236 5.85 -14.96 -62.14
C ARG H 236 6.98 -13.98 -61.81
N GLN H 237 7.88 -13.71 -62.77
CA GLN H 237 8.91 -12.68 -62.65
C GLN H 237 9.92 -12.98 -61.55
N ILE H 238 10.06 -14.24 -61.15
CA ILE H 238 11.06 -14.63 -60.17
C ILE H 238 12.04 -15.59 -60.83
N TYR H 239 12.15 -15.48 -62.16
CA TYR H 239 12.97 -16.44 -62.91
C TYR H 239 14.45 -16.28 -62.57
N HIS H 240 14.98 -15.06 -62.64
CA HIS H 240 16.41 -14.87 -62.48
C HIS H 240 16.86 -15.10 -61.04
N ARG H 241 16.01 -14.76 -60.06
CA ARG H 241 16.36 -14.99 -58.66
C ARG H 241 16.58 -16.47 -58.40
N TYR H 242 15.61 -17.29 -58.79
CA TYR H 242 15.81 -18.74 -58.74
C TYR H 242 16.98 -19.18 -59.59
N CYS H 243 17.24 -18.47 -60.69
CA CYS H 243 18.34 -18.85 -61.57
C CYS H 243 19.68 -18.79 -60.85
N MET H 244 20.01 -17.65 -60.23
CA MET H 244 21.30 -17.63 -59.57
C MET H 244 21.26 -18.36 -58.23
N GLU H 245 20.09 -18.53 -57.62
CA GLU H 245 20.01 -19.39 -56.43
C GLU H 245 20.43 -20.81 -56.78
N ARG H 246 19.86 -21.37 -57.84
CA ARG H 246 20.21 -22.72 -58.27
C ARG H 246 21.64 -22.79 -58.77
N ALA H 247 22.13 -21.74 -59.44
CA ALA H 247 23.52 -21.73 -59.87
C ALA H 247 24.46 -21.80 -58.69
N ALA H 248 24.19 -21.00 -57.64
CA ALA H 248 25.02 -21.04 -56.44
C ALA H 248 24.93 -22.39 -55.75
N ALA H 249 23.72 -22.97 -55.69
CA ALA H 249 23.57 -24.27 -55.06
C ALA H 249 24.36 -25.34 -55.80
N HIS H 250 24.30 -25.33 -57.13
CA HIS H 250 24.98 -26.36 -57.91
C HIS H 250 26.49 -26.18 -57.87
N CYS H 251 26.97 -24.93 -57.97
CA CYS H 251 28.40 -24.69 -58.02
C CYS H 251 29.09 -24.90 -56.68
N ALA H 252 28.36 -24.84 -55.58
CA ALA H 252 28.97 -24.91 -54.26
C ALA H 252 29.56 -26.30 -54.01
N HIS H 253 30.70 -26.32 -53.31
CA HIS H 253 31.29 -27.59 -52.90
C HIS H 253 30.34 -28.37 -52.00
N VAL H 254 29.71 -27.69 -51.04
CA VAL H 254 28.72 -28.32 -50.18
C VAL H 254 27.49 -27.43 -50.10
N PHE H 255 26.33 -28.07 -49.98
CA PHE H 255 25.04 -27.41 -49.90
C PHE H 255 24.34 -27.84 -48.61
N THR H 256 23.85 -26.86 -47.86
CA THR H 256 23.18 -27.11 -46.59
C THR H 256 21.80 -26.45 -46.60
N THR H 257 20.90 -27.01 -45.81
CA THR H 257 19.52 -26.53 -45.76
C THR H 257 19.05 -26.59 -44.32
N VAL H 258 18.06 -25.76 -43.99
CA VAL H 258 17.71 -25.53 -42.59
C VAL H 258 17.13 -26.79 -41.95
N SER H 259 16.20 -27.46 -42.62
CA SER H 259 15.52 -28.59 -42.02
C SER H 259 15.29 -29.69 -43.05
N GLN H 260 14.75 -30.82 -42.57
CA GLN H 260 14.62 -32.00 -43.41
C GLN H 260 13.61 -31.77 -44.53
N ILE H 261 12.44 -31.20 -44.21
CA ILE H 261 11.44 -30.97 -45.25
C ILE H 261 11.90 -29.90 -46.22
N THR H 262 12.60 -28.87 -45.72
CA THR H 262 13.19 -27.89 -46.61
C THR H 262 14.27 -28.51 -47.48
N ALA H 263 15.04 -29.46 -46.93
CA ALA H 263 16.00 -30.19 -47.75
C ALA H 263 15.30 -30.98 -48.84
N ILE H 264 14.18 -31.62 -48.52
CA ILE H 264 13.44 -32.40 -49.50
C ILE H 264 12.91 -31.50 -50.61
N GLU H 265 12.32 -30.36 -50.24
CA GLU H 265 11.79 -29.47 -51.26
C GLU H 265 12.89 -28.83 -52.10
N ALA H 266 14.06 -28.59 -51.50
CA ALA H 266 15.19 -28.12 -52.29
C ALA H 266 15.67 -29.18 -53.27
N GLN H 267 15.73 -30.44 -52.82
CA GLN H 267 16.14 -31.52 -53.72
C GLN H 267 15.16 -31.69 -54.86
N HIS H 268 13.86 -31.61 -54.57
CA HIS H 268 12.85 -31.78 -55.60
C HIS H 268 12.60 -30.50 -56.40
N LEU H 269 13.20 -29.37 -56.00
CA LEU H 269 13.03 -28.11 -56.70
C LEU H 269 14.34 -27.63 -57.32
N LEU H 270 15.41 -27.56 -56.53
CA LEU H 270 16.71 -27.13 -57.06
C LEU H 270 17.48 -28.26 -57.71
N LYS H 271 16.94 -29.48 -57.68
CA LYS H 271 17.56 -30.65 -58.31
C LYS H 271 18.97 -30.89 -57.77
N ARG H 272 19.13 -30.71 -56.46
CA ARG H 272 20.41 -31.00 -55.80
C ARG H 272 20.13 -31.41 -54.36
N LYS H 273 20.52 -32.63 -54.01
CA LYS H 273 20.29 -33.12 -52.66
C LYS H 273 21.27 -32.47 -51.69
N PRO H 274 20.80 -31.78 -50.66
CA PRO H 274 21.73 -31.15 -49.71
C PRO H 274 22.54 -32.20 -48.97
N ASP H 275 23.81 -31.88 -48.73
CA ASP H 275 24.71 -32.81 -48.07
C ASP H 275 24.29 -33.05 -46.62
N ILE H 276 23.88 -32.00 -45.92
CA ILE H 276 23.49 -32.11 -44.52
C ILE H 276 22.53 -30.98 -44.20
N VAL H 277 21.69 -31.19 -43.20
CA VAL H 277 20.72 -30.19 -42.77
C VAL H 277 21.33 -29.35 -41.65
N THR H 278 20.95 -28.08 -41.60
CA THR H 278 21.50 -27.13 -40.63
C THR H 278 20.37 -26.39 -39.92
N PRO H 279 19.79 -27.00 -38.90
CA PRO H 279 18.75 -26.30 -38.13
C PRO H 279 19.32 -25.13 -37.34
N ASN H 280 18.50 -24.10 -37.18
CA ASN H 280 18.90 -22.90 -36.47
C ASN H 280 18.84 -23.13 -34.96
N GLY H 281 19.87 -22.68 -34.26
CA GLY H 281 19.91 -22.78 -32.82
C GLY H 281 19.64 -21.45 -32.14
N LEU H 282 19.20 -21.50 -30.89
CA LEU H 282 18.88 -20.29 -30.13
C LEU H 282 19.54 -20.38 -28.76
N ASN H 283 20.12 -19.25 -28.33
CA ASN H 283 20.71 -19.20 -26.99
C ASN H 283 19.60 -19.24 -25.95
N VAL H 284 19.85 -20.00 -24.88
CA VAL H 284 18.89 -20.19 -23.80
C VAL H 284 19.36 -19.42 -22.58
N LYS H 285 18.44 -18.68 -21.97
CA LYS H 285 18.74 -17.89 -20.78
C LYS H 285 18.43 -18.73 -19.55
N LYS H 286 19.45 -19.38 -19.01
CA LYS H 286 19.26 -20.25 -17.85
C LYS H 286 18.98 -19.42 -16.61
N PHE H 287 18.39 -20.08 -15.61
CA PHE H 287 18.08 -19.46 -14.33
C PHE H 287 18.82 -20.18 -13.22
N SER H 288 18.84 -19.56 -12.04
CA SER H 288 19.48 -20.18 -10.89
C SER H 288 18.75 -21.46 -10.48
N ALA H 289 17.42 -21.44 -10.52
CA ALA H 289 16.61 -22.58 -10.14
C ALA H 289 15.89 -23.16 -11.35
N MET H 290 15.73 -24.48 -11.35
CA MET H 290 15.05 -25.15 -12.45
C MET H 290 13.58 -24.73 -12.52
N HIS H 291 12.93 -24.59 -11.37
CA HIS H 291 11.51 -24.35 -11.28
C HIS H 291 11.14 -22.89 -11.46
N GLU H 292 12.12 -22.00 -11.66
CA GLU H 292 11.81 -20.59 -11.76
C GLU H 292 10.94 -20.30 -12.98
N PHE H 293 11.14 -21.04 -14.07
CA PHE H 293 10.28 -20.87 -15.23
C PHE H 293 8.84 -21.18 -14.92
N GLN H 294 8.59 -22.02 -13.91
CA GLN H 294 7.23 -22.23 -13.44
C GLN H 294 6.70 -20.98 -12.74
N ASN H 295 7.52 -20.38 -11.86
CA ASN H 295 7.08 -19.20 -11.13
C ASN H 295 6.77 -18.04 -12.07
N LEU H 296 7.60 -17.86 -13.11
CA LEU H 296 7.32 -16.85 -14.11
C LEU H 296 5.98 -17.13 -14.81
N HIS H 297 5.59 -18.40 -14.89
CA HIS H 297 4.27 -18.73 -15.41
C HIS H 297 3.18 -18.46 -14.39
N ALA H 298 3.48 -18.59 -13.10
CA ALA H 298 2.45 -18.40 -12.09
C ALA H 298 1.96 -16.96 -12.05
N GLN H 299 2.88 -16.00 -11.97
CA GLN H 299 2.47 -14.60 -11.87
C GLN H 299 1.96 -14.06 -13.19
N SER H 300 2.61 -14.41 -14.29
CA SER H 300 2.20 -13.91 -15.60
C SER H 300 0.77 -14.33 -15.92
N LYS H 301 0.42 -15.59 -15.62
CA LYS H 301 -0.95 -16.04 -15.79
C LYS H 301 -1.92 -15.13 -15.04
N ALA H 302 -1.53 -14.69 -13.84
CA ALA H 302 -2.37 -13.77 -13.08
C ALA H 302 -2.63 -12.50 -13.87
N ARG H 303 -1.60 -11.96 -14.52
CA ARG H 303 -1.79 -10.76 -15.34
C ARG H 303 -2.79 -11.01 -16.45
N ILE H 304 -2.90 -12.25 -16.93
CA ILE H 304 -3.91 -12.56 -17.92
C ILE H 304 -5.30 -12.54 -17.28
N GLN H 305 -5.43 -13.11 -16.08
CA GLN H 305 -6.74 -13.19 -15.44
C GLN H 305 -7.33 -11.80 -15.23
N GLU H 306 -6.53 -10.87 -14.68
CA GLU H 306 -7.00 -9.51 -14.49
C GLU H 306 -7.48 -8.91 -15.81
N PHE H 307 -6.88 -9.31 -16.92
CA PHE H 307 -7.39 -8.88 -18.21
C PHE H 307 -8.74 -9.51 -18.50
N VAL H 308 -8.83 -10.85 -18.39
CA VAL H 308 -10.03 -11.53 -18.86
C VAL H 308 -11.23 -11.16 -17.99
N ARG H 309 -11.02 -11.01 -16.68
CA ARG H 309 -12.07 -10.49 -15.82
C ARG H 309 -12.60 -9.18 -16.37
N GLY H 310 -11.68 -8.26 -16.70
CA GLY H 310 -12.10 -6.99 -17.27
C GLY H 310 -12.84 -7.17 -18.58
N HIS H 311 -12.48 -8.18 -19.36
CA HIS H 311 -13.18 -8.40 -20.61
C HIS H 311 -14.48 -9.18 -20.43
N PHE H 312 -14.77 -9.66 -19.22
CA PHE H 312 -15.96 -10.47 -18.96
C PHE H 312 -16.67 -9.97 -17.73
N TYR H 313 -16.83 -8.66 -17.61
CA TYR H 313 -17.62 -8.09 -16.52
C TYR H 313 -19.10 -8.31 -16.79
N GLY H 314 -19.82 -8.78 -15.77
CA GLY H 314 -21.22 -9.09 -15.90
C GLY H 314 -21.52 -10.46 -16.50
N HIS H 315 -20.49 -11.24 -16.81
CA HIS H 315 -20.71 -12.59 -17.35
C HIS H 315 -19.78 -13.61 -16.71
N LEU H 316 -19.14 -13.26 -15.59
CA LEU H 316 -18.21 -14.18 -14.92
C LEU H 316 -19.05 -15.19 -14.14
N ASP H 317 -19.46 -16.25 -14.83
CA ASP H 317 -20.27 -17.30 -14.24
C ASP H 317 -19.57 -18.66 -14.23
N PHE H 318 -18.28 -18.69 -14.51
CA PHE H 318 -17.51 -19.93 -14.52
C PHE H 318 -16.31 -19.80 -13.60
N ASN H 319 -15.94 -20.91 -12.98
CA ASN H 319 -14.79 -20.91 -12.09
C ASN H 319 -13.52 -20.67 -12.89
N LEU H 320 -12.75 -19.65 -12.49
CA LEU H 320 -11.54 -19.30 -13.21
C LEU H 320 -10.35 -20.17 -12.85
N ASP H 321 -10.44 -20.96 -11.77
CA ASP H 321 -9.38 -21.89 -11.44
C ASP H 321 -9.35 -23.11 -12.35
N LYS H 322 -10.39 -23.32 -13.15
CA LYS H 322 -10.48 -24.41 -14.10
C LYS H 322 -10.54 -23.89 -15.53
N THR H 323 -9.69 -22.90 -15.84
CA THR H 323 -9.67 -22.27 -17.15
C THR H 323 -8.33 -22.54 -17.83
N LEU H 324 -8.38 -22.86 -19.11
CA LEU H 324 -7.19 -23.12 -19.91
C LEU H 324 -6.99 -21.99 -20.91
N TYR H 325 -5.72 -21.63 -21.13
CA TYR H 325 -5.35 -20.55 -22.03
C TYR H 325 -4.57 -21.11 -23.20
N PHE H 326 -5.16 -21.05 -24.40
CA PHE H 326 -4.48 -21.43 -25.63
C PHE H 326 -4.19 -20.16 -26.43
N PHE H 327 -3.15 -20.23 -27.27
CA PHE H 327 -2.80 -19.06 -28.06
C PHE H 327 -2.01 -19.48 -29.29
N ILE H 328 -2.10 -18.66 -30.32
CA ILE H 328 -1.30 -18.81 -31.53
C ILE H 328 -0.78 -17.43 -31.91
N ALA H 329 0.52 -17.35 -32.20
CA ALA H 329 1.19 -16.08 -32.44
C ALA H 329 1.87 -16.11 -33.80
N GLY H 330 2.60 -15.05 -34.11
CA GLY H 330 3.32 -14.93 -35.36
C GLY H 330 2.67 -13.90 -36.27
N ARG H 331 3.23 -13.81 -37.48
CA ARG H 331 2.74 -12.88 -38.47
C ARG H 331 1.33 -13.28 -38.93
N TYR H 332 0.58 -12.29 -39.40
CA TYR H 332 -0.81 -12.49 -39.80
C TYR H 332 -0.83 -13.21 -41.15
N GLU H 333 -0.73 -14.53 -41.08
CA GLU H 333 -0.89 -15.40 -42.24
C GLU H 333 -2.00 -16.39 -41.95
N PHE H 334 -2.98 -16.48 -42.85
CA PHE H 334 -4.16 -17.29 -42.56
C PHE H 334 -3.87 -18.78 -42.77
N SER H 335 -3.57 -19.16 -44.02
CA SER H 335 -3.36 -20.57 -44.32
C SER H 335 -2.00 -21.06 -43.85
N ASN H 336 -0.98 -20.22 -43.95
CA ASN H 336 0.38 -20.64 -43.65
C ASN H 336 0.65 -20.79 -42.16
N LYS H 337 -0.25 -20.30 -41.29
CA LYS H 337 -0.08 -20.43 -39.86
C LYS H 337 -1.10 -21.34 -39.20
N GLY H 338 -2.09 -21.81 -39.95
CA GLY H 338 -3.07 -22.72 -39.38
C GLY H 338 -4.09 -22.09 -38.47
N ALA H 339 -4.45 -20.83 -38.71
CA ALA H 339 -5.50 -20.21 -37.91
C ALA H 339 -6.84 -20.88 -38.13
N ASP H 340 -7.17 -21.20 -39.39
CA ASP H 340 -8.48 -21.78 -39.70
C ASP H 340 -8.66 -23.15 -39.06
N VAL H 341 -7.65 -24.01 -39.19
CA VAL H 341 -7.75 -25.36 -38.62
C VAL H 341 -7.89 -25.29 -37.11
N PHE H 342 -7.13 -24.37 -36.48
CA PHE H 342 -7.30 -24.16 -35.05
C PHE H 342 -8.71 -23.71 -34.72
N LEU H 343 -9.29 -22.86 -35.57
CA LEU H 343 -10.64 -22.35 -35.31
C LEU H 343 -11.67 -23.47 -35.37
N GLU H 344 -11.66 -24.29 -36.42
CA GLU H 344 -12.68 -25.34 -36.47
C GLU H 344 -12.39 -26.44 -35.47
N ALA H 345 -11.13 -26.67 -35.10
CA ALA H 345 -10.84 -27.61 -34.03
C ALA H 345 -11.41 -27.11 -32.71
N LEU H 346 -11.29 -25.82 -32.43
CA LEU H 346 -11.87 -25.26 -31.23
C LEU H 346 -13.39 -25.31 -31.27
N ALA H 347 -13.98 -25.12 -32.46
CA ALA H 347 -15.44 -25.25 -32.58
C ALA H 347 -15.88 -26.68 -32.27
N ARG H 348 -15.16 -27.68 -32.79
CA ARG H 348 -15.48 -29.06 -32.48
C ARG H 348 -15.31 -29.34 -30.99
N LEU H 349 -14.27 -28.78 -30.38
CA LEU H 349 -14.08 -28.95 -28.93
C LEU H 349 -15.23 -28.32 -28.16
N ASN H 350 -15.70 -27.16 -28.59
CA ASN H 350 -16.85 -26.53 -27.95
C ASN H 350 -18.09 -27.41 -28.06
N TYR H 351 -18.32 -27.96 -29.25
CA TYR H 351 -19.48 -28.84 -29.44
C TYR H 351 -19.37 -30.08 -28.57
N LEU H 352 -18.16 -30.62 -28.42
CA LEU H 352 -17.96 -31.81 -27.59
C LEU H 352 -18.13 -31.49 -26.11
N LEU H 353 -17.74 -30.29 -25.69
CA LEU H 353 -17.79 -29.96 -24.26
C LEU H 353 -19.22 -29.69 -23.78
N ARG H 354 -20.15 -29.42 -24.69
CA ARG H 354 -21.53 -29.18 -24.32
C ARG H 354 -22.36 -30.45 -24.25
N VAL H 355 -21.77 -31.61 -24.58
CA VAL H 355 -22.46 -32.88 -24.44
C VAL H 355 -21.87 -33.74 -23.35
N ASN H 356 -20.64 -33.49 -22.92
CA ASN H 356 -20.03 -34.20 -21.81
C ASN H 356 -20.40 -33.63 -20.45
N GLY H 357 -21.01 -32.45 -20.41
CA GLY H 357 -21.35 -31.83 -19.15
C GLY H 357 -20.16 -31.44 -18.31
N SER H 358 -19.08 -30.99 -18.94
CA SER H 358 -17.88 -30.60 -18.23
C SER H 358 -17.92 -29.10 -17.90
N GLU H 359 -17.18 -28.74 -16.84
CA GLU H 359 -17.10 -27.35 -16.41
C GLU H 359 -15.86 -26.64 -16.92
N GLN H 360 -14.94 -27.36 -17.56
CA GLN H 360 -13.72 -26.73 -18.06
C GLN H 360 -14.03 -25.78 -19.20
N THR H 361 -13.45 -24.58 -19.14
CA THR H 361 -13.61 -23.57 -20.18
C THR H 361 -12.24 -23.10 -20.63
N VAL H 362 -12.06 -22.96 -21.94
CA VAL H 362 -10.78 -22.57 -22.52
C VAL H 362 -10.92 -21.19 -23.14
N VAL H 363 -9.82 -20.43 -23.10
CA VAL H 363 -9.74 -19.10 -23.69
C VAL H 363 -8.60 -19.11 -24.70
N ALA H 364 -8.90 -18.68 -25.93
CA ALA H 364 -7.94 -18.72 -27.03
C ALA H 364 -7.61 -17.30 -27.47
N PHE H 365 -6.33 -16.97 -27.42
CA PHE H 365 -5.83 -15.67 -27.83
C PHE H 365 -5.27 -15.75 -29.25
N PHE H 366 -5.53 -14.72 -30.04
CA PHE H 366 -5.03 -14.64 -31.41
C PHE H 366 -4.15 -13.40 -31.51
N ILE H 367 -2.85 -13.58 -31.34
CA ILE H 367 -1.90 -12.46 -31.45
C ILE H 367 -1.51 -12.40 -32.92
N MET H 368 -2.38 -11.81 -33.72
CA MET H 368 -2.23 -11.71 -35.17
C MET H 368 -2.16 -10.23 -35.54
N PRO H 369 -0.97 -9.66 -35.63
CA PRO H 369 -0.85 -8.24 -35.95
C PRO H 369 -1.48 -7.91 -37.30
N ALA H 370 -2.49 -7.05 -37.27
CA ALA H 370 -3.17 -6.61 -38.48
C ALA H 370 -3.22 -5.09 -38.47
N ARG H 371 -3.87 -4.51 -39.47
CA ARG H 371 -4.00 -3.07 -39.57
C ARG H 371 -5.28 -2.63 -38.87
N THR H 372 -5.13 -1.78 -37.84
CA THR H 372 -6.23 -1.38 -37.00
C THR H 372 -6.13 0.10 -36.67
N ASN H 373 -7.25 0.66 -36.22
CA ASN H 373 -7.31 2.05 -35.78
C ASN H 373 -8.02 2.13 -34.45
N ASN H 374 -7.45 2.90 -33.52
CA ASN H 374 -8.04 3.13 -32.20
C ASN H 374 -8.19 1.83 -31.41
N PHE H 375 -8.90 1.89 -30.30
CA PHE H 375 -9.20 0.74 -29.46
C PHE H 375 -10.68 0.41 -29.52
N ASN H 376 -11.09 -0.54 -28.69
CA ASN H 376 -12.49 -0.91 -28.56
C ASN H 376 -13.04 -0.29 -27.28
N VAL H 377 -14.15 0.44 -27.41
CA VAL H 377 -14.68 1.17 -26.26
C VAL H 377 -15.17 0.22 -25.18
N GLU H 378 -15.76 -0.92 -25.59
CA GLU H 378 -16.27 -1.87 -24.61
C GLU H 378 -15.15 -2.49 -23.79
N THR H 379 -14.01 -2.79 -24.42
CA THR H 379 -12.90 -3.39 -23.69
C THR H 379 -12.36 -2.43 -22.63
N LEU H 380 -12.13 -1.17 -23.01
CA LEU H 380 -11.66 -0.18 -22.06
C LEU H 380 -12.69 0.05 -20.96
N LYS H 381 -13.97 0.04 -21.33
CA LYS H 381 -15.02 0.17 -20.33
C LYS H 381 -14.95 -0.98 -19.32
N GLY H 382 -14.72 -2.20 -19.81
CA GLY H 382 -14.59 -3.33 -18.90
C GLY H 382 -13.39 -3.20 -17.99
N GLN H 383 -12.25 -2.75 -18.52
CA GLN H 383 -11.09 -2.52 -17.67
C GLN H 383 -11.39 -1.49 -16.59
N ALA H 384 -12.07 -0.40 -16.97
CA ALA H 384 -12.41 0.64 -16.01
C ALA H 384 -13.38 0.13 -14.96
N VAL H 385 -14.35 -0.70 -15.36
CA VAL H 385 -15.28 -1.27 -14.41
C VAL H 385 -14.57 -2.19 -13.43
N ARG H 386 -13.63 -3.00 -13.93
CA ARG H 386 -12.86 -3.84 -13.01
C ARG H 386 -12.07 -3.00 -12.02
N LYS H 387 -11.46 -1.91 -12.50
CA LYS H 387 -10.71 -1.06 -11.59
C LYS H 387 -11.62 -0.39 -10.57
N GLN H 388 -12.82 0.02 -10.99
CA GLN H 388 -13.77 0.62 -10.06
C GLN H 388 -14.21 -0.38 -8.99
N LEU H 389 -14.45 -1.63 -9.39
CA LEU H 389 -14.79 -2.67 -8.43
C LEU H 389 -13.64 -2.88 -7.45
N TRP H 390 -12.40 -2.86 -7.97
CA TRP H 390 -11.24 -2.98 -7.09
C TRP H 390 -11.18 -1.82 -6.10
N ASP H 391 -11.48 -0.60 -6.56
CA ASP H 391 -11.46 0.55 -5.66
C ASP H 391 -12.53 0.44 -4.59
N THR H 392 -13.73 0.00 -4.96
CA THR H 392 -14.80 -0.18 -3.98
C THR H 392 -14.40 -1.23 -2.94
N ALA H 393 -13.84 -2.35 -3.41
CA ALA H 393 -13.36 -3.37 -2.50
C ALA H 393 -12.27 -2.83 -1.58
N ASN H 394 -11.39 -2.00 -2.11
CA ASN H 394 -10.32 -1.43 -1.29
C ASN H 394 -10.90 -0.54 -0.20
N THR H 395 -11.87 0.30 -0.54
CA THR H 395 -12.47 1.18 0.46
C THR H 395 -13.16 0.37 1.55
N VAL H 396 -13.95 -0.63 1.14
CA VAL H 396 -14.67 -1.44 2.12
C VAL H 396 -13.69 -2.19 3.01
N LYS H 397 -12.63 -2.74 2.42
CA LYS H 397 -11.66 -3.49 3.21
C LYS H 397 -10.86 -2.57 4.14
N GLU H 398 -10.63 -1.32 3.74
CA GLU H 398 -9.97 -0.39 4.65
C GLU H 398 -10.87 -0.06 5.84
N LYS H 399 -12.17 0.15 5.59
CA LYS H 399 -13.08 0.37 6.70
C LYS H 399 -13.14 -0.84 7.62
N PHE H 400 -13.19 -2.04 7.04
CA PHE H 400 -13.19 -3.26 7.85
C PHE H 400 -11.89 -3.39 8.63
N GLY H 401 -10.76 -3.03 8.03
CA GLY H 401 -9.50 -3.07 8.74
C GLY H 401 -9.47 -2.12 9.92
N ARG H 402 -9.99 -0.91 9.74
CA ARG H 402 -10.06 0.04 10.85
C ARG H 402 -10.92 -0.51 11.98
N LYS H 403 -12.11 -1.02 11.65
CA LYS H 403 -13.00 -1.54 12.69
C LYS H 403 -12.38 -2.75 13.39
N LEU H 404 -11.74 -3.64 12.63
CA LEU H 404 -11.12 -4.81 13.22
C LEU H 404 -9.94 -4.42 14.09
N TYR H 405 -9.17 -3.40 13.67
CA TYR H 405 -8.07 -2.91 14.49
C TYR H 405 -8.59 -2.37 15.81
N GLU H 406 -9.68 -1.58 15.78
CA GLU H 406 -10.24 -1.06 17.02
C GLU H 406 -10.71 -2.19 17.93
N SER H 407 -11.42 -3.17 17.36
CA SER H 407 -11.96 -4.26 18.17
C SER H 407 -10.85 -5.11 18.76
N LEU H 408 -9.77 -5.33 18.01
CA LEU H 408 -8.64 -6.09 18.53
C LEU H 408 -7.90 -5.30 19.60
N LEU H 409 -7.82 -3.98 19.45
CA LEU H 409 -7.19 -3.16 20.47
C LEU H 409 -7.98 -3.20 21.77
N VAL H 410 -9.31 -3.14 21.69
CA VAL H 410 -10.11 -3.20 22.91
C VAL H 410 -10.17 -4.62 23.48
N GLY H 411 -9.81 -5.63 22.69
CA GLY H 411 -9.78 -6.99 23.18
C GLY H 411 -11.07 -7.75 22.99
N SER H 412 -11.59 -7.76 21.76
CA SER H 412 -12.84 -8.44 21.46
C SER H 412 -12.71 -9.13 20.11
N LEU H 413 -13.84 -9.58 19.58
CA LEU H 413 -13.90 -10.25 18.29
C LEU H 413 -14.94 -9.58 17.40
N PRO H 414 -14.73 -9.59 16.09
CA PRO H 414 -15.72 -9.00 15.17
C PRO H 414 -16.93 -9.91 15.03
N ASP H 415 -18.08 -9.43 15.48
CA ASP H 415 -19.33 -10.16 15.36
C ASP H 415 -20.12 -9.79 14.11
N MET H 416 -19.56 -8.94 13.25
CA MET H 416 -20.14 -8.57 11.96
C MET H 416 -21.49 -7.87 12.10
N ASN H 417 -21.82 -7.37 13.28
CA ASN H 417 -23.04 -6.60 13.47
C ASN H 417 -22.83 -5.11 13.21
N LYS H 418 -21.59 -4.66 13.08
CA LYS H 418 -21.29 -3.26 12.82
C LYS H 418 -20.58 -3.03 11.49
N MET H 419 -20.06 -4.08 10.85
CA MET H 419 -19.47 -3.91 9.52
C MET H 419 -20.51 -3.59 8.47
N LEU H 420 -21.80 -3.82 8.76
CA LEU H 420 -22.85 -3.53 7.79
C LEU H 420 -22.96 -2.03 7.56
N ASP H 421 -23.03 -1.25 8.64
CA ASP H 421 -22.95 0.21 8.63
C ASP H 421 -24.13 0.85 7.91
N LYS H 422 -24.99 0.06 7.28
CA LYS H 422 -26.16 0.51 6.54
C LYS H 422 -25.83 1.51 5.43
N GLU H 423 -24.54 1.74 5.17
CA GLU H 423 -24.10 2.69 4.15
C GLU H 423 -23.24 2.05 3.08
N ASP H 424 -22.30 1.18 3.47
CA ASP H 424 -21.47 0.51 2.48
C ASP H 424 -22.29 -0.44 1.62
N PHE H 425 -23.35 -1.03 2.19
CA PHE H 425 -24.24 -1.86 1.38
C PHE H 425 -24.87 -1.07 0.25
N THR H 426 -25.17 0.21 0.47
CA THR H 426 -25.76 1.03 -0.59
C THR H 426 -24.78 1.19 -1.76
N MET H 427 -23.53 1.55 -1.46
CA MET H 427 -22.55 1.76 -2.52
C MET H 427 -22.23 0.44 -3.22
N MET H 428 -22.13 -0.65 -2.47
CA MET H 428 -21.90 -1.95 -3.09
C MET H 428 -23.07 -2.36 -3.97
N LYS H 429 -24.31 -2.06 -3.53
CA LYS H 429 -25.49 -2.39 -4.32
C LYS H 429 -25.51 -1.62 -5.62
N ARG H 430 -25.20 -0.32 -5.58
CA ARG H 430 -25.19 0.43 -6.84
C ARG H 430 -24.02 0.03 -7.72
N ALA H 431 -22.90 -0.42 -7.12
CA ALA H 431 -21.82 -0.96 -7.92
C ALA H 431 -22.26 -2.22 -8.66
N ILE H 432 -22.93 -3.13 -7.96
CA ILE H 432 -23.44 -4.35 -8.59
C ILE H 432 -24.46 -3.98 -9.67
N PHE H 433 -25.28 -2.97 -9.41
CA PHE H 433 -26.23 -2.51 -10.42
C PHE H 433 -25.51 -2.01 -11.67
N ALA H 434 -24.41 -1.29 -11.49
CA ALA H 434 -23.65 -0.81 -12.63
C ALA H 434 -23.00 -1.96 -13.40
N THR H 435 -22.56 -3.00 -12.68
CA THR H 435 -21.89 -4.12 -13.34
C THR H 435 -22.81 -4.88 -14.29
N GLN H 436 -24.13 -4.77 -14.10
CA GLN H 436 -25.06 -5.52 -14.93
C GLN H 436 -24.94 -5.13 -16.39
N ARG H 437 -24.93 -6.12 -17.27
CA ARG H 437 -24.81 -5.91 -18.70
C ARG H 437 -25.76 -6.86 -19.43
N GLN H 438 -26.20 -6.44 -20.62
CA GLN H 438 -27.11 -7.23 -21.43
C GLN H 438 -26.50 -7.73 -22.73
N SER H 439 -25.66 -6.94 -23.37
CA SER H 439 -25.07 -7.35 -24.64
C SER H 439 -23.92 -8.32 -24.42
N PHE H 440 -23.58 -9.04 -25.49
CA PHE H 440 -22.52 -10.03 -25.41
C PHE H 440 -21.15 -9.36 -25.39
N PRO H 441 -20.16 -9.99 -24.74
CA PRO H 441 -18.81 -9.44 -24.75
C PRO H 441 -18.24 -9.45 -26.17
N PRO H 442 -17.36 -8.52 -26.49
CA PRO H 442 -16.79 -8.47 -27.83
C PRO H 442 -15.67 -9.49 -28.03
N VAL H 443 -15.40 -9.77 -29.31
CA VAL H 443 -14.37 -10.74 -29.67
C VAL H 443 -13.04 -10.10 -30.01
N CYS H 444 -12.99 -8.78 -30.18
CA CYS H 444 -11.76 -8.08 -30.55
C CYS H 444 -11.45 -7.00 -29.53
N THR H 445 -10.18 -6.88 -29.16
CA THR H 445 -9.71 -5.84 -28.28
C THR H 445 -9.25 -4.59 -29.02
N HIS H 446 -9.69 -4.42 -30.28
CA HIS H 446 -9.34 -3.26 -31.08
C HIS H 446 -10.54 -2.94 -31.97
N ASN H 447 -10.32 -2.06 -32.95
CA ASN H 447 -11.33 -1.73 -33.93
C ASN H 447 -10.76 -2.00 -35.32
N MET H 448 -11.32 -2.97 -36.02
CA MET H 448 -10.85 -3.31 -37.34
C MET H 448 -11.13 -2.17 -38.31
N LEU H 449 -10.16 -1.89 -39.19
CA LEU H 449 -10.42 -0.92 -40.25
C LEU H 449 -11.48 -1.43 -41.21
N ASP H 450 -11.42 -2.72 -41.56
CA ASP H 450 -12.41 -3.36 -42.41
C ASP H 450 -12.92 -4.62 -41.73
N ASP H 451 -14.20 -4.92 -41.95
CA ASP H 451 -14.83 -6.08 -41.35
C ASP H 451 -15.50 -7.01 -42.35
N SER H 452 -15.80 -6.56 -43.57
CA SER H 452 -16.40 -7.42 -44.57
C SER H 452 -15.39 -8.30 -45.28
N SER H 453 -14.09 -8.12 -45.04
CA SER H 453 -13.08 -8.90 -45.72
C SER H 453 -12.01 -9.43 -44.77
N ASP H 454 -12.26 -9.43 -43.47
CA ASP H 454 -11.30 -9.96 -42.51
C ASP H 454 -11.55 -11.45 -42.32
N PRO H 455 -10.62 -12.33 -42.69
CA PRO H 455 -10.89 -13.77 -42.60
C PRO H 455 -11.23 -14.25 -41.19
N ILE H 456 -10.53 -13.73 -40.18
CA ILE H 456 -10.69 -14.27 -38.82
C ILE H 456 -12.11 -14.05 -38.32
N LEU H 457 -12.62 -12.82 -38.46
CA LEU H 457 -13.96 -12.53 -37.97
C LEU H 457 -15.03 -13.26 -38.78
N THR H 458 -14.83 -13.37 -40.09
CA THR H 458 -15.79 -14.12 -40.91
C THR H 458 -15.86 -15.57 -40.48
N THR H 459 -14.72 -16.20 -40.26
CA THR H 459 -14.71 -17.59 -39.79
C THR H 459 -15.33 -17.71 -38.41
N ILE H 460 -15.05 -16.77 -37.50
CA ILE H 460 -15.61 -16.84 -36.16
C ILE H 460 -17.13 -16.74 -36.22
N ARG H 461 -17.65 -15.81 -37.03
CA ARG H 461 -19.09 -15.69 -37.18
C ARG H 461 -19.68 -16.95 -37.81
N ARG H 462 -18.99 -17.52 -38.80
CA ARG H 462 -19.50 -18.70 -39.48
C ARG H 462 -19.59 -19.90 -38.53
N ILE H 463 -18.55 -20.12 -37.70
CA ILE H 463 -18.55 -21.29 -36.82
C ILE H 463 -19.36 -21.08 -35.55
N GLY H 464 -19.75 -19.85 -35.25
CA GLY H 464 -20.63 -19.59 -34.13
C GLY H 464 -19.97 -19.57 -32.76
N LEU H 465 -19.03 -18.66 -32.57
CA LEU H 465 -18.40 -18.42 -31.27
C LEU H 465 -18.63 -16.97 -30.90
N PHE H 466 -19.55 -16.73 -29.96
CA PHE H 466 -19.93 -15.38 -29.56
C PHE H 466 -19.70 -15.12 -28.08
N ASN H 467 -18.86 -15.93 -27.44
CA ASN H 467 -18.52 -15.76 -26.02
C ASN H 467 -19.77 -15.79 -25.14
N SER H 468 -20.74 -16.61 -25.53
CA SER H 468 -21.97 -16.71 -24.75
C SER H 468 -21.72 -17.45 -23.44
N SER H 469 -22.66 -17.31 -22.51
CA SER H 469 -22.53 -17.95 -21.21
C SER H 469 -22.57 -19.48 -21.33
N ALA H 470 -23.44 -19.99 -22.20
CA ALA H 470 -23.56 -21.44 -22.37
C ALA H 470 -22.38 -22.05 -23.10
N ASP H 471 -21.52 -21.25 -23.71
CA ASP H 471 -20.38 -21.78 -24.45
C ASP H 471 -19.26 -22.20 -23.49
N ARG H 472 -18.29 -22.93 -24.03
CA ARG H 472 -17.13 -23.34 -23.26
C ARG H 472 -15.81 -22.94 -23.90
N VAL H 473 -15.84 -22.20 -25.00
CA VAL H 473 -14.65 -21.70 -25.66
C VAL H 473 -14.80 -20.20 -25.88
N LYS H 474 -13.83 -19.42 -25.41
CA LYS H 474 -13.82 -17.98 -25.58
C LYS H 474 -12.71 -17.59 -26.55
N VAL H 475 -12.97 -16.58 -27.37
CA VAL H 475 -12.04 -16.12 -28.40
C VAL H 475 -11.71 -14.66 -28.14
N ILE H 476 -10.42 -14.34 -28.06
CA ILE H 476 -9.95 -12.97 -27.88
C ILE H 476 -8.93 -12.68 -28.97
N PHE H 477 -9.21 -11.65 -29.77
CA PHE H 477 -8.37 -11.25 -30.90
C PHE H 477 -7.71 -9.92 -30.58
N HIS H 478 -6.38 -9.90 -30.62
CA HIS H 478 -5.59 -8.72 -30.24
C HIS H 478 -4.61 -8.40 -31.35
N PRO H 479 -5.04 -7.70 -32.40
CA PRO H 479 -4.17 -7.45 -33.56
C PRO H 479 -3.14 -6.36 -33.33
N GLU H 480 -2.23 -6.62 -32.39
CA GLU H 480 -1.16 -5.68 -32.09
C GLU H 480 -0.10 -6.40 -31.27
N PHE H 481 1.16 -6.10 -31.55
CA PHE H 481 2.26 -6.66 -30.77
C PHE H 481 2.12 -6.25 -29.31
N LEU H 482 2.24 -7.22 -28.41
CA LEU H 482 2.09 -6.95 -26.99
C LEU H 482 3.29 -6.18 -26.46
N SER H 483 3.02 -5.10 -25.75
CA SER H 483 4.08 -4.25 -25.20
C SER H 483 3.65 -3.71 -23.86
N SER H 484 4.64 -3.35 -23.04
CA SER H 484 4.36 -2.79 -21.72
C SER H 484 3.79 -1.38 -21.79
N THR H 485 3.87 -0.71 -22.94
CA THR H 485 3.29 0.61 -23.09
C THR H 485 1.80 0.57 -23.42
N SER H 486 1.25 -0.58 -23.74
CA SER H 486 -0.16 -0.68 -24.06
C SER H 486 -1.00 -0.40 -22.81
N PRO H 487 -2.13 0.29 -22.96
CA PRO H 487 -3.00 0.51 -21.78
C PRO H 487 -3.56 -0.78 -21.21
N LEU H 488 -4.20 -1.60 -22.04
CA LEU H 488 -4.65 -2.92 -21.64
C LEU H 488 -3.57 -3.95 -21.97
N LEU H 489 -3.58 -5.05 -21.20
CA LEU H 489 -2.55 -6.09 -21.32
C LEU H 489 -1.17 -5.49 -21.15
N PRO H 490 -0.80 -5.02 -19.95
CA PRO H 490 0.50 -4.38 -19.73
C PRO H 490 1.67 -5.36 -19.63
N VAL H 491 1.73 -6.30 -20.58
CA VAL H 491 2.81 -7.28 -20.64
C VAL H 491 3.31 -7.36 -22.07
N ASP H 492 4.56 -7.76 -22.21
CA ASP H 492 5.18 -7.92 -23.51
C ASP H 492 4.84 -9.31 -24.07
N TYR H 493 5.50 -9.69 -25.17
CA TYR H 493 5.20 -10.98 -25.78
C TYR H 493 5.72 -12.14 -24.93
N GLU H 494 6.90 -11.98 -24.34
CA GLU H 494 7.52 -13.08 -23.60
C GLU H 494 6.71 -13.46 -22.38
N GLU H 495 6.27 -12.47 -21.60
CA GLU H 495 5.51 -12.77 -20.39
C GLU H 495 4.15 -13.38 -20.72
N PHE H 496 3.50 -12.87 -21.78
CA PHE H 496 2.22 -13.45 -22.19
C PHE H 496 2.39 -14.89 -22.64
N VAL H 497 3.46 -15.18 -23.38
CA VAL H 497 3.72 -16.56 -23.78
C VAL H 497 3.97 -17.44 -22.56
N ARG H 498 4.75 -16.95 -21.61
CA ARG H 498 5.02 -17.70 -20.39
C ARG H 498 3.76 -17.92 -19.56
N GLY H 499 2.76 -17.04 -19.70
CA GLY H 499 1.56 -17.18 -18.89
C GLY H 499 0.55 -18.18 -19.41
N CYS H 500 0.57 -18.48 -20.71
CA CYS H 500 -0.42 -19.38 -21.28
C CYS H 500 -0.15 -20.81 -20.83
N HIS H 501 -1.04 -21.72 -21.24
CA HIS H 501 -0.94 -23.12 -20.86
C HIS H 501 -0.51 -24.03 -21.99
N LEU H 502 -0.84 -23.69 -23.24
CA LEU H 502 -0.48 -24.54 -24.38
C LEU H 502 -0.56 -23.71 -25.65
N GLY H 503 0.54 -23.63 -26.38
CA GLY H 503 0.56 -22.90 -27.64
C GLY H 503 0.29 -23.82 -28.80
N VAL H 504 -0.67 -23.45 -29.63
CA VAL H 504 -1.09 -24.25 -30.77
C VAL H 504 -0.54 -23.61 -32.03
N PHE H 505 0.35 -24.33 -32.72
CA PHE H 505 1.01 -23.84 -33.93
C PHE H 505 0.87 -24.87 -35.03
N PRO H 506 -0.32 -24.99 -35.62
CA PRO H 506 -0.50 -25.94 -36.75
C PRO H 506 -0.02 -25.34 -38.06
N SER H 507 1.30 -25.18 -38.17
CA SER H 507 1.89 -24.56 -39.34
C SER H 507 1.70 -25.44 -40.57
N TYR H 508 1.54 -24.79 -41.72
CA TYR H 508 1.39 -25.49 -43.00
C TYR H 508 2.62 -25.32 -43.90
N TYR H 509 3.05 -24.09 -44.15
CA TYR H 509 4.25 -23.81 -44.92
C TYR H 509 5.17 -22.97 -44.04
N GLU H 510 5.98 -23.64 -43.23
CA GLU H 510 6.90 -22.98 -42.31
C GLU H 510 8.27 -23.62 -42.46
N PRO H 511 9.26 -22.88 -42.97
CA PRO H 511 10.58 -23.48 -43.20
C PRO H 511 11.21 -24.07 -41.96
N TRP H 512 11.45 -23.25 -40.93
CA TRP H 512 12.02 -23.75 -39.68
C TRP H 512 11.06 -23.58 -38.51
N GLY H 513 10.59 -22.37 -38.25
CA GLY H 513 9.71 -22.14 -37.13
C GLY H 513 10.45 -21.68 -35.88
N TYR H 514 10.33 -20.39 -35.55
CA TYR H 514 10.99 -19.83 -34.39
C TYR H 514 10.08 -19.77 -33.16
N THR H 515 8.79 -19.44 -33.36
CA THR H 515 7.88 -19.34 -32.23
C THR H 515 7.71 -20.65 -31.46
N PRO H 516 7.51 -21.82 -32.09
CA PRO H 516 7.42 -23.04 -31.27
C PRO H 516 8.70 -23.34 -30.53
N ALA H 517 9.86 -23.04 -31.13
CA ALA H 517 11.13 -23.21 -30.44
C ALA H 517 11.21 -22.29 -29.22
N GLU H 518 10.78 -21.04 -29.38
CA GLU H 518 10.77 -20.11 -28.25
C GLU H 518 9.86 -20.60 -27.14
N CYS H 519 8.68 -21.12 -27.51
CA CYS H 519 7.76 -21.66 -26.50
C CYS H 519 8.38 -22.85 -25.78
N THR H 520 9.04 -23.73 -26.53
CA THR H 520 9.69 -24.89 -25.92
C THR H 520 10.79 -24.47 -24.95
N VAL H 521 11.57 -23.45 -25.34
CA VAL H 521 12.60 -22.93 -24.44
C VAL H 521 11.97 -22.34 -23.19
N MET H 522 10.86 -21.62 -23.35
CA MET H 522 10.19 -21.02 -22.20
C MET H 522 9.66 -22.07 -21.23
N GLY H 523 9.36 -23.26 -21.73
CA GLY H 523 8.93 -24.35 -20.85
C GLY H 523 7.43 -24.58 -20.87
N ILE H 524 6.82 -24.56 -22.05
CA ILE H 524 5.40 -24.83 -22.17
C ILE H 524 5.17 -25.86 -23.28
N PRO H 525 4.12 -26.67 -23.20
CA PRO H 525 3.83 -27.61 -24.29
C PRO H 525 3.40 -26.86 -25.55
N SER H 526 3.55 -27.54 -26.68
CA SER H 526 3.22 -26.94 -27.96
C SER H 526 2.66 -28.00 -28.89
N ILE H 527 1.93 -27.55 -29.90
CA ILE H 527 1.38 -28.41 -30.94
C ILE H 527 1.93 -27.94 -32.28
N SER H 528 2.59 -28.85 -33.00
CA SER H 528 3.22 -28.52 -34.27
C SER H 528 2.92 -29.63 -35.26
N THR H 529 3.41 -29.46 -36.48
CA THR H 529 3.21 -30.43 -37.55
C THR H 529 4.54 -30.82 -38.16
N ASN H 530 4.57 -32.01 -38.75
CA ASN H 530 5.77 -32.46 -39.44
C ASN H 530 6.09 -31.59 -40.66
N LEU H 531 5.11 -30.85 -41.17
CA LEU H 531 5.36 -29.92 -42.27
C LEU H 531 6.32 -28.83 -41.82
N SER H 532 6.16 -28.32 -40.61
CA SER H 532 7.06 -27.31 -40.08
C SER H 532 8.45 -27.91 -39.84
N GLY H 533 9.46 -27.07 -39.96
CA GLY H 533 10.82 -27.53 -39.74
C GLY H 533 11.05 -28.01 -38.31
N PHE H 534 10.51 -27.28 -37.34
CA PHE H 534 10.69 -27.68 -35.94
C PHE H 534 10.03 -29.02 -35.66
N GLY H 535 8.82 -29.24 -36.17
CA GLY H 535 8.17 -30.51 -35.96
C GLY H 535 8.91 -31.68 -36.58
N CYS H 536 9.39 -31.50 -37.80
CA CYS H 536 10.17 -32.56 -38.45
C CYS H 536 11.47 -32.82 -37.70
N PHE H 537 12.13 -31.76 -37.24
CA PHE H 537 13.38 -31.93 -36.49
C PHE H 537 13.14 -32.67 -35.19
N MET H 538 12.06 -32.33 -34.48
CA MET H 538 11.78 -33.00 -33.21
C MET H 538 11.35 -34.45 -33.41
N GLU H 539 10.60 -34.71 -34.49
CA GLU H 539 10.07 -36.05 -34.73
C GLU H 539 11.17 -37.07 -35.02
N GLU H 540 12.35 -36.62 -35.46
CA GLU H 540 13.42 -37.53 -35.87
C GLU H 540 14.56 -37.58 -34.87
N HIS H 541 14.39 -37.02 -33.68
CA HIS H 541 15.45 -37.03 -32.68
C HIS H 541 14.99 -37.62 -31.35
N ILE H 542 13.70 -37.50 -31.05
CA ILE H 542 13.14 -38.02 -29.81
C ILE H 542 12.00 -38.99 -30.16
N ALA H 543 12.09 -40.21 -29.64
CA ALA H 543 11.05 -41.19 -29.87
C ALA H 543 9.82 -40.90 -29.01
N ASP H 544 8.65 -41.21 -29.57
CA ASP H 544 7.36 -40.99 -28.92
C ASP H 544 7.23 -39.54 -28.47
N PRO H 545 7.08 -38.59 -29.40
CA PRO H 545 6.96 -37.17 -29.02
C PRO H 545 5.54 -36.81 -28.59
N SER H 546 5.05 -37.48 -27.54
CA SER H 546 3.75 -37.17 -26.99
C SER H 546 3.85 -37.00 -25.48
N ALA H 547 4.78 -37.73 -24.86
CA ALA H 547 4.97 -37.62 -23.42
C ALA H 547 5.72 -36.36 -23.02
N TYR H 548 6.40 -35.72 -23.96
CA TYR H 548 7.14 -34.49 -23.69
C TYR H 548 6.34 -33.24 -24.01
N GLY H 549 5.10 -33.39 -24.47
CA GLY H 549 4.22 -32.26 -24.71
C GLY H 549 4.29 -31.65 -26.08
N ILE H 550 5.17 -32.12 -26.95
CA ILE H 550 5.27 -31.58 -28.31
C ILE H 550 4.34 -32.43 -29.18
N TYR H 551 3.07 -32.07 -29.16
CA TYR H 551 2.06 -32.83 -29.90
C TYR H 551 2.25 -32.60 -31.39
N ILE H 552 2.64 -33.64 -32.11
CA ILE H 552 2.89 -33.56 -33.55
C ILE H 552 1.63 -33.96 -34.29
N LEU H 553 1.40 -33.34 -35.44
CA LEU H 553 0.29 -33.65 -36.31
C LEU H 553 0.82 -34.31 -37.58
N ASP H 554 -0.09 -34.56 -38.52
CA ASP H 554 0.27 -35.11 -39.82
C ASP H 554 -0.61 -34.42 -40.87
N ARG H 555 -0.10 -33.33 -41.44
CA ARG H 555 -0.77 -32.62 -42.51
C ARG H 555 -0.18 -32.94 -43.87
N ARG H 556 0.73 -33.91 -43.94
CA ARG H 556 1.36 -34.29 -45.20
C ARG H 556 0.66 -35.47 -45.86
N PHE H 557 0.31 -36.50 -45.09
CA PHE H 557 -0.31 -37.71 -45.63
C PHE H 557 -1.78 -37.82 -45.26
N ARG H 558 -2.38 -36.77 -44.69
CA ARG H 558 -3.76 -36.80 -44.27
C ARG H 558 -4.50 -35.60 -44.83
N SER H 559 -5.82 -35.76 -44.98
CA SER H 559 -6.66 -34.69 -45.47
C SER H 559 -6.91 -33.65 -44.38
N LEU H 560 -7.59 -32.57 -44.76
CA LEU H 560 -7.86 -31.50 -43.81
C LEU H 560 -8.77 -31.97 -42.67
N ASP H 561 -9.78 -32.78 -42.99
CA ASP H 561 -10.68 -33.26 -41.96
C ASP H 561 -9.97 -34.16 -40.96
N ASP H 562 -9.10 -35.04 -41.44
CA ASP H 562 -8.33 -35.88 -40.53
C ASP H 562 -7.44 -35.04 -39.63
N SER H 563 -6.78 -34.03 -40.18
CA SER H 563 -5.91 -33.19 -39.39
C SER H 563 -6.69 -32.42 -38.33
N CYS H 564 -7.85 -31.87 -38.69
CA CYS H 564 -8.62 -31.11 -37.72
C CYS H 564 -9.20 -32.02 -36.65
N SER H 565 -9.61 -33.23 -37.02
CA SER H 565 -10.11 -34.18 -36.02
C SER H 565 -9.00 -34.58 -35.06
N GLN H 566 -7.78 -34.81 -35.57
CA GLN H 566 -6.66 -35.14 -34.70
C GLN H 566 -6.32 -33.97 -33.78
N LEU H 567 -6.39 -32.75 -34.30
CA LEU H 567 -6.14 -31.58 -33.47
C LEU H 567 -7.18 -31.46 -32.36
N THR H 568 -8.46 -31.72 -32.70
CA THR H 568 -9.50 -31.68 -31.68
C THR H 568 -9.28 -32.75 -30.63
N SER H 569 -8.86 -33.94 -31.05
CA SER H 569 -8.55 -35.00 -30.10
C SER H 569 -7.41 -34.61 -29.19
N PHE H 570 -6.37 -33.98 -29.74
CA PHE H 570 -5.26 -33.52 -28.93
C PHE H 570 -5.69 -32.45 -27.93
N LEU H 571 -6.56 -31.54 -28.38
CA LEU H 571 -7.05 -30.49 -27.48
C LEU H 571 -7.86 -31.09 -26.34
N TYR H 572 -8.73 -32.05 -26.65
CA TYR H 572 -9.50 -32.71 -25.59
C TYR H 572 -8.58 -33.46 -24.64
N SER H 573 -7.56 -34.14 -25.18
CA SER H 573 -6.61 -34.85 -24.33
C SER H 573 -5.89 -33.89 -23.39
N PHE H 574 -5.50 -32.71 -23.90
CA PHE H 574 -4.88 -31.72 -23.03
C PHE H 574 -5.86 -31.25 -21.97
N CYS H 575 -7.12 -31.04 -22.35
CA CYS H 575 -8.12 -30.63 -21.37
C CYS H 575 -8.37 -31.70 -20.32
N GLN H 576 -8.06 -32.96 -20.62
CA GLN H 576 -8.37 -34.05 -19.71
C GLN H 576 -7.44 -34.13 -18.51
N GLN H 577 -6.18 -33.69 -18.64
CA GLN H 577 -5.24 -33.89 -17.54
C GLN H 577 -5.59 -33.00 -16.35
N SER H 578 -5.03 -33.35 -15.20
CA SER H 578 -5.18 -32.57 -13.99
C SER H 578 -4.03 -31.57 -13.88
N ARG H 579 -4.04 -30.79 -12.79
CA ARG H 579 -2.98 -29.80 -12.58
C ARG H 579 -1.62 -30.46 -12.41
N ARG H 580 -1.57 -31.56 -11.65
CA ARG H 580 -0.30 -32.24 -11.45
CA ARG H 580 -0.29 -32.24 -11.45
C ARG H 580 0.26 -32.78 -12.76
N GLN H 581 -0.60 -33.34 -13.61
CA GLN H 581 -0.15 -33.84 -14.91
C GLN H 581 0.37 -32.70 -15.78
N ARG H 582 -0.28 -31.55 -15.74
CA ARG H 582 0.20 -30.40 -16.50
C ARG H 582 1.56 -29.93 -15.98
N ILE H 583 1.75 -29.95 -14.67
CA ILE H 583 3.05 -29.59 -14.10
C ILE H 583 4.12 -30.55 -14.58
N ILE H 584 3.81 -31.85 -14.58
CA ILE H 584 4.75 -32.84 -15.10
C ILE H 584 5.10 -32.55 -16.54
N GLN H 585 4.08 -32.27 -17.36
CA GLN H 585 4.30 -32.04 -18.79
C GLN H 585 5.20 -30.83 -19.01
N ARG H 586 4.93 -29.73 -18.30
CA ARG H 586 5.75 -28.54 -18.46
C ARG H 586 7.18 -28.76 -17.96
N ASN H 587 7.33 -29.47 -16.83
CA ASN H 587 8.67 -29.75 -16.32
C ASN H 587 9.48 -30.58 -17.30
N ARG H 588 8.85 -31.59 -17.91
CA ARG H 588 9.56 -32.41 -18.90
CA ARG H 588 9.55 -32.41 -18.89
C ARG H 588 9.88 -31.62 -20.16
N THR H 589 8.95 -30.77 -20.60
CA THR H 589 9.20 -29.99 -21.80
C THR H 589 10.30 -28.95 -21.58
N GLU H 590 10.50 -28.52 -20.33
CA GLU H 590 11.57 -27.56 -20.04
C GLU H 590 12.93 -28.15 -20.35
N ARG H 591 13.14 -29.43 -20.05
CA ARG H 591 14.45 -30.05 -20.22
C ARG H 591 14.89 -30.14 -21.68
N LEU H 592 13.99 -29.93 -22.64
CA LEU H 592 14.34 -30.02 -24.05
C LEU H 592 14.97 -28.75 -24.61
N SER H 593 15.20 -27.75 -23.76
CA SER H 593 15.84 -26.52 -24.24
C SER H 593 17.28 -26.78 -24.68
N ASP H 594 17.95 -27.74 -24.04
CA ASP H 594 19.33 -28.03 -24.39
C ASP H 594 19.45 -28.56 -25.81
N LEU H 595 18.40 -29.18 -26.32
CA LEU H 595 18.44 -29.71 -27.69
C LEU H 595 18.54 -28.60 -28.71
N LEU H 596 17.84 -27.48 -28.49
CA LEU H 596 17.80 -26.38 -29.45
C LEU H 596 18.92 -25.39 -29.28
N ASP H 597 19.75 -25.52 -28.24
CA ASP H 597 20.83 -24.58 -28.01
C ASP H 597 21.92 -24.76 -29.07
N TRP H 598 22.68 -23.68 -29.31
CA TRP H 598 23.76 -23.72 -30.28
C TRP H 598 24.86 -24.69 -29.89
N LYS H 599 25.00 -24.98 -28.59
CA LYS H 599 26.02 -25.93 -28.16
C LYS H 599 25.85 -27.29 -28.81
N TYR H 600 24.62 -27.65 -29.16
CA TYR H 600 24.36 -28.90 -29.85
C TYR H 600 24.24 -28.74 -31.36
N LEU H 601 23.77 -27.59 -31.84
CA LEU H 601 23.60 -27.37 -33.27
C LEU H 601 24.89 -27.01 -33.99
N GLY H 602 25.96 -26.66 -33.26
CA GLY H 602 27.22 -26.36 -33.89
C GLY H 602 27.89 -27.55 -34.54
N ARG H 603 27.48 -28.77 -34.16
CA ARG H 603 28.09 -29.97 -34.72
C ARG H 603 27.80 -30.08 -36.21
N TYR H 604 26.59 -29.73 -36.63
CA TYR H 604 26.27 -29.81 -38.05
C TYR H 604 27.10 -28.81 -38.86
N TYR H 605 27.27 -27.59 -38.35
CA TYR H 605 28.12 -26.62 -39.03
C TYR H 605 29.56 -27.10 -39.10
N MET H 606 30.07 -27.70 -38.01
CA MET H 606 31.41 -28.23 -38.03
C MET H 606 31.55 -29.32 -39.10
N SER H 607 30.56 -30.22 -39.17
CA SER H 607 30.61 -31.27 -40.18
C SER H 607 30.58 -30.71 -41.59
N ALA H 608 29.71 -29.70 -41.82
CA ALA H 608 29.61 -29.12 -43.15
C ALA H 608 30.92 -28.44 -43.55
N ARG H 609 31.53 -27.71 -42.62
CA ARG H 609 32.79 -27.04 -42.90
C ARG H 609 33.90 -28.05 -43.17
N HIS H 610 33.95 -29.14 -42.40
CA HIS H 610 34.97 -30.15 -42.61
C HIS H 610 34.79 -30.85 -43.95
N MET H 611 33.55 -31.16 -44.33
CA MET H 611 33.30 -31.76 -45.63
C MET H 611 33.69 -30.82 -46.76
N ALA H 612 33.38 -29.52 -46.62
CA ALA H 612 33.78 -28.55 -47.62
C ALA H 612 35.29 -28.48 -47.75
N LEU H 613 36.00 -28.47 -46.62
CA LEU H 613 37.46 -28.42 -46.65
C LEU H 613 38.03 -29.66 -47.31
N SER H 614 37.47 -30.83 -47.01
CA SER H 614 37.94 -32.06 -47.64
C SER H 614 37.69 -32.04 -49.14
N LYS H 615 36.53 -31.55 -49.56
CA LYS H 615 36.22 -31.48 -50.99
C LYS H 615 37.14 -30.51 -51.71
N ALA H 616 37.45 -29.38 -51.08
CA ALA H 616 38.26 -28.36 -51.74
C ALA H 616 39.73 -28.78 -51.80
N PHE H 617 40.34 -28.98 -50.64
CA PHE H 617 41.76 -29.32 -50.58
C PHE H 617 42.04 -30.25 -49.40
N PRO H 618 42.53 -31.47 -49.64
CA PRO H 618 42.85 -32.42 -48.57
C PRO H 618 44.04 -31.98 -47.73
C1 G6P I . -9.15 19.73 14.52
C2 G6P I . -10.22 19.64 13.43
C3 G6P I . -10.65 18.27 13.20
C4 G6P I . -11.06 17.61 14.43
C5 G6P I . -9.96 17.67 15.48
C6 G6P I . -10.43 17.02 16.77
O1 G6P I . -8.00 19.10 14.05
O2 G6P I . -11.33 20.41 13.82
O3 G6P I . -11.75 18.29 12.32
O4 G6P I . -11.36 16.27 14.16
O5 G6P I . -9.57 19.06 15.75
O6 G6P I . -10.93 18.01 17.61
P G6P I . -10.10 18.35 18.98
O1P G6P I . -9.19 17.20 19.34
O2P G6P I . -9.29 19.60 18.77
O3P G6P I . -11.08 18.58 20.11
C1 G6P J . 14.83 -21.24 -3.60
C2 G6P J . 14.57 -20.80 -5.05
C3 G6P J . 14.79 -19.37 -5.23
C4 G6P J . 16.10 -18.95 -4.74
C5 G6P J . 16.30 -19.36 -3.28
C6 G6P J . 17.69 -18.94 -2.82
O1 G6P J . 13.85 -20.66 -2.79
O2 G6P J . 15.44 -21.50 -5.88
O3 G6P J . 14.71 -19.09 -6.60
O4 G6P J . 16.21 -17.57 -4.84
O5 G6P J . 16.14 -20.79 -3.12
O6 G6P J . 18.55 -20.03 -2.98
P G6P J . 19.14 -20.74 -1.61
O1P G6P J . 20.60 -21.09 -1.83
O2P G6P J . 18.35 -22.00 -1.34
O3P G6P J . 19.02 -19.80 -0.44
C1 G6P K . -8.23 24.82 0.64
C2 G6P K . -7.14 24.83 1.71
C3 G6P K . -5.91 24.18 1.25
C4 G6P K . -5.46 24.73 -0.03
C5 G6P K . -6.56 24.63 -1.08
C6 G6P K . -6.06 25.24 -2.39
O1 G6P K . -8.64 23.50 0.45
O2 G6P K . -6.86 26.16 2.03
O3 G6P K . -4.91 24.39 2.21
O4 G6P K . -4.35 23.99 -0.46
O5 G6P K . -7.75 25.35 -0.64
O6 G6P K . -6.46 26.58 -2.44
P G6P K . -7.59 27.01 -3.55
O1P G6P K . -7.67 25.97 -4.64
O2P G6P K . -8.95 27.11 -2.87
O3P G6P K . -7.23 28.34 -4.16
C1 G6P L . 2.53 -23.32 -11.55
C2 G6P L . 2.76 -23.68 -10.09
C3 G6P L . 1.75 -23.09 -9.20
C4 G6P L . 0.40 -23.39 -9.67
C5 G6P L . 0.19 -22.96 -11.11
C6 G6P L . -1.22 -23.32 -11.55
O1 G6P L . 2.75 -21.95 -11.71
O2 G6P L . 2.70 -25.07 -9.96
O3 G6P L . 1.92 -23.61 -7.92
O4 G6P L . -0.52 -22.71 -8.86
O5 G6P L . 1.17 -23.61 -11.98
O6 G6P L . -1.17 -24.56 -12.19
P G6P L . -1.47 -24.62 -13.82
O1P G6P L . -2.31 -25.82 -14.13
O2P G6P L . -0.15 -24.72 -14.55
O3P G6P L . -2.20 -23.38 -14.24
#